data_8P3L
#
_entry.id   8P3L
#
_cell.length_a   90.810
_cell.length_b   162.240
_cell.length_c   90.760
_cell.angle_alpha   90.00
_cell.angle_beta   119.74
_cell.angle_gamma   90.00
#
_symmetry.space_group_name_H-M   'P 1 21 1'
#
loop_
_entity.id
_entity.type
_entity.pdbx_description
1 polymer 'Twin-arginine translocation signal domain-containing protein'
2 non-polymer 'COPPER (II) ION'
3 non-polymer 'SULFATE ION'
4 water water
#
_entity_poly.entity_id   1
_entity_poly.type   'polypeptide(L)'
_entity_poly.pdbx_seq_one_letter_code
;MSYYHHHHHHDYDIPTTENLYFQGAMGKYVKVQDFYDQLGKYVLVAPGKFSGTVAATDLSTGWTMAWLAAWNYGDTCPIM
HHMAAFPSPDPYKEFEFVVNTQGGKNLFIYGVPVAVEDPGEGMKIYRIKYDGTRMNLQRDAAEVSGLGLGVHVTITPEAD
GYAVGDGQKDICAEFDRETDMVRYAWAFDWDPNVKDLKRAWLDGGTMTIKRLKPTLPGGRYDLQGSKGNKIDWELVPGGE
LAIEDGKVSGDRPLHSVANDALVFDPRGKWAVASMRLPGVCVVFDRENQVPVAVLAGPKGTPSQFQLVKVDDDTWTVDIP
EVISAGHQAGFSPDGQSFLFMNSLRQNNIMVWDSSNHDDPTTWEKKAVVESPDWRGAYPNTFHMVFTPDAKKIYVTMWWP
SPTPNGIAVIDAVNWEVLKEVDLGPDMHTLAITYDGKFVVGTLSGYQNTASAIVVMETETDEVLGFLPSPMGHHDNVIVP
RTLEDLRISRSTTT
;
_entity_poly.pdbx_strand_id   A,D,G,J
#
loop_
_chem_comp.id
_chem_comp.type
_chem_comp.name
_chem_comp.formula
CU non-polymer 'COPPER (II) ION' 'Cu 2'
SO4 non-polymer 'SULFATE ION' 'O4 S -2'
#
# COMPACT_ATOMS: atom_id res chain seq x y z
N LYS A 28 35.70 -41.57 24.35
CA LYS A 28 35.60 -40.85 25.67
C LYS A 28 34.68 -39.63 25.54
N TYR A 29 34.67 -39.02 24.37
CA TYR A 29 33.82 -37.85 24.22
C TYR A 29 32.64 -38.14 23.29
N VAL A 30 31.46 -37.56 23.62
CA VAL A 30 30.29 -37.70 22.76
C VAL A 30 30.26 -36.62 21.68
N LYS A 31 30.18 -37.09 20.43
CA LYS A 31 30.07 -36.31 19.22
C LYS A 31 28.59 -36.17 18.87
N VAL A 32 28.16 -34.94 18.59
CA VAL A 32 26.74 -34.73 18.35
C VAL A 32 26.41 -35.29 16.97
N GLN A 33 27.43 -35.47 16.14
CA GLN A 33 27.24 -35.98 14.79
C GLN A 33 26.66 -37.39 14.79
N ASP A 34 26.99 -38.20 15.81
CA ASP A 34 26.29 -39.45 16.08
C ASP A 34 24.75 -39.22 16.17
N PHE A 35 24.36 -38.22 17.02
CA PHE A 35 22.93 -37.82 17.07
C PHE A 35 22.43 -37.50 15.66
N TYR A 36 23.01 -36.51 15.00
CA TYR A 36 22.43 -36.13 13.76
C TYR A 36 22.42 -37.29 12.75
N ASP A 37 23.31 -38.30 12.89
CA ASP A 37 23.47 -39.31 11.83
C ASP A 37 22.23 -40.14 11.73
N GLN A 38 21.43 -40.13 12.79
CA GLN A 38 20.26 -41.00 12.78
C GLN A 38 19.02 -40.38 12.13
N LEU A 39 18.94 -39.03 11.99
CA LEU A 39 17.73 -38.25 11.62
C LEU A 39 17.43 -38.31 10.13
N GLY A 40 18.53 -38.49 9.39
CA GLY A 40 18.55 -38.66 7.96
C GLY A 40 18.73 -37.26 7.38
N LYS A 41 18.69 -37.15 6.05
CA LYS A 41 18.98 -35.97 5.25
C LYS A 41 17.69 -35.13 5.10
N TYR A 42 17.30 -34.40 6.15
CA TYR A 42 16.14 -33.53 5.97
C TYR A 42 16.51 -32.08 6.31
N VAL A 43 15.94 -31.18 5.55
CA VAL A 43 16.11 -29.77 5.86
C VAL A 43 14.95 -29.21 6.68
N LEU A 44 15.28 -28.62 7.84
CA LEU A 44 14.26 -27.97 8.66
C LEU A 44 14.12 -26.50 8.28
N VAL A 45 12.90 -26.05 7.99
CA VAL A 45 12.89 -24.62 7.74
C VAL A 45 11.88 -24.00 8.72
N ALA A 46 12.07 -22.74 9.21
CA ALA A 46 11.27 -22.12 10.25
C ALA A 46 11.35 -20.61 10.15
N PRO A 47 10.24 -19.86 10.35
CA PRO A 47 10.31 -18.40 10.50
C PRO A 47 10.52 -18.13 12.00
N GLY A 48 10.92 -16.91 12.35
CA GLY A 48 11.05 -16.64 13.76
C GLY A 48 10.26 -15.50 14.40
N LYS A 49 9.10 -15.10 13.83
CA LYS A 49 8.23 -14.26 14.60
C LYS A 49 8.82 -12.87 14.81
N PHE A 50 8.89 -12.44 16.05
CA PHE A 50 9.50 -11.15 16.41
C PHE A 50 11.03 -11.22 16.17
N SER A 51 11.56 -12.38 15.88
CA SER A 51 12.99 -12.45 15.57
C SER A 51 13.32 -11.62 14.31
N GLY A 52 12.34 -11.45 13.39
CA GLY A 52 12.56 -10.88 12.05
C GLY A 52 13.18 -11.84 11.02
N THR A 53 13.43 -13.11 11.39
CA THR A 53 14.33 -13.89 10.53
C THR A 53 13.68 -15.19 10.10
N VAL A 54 14.19 -15.77 9.00
CA VAL A 54 13.83 -17.16 8.70
C VAL A 54 15.08 -18.04 8.58
N ALA A 55 15.07 -19.28 9.11
CA ALA A 55 16.34 -20.06 9.16
C ALA A 55 16.13 -21.37 8.40
N ALA A 56 17.12 -22.04 7.74
CA ALA A 56 16.96 -23.40 7.24
C ALA A 56 18.08 -24.22 7.85
N THR A 57 17.76 -25.44 8.29
CA THR A 57 18.69 -26.14 9.15
C THR A 57 18.95 -27.57 8.68
N ASP A 58 20.27 -27.95 8.62
CA ASP A 58 20.53 -29.29 8.11
C ASP A 58 20.53 -30.29 9.27
N LEU A 59 19.44 -31.05 9.34
CA LEU A 59 19.34 -31.97 10.46
C LEU A 59 20.42 -33.08 10.39
N SER A 60 20.91 -33.40 9.18
CA SER A 60 22.07 -34.28 9.07
C SER A 60 23.37 -33.73 9.67
N THR A 61 23.63 -32.40 9.71
CA THR A 61 24.92 -31.95 10.26
C THR A 61 24.83 -30.96 11.48
N GLY A 62 23.73 -30.27 11.78
CA GLY A 62 23.68 -29.39 12.96
C GLY A 62 23.87 -27.92 12.52
N TRP A 63 24.13 -27.77 11.27
CA TRP A 63 24.50 -26.43 10.79
C TRP A 63 23.16 -25.75 10.46
N THR A 64 23.16 -24.40 10.38
CA THR A 64 22.12 -23.71 9.67
C THR A 64 22.58 -23.54 8.23
N MET A 65 21.74 -23.95 7.29
CA MET A 65 22.22 -23.91 5.93
C MET A 65 22.35 -22.44 5.48
N ALA A 66 21.31 -21.66 5.80
CA ALA A 66 21.21 -20.27 5.41
C ALA A 66 20.10 -19.63 6.27
N TRP A 67 20.27 -18.34 6.52
CA TRP A 67 19.25 -17.55 7.13
C TRP A 67 19.11 -16.20 6.42
N LEU A 68 17.89 -15.65 6.50
CA LEU A 68 17.46 -14.34 5.93
C LEU A 68 16.75 -13.44 6.97
N ALA A 69 17.21 -12.17 7.04
CA ALA A 69 16.70 -11.14 7.95
C ALA A 69 15.91 -10.08 7.16
N ALA A 70 14.57 -10.11 7.35
CA ALA A 70 13.74 -9.33 6.47
C ALA A 70 14.09 -7.85 6.51
N TRP A 71 14.46 -7.34 7.68
CA TRP A 71 14.79 -5.89 7.76
C TRP A 71 15.79 -5.41 6.70
N ASN A 72 16.75 -6.29 6.28
CA ASN A 72 17.63 -6.11 5.16
C ASN A 72 16.94 -5.60 3.87
N TYR A 73 15.64 -5.91 3.64
CA TYR A 73 14.80 -5.67 2.48
C TYR A 73 13.70 -4.65 2.79
N GLY A 74 13.91 -3.84 3.83
CA GLY A 74 13.19 -2.59 4.06
C GLY A 74 11.87 -2.86 4.75
N ASP A 75 11.69 -4.11 5.19
CA ASP A 75 10.59 -4.58 6.01
C ASP A 75 10.66 -3.91 7.38
N THR A 76 9.63 -3.12 7.68
CA THR A 76 9.76 -2.43 8.95
C THR A 76 8.85 -2.98 10.03
N CYS A 77 8.24 -4.16 9.79
CA CYS A 77 7.61 -4.95 10.83
C CYS A 77 7.60 -6.45 10.46
N PRO A 78 8.81 -7.11 10.51
CA PRO A 78 9.07 -8.42 9.90
C PRO A 78 8.70 -9.49 10.94
N ILE A 79 7.39 -9.53 11.22
CA ILE A 79 6.86 -10.59 12.08
C ILE A 79 6.71 -11.83 11.22
N MET A 80 7.69 -12.76 11.29
CA MET A 80 7.75 -13.70 10.18
C MET A 80 6.90 -14.88 10.63
N HIS A 81 5.80 -15.09 9.93
CA HIS A 81 4.72 -15.86 10.51
C HIS A 81 4.65 -17.35 10.11
N HIS A 82 3.79 -17.64 9.11
CA HIS A 82 3.49 -18.97 8.64
C HIS A 82 4.45 -19.14 7.46
N MET A 83 4.71 -20.40 7.17
CA MET A 83 5.36 -20.68 5.90
C MET A 83 5.10 -22.07 5.38
N ALA A 84 5.40 -22.16 4.09
CA ALA A 84 5.28 -23.51 3.55
C ALA A 84 6.33 -23.68 2.44
N ALA A 85 6.76 -24.96 2.23
CA ALA A 85 7.83 -25.29 1.27
C ALA A 85 7.41 -26.27 0.21
N PHE A 86 7.55 -25.80 -1.00
CA PHE A 86 7.53 -26.59 -2.23
C PHE A 86 8.41 -27.87 -2.25
N PRO A 87 7.90 -29.04 -2.82
CA PRO A 87 8.66 -30.29 -2.97
C PRO A 87 9.83 -29.94 -3.89
N SER A 88 10.96 -30.52 -3.56
CA SER A 88 12.19 -30.31 -4.31
C SER A 88 12.85 -31.67 -4.45
N PRO A 89 13.33 -32.05 -5.67
CA PRO A 89 13.99 -33.35 -5.84
C PRO A 89 15.23 -33.41 -4.95
N ASP A 90 15.97 -32.29 -4.83
CA ASP A 90 17.08 -32.23 -3.89
C ASP A 90 17.13 -30.94 -3.07
N PRO A 91 16.68 -30.91 -1.80
CA PRO A 91 16.62 -29.69 -1.01
C PRO A 91 17.95 -28.99 -0.78
N TYR A 92 19.03 -29.79 -0.60
CA TYR A 92 20.39 -29.30 -0.48
C TYR A 92 20.75 -28.43 -1.68
N LYS A 93 20.34 -28.86 -2.85
CA LYS A 93 20.69 -28.15 -4.05
C LYS A 93 19.80 -26.90 -4.21
N GLU A 94 18.48 -27.06 -4.14
CA GLU A 94 17.67 -25.85 -4.10
C GLU A 94 16.26 -26.15 -3.69
N PHE A 95 15.67 -25.16 -2.98
CA PHE A 95 14.25 -25.26 -2.80
C PHE A 95 13.57 -23.87 -2.66
N GLU A 96 12.25 -23.90 -2.79
CA GLU A 96 11.45 -22.67 -2.71
C GLU A 96 10.47 -22.74 -1.54
N PHE A 97 10.32 -21.59 -0.84
CA PHE A 97 9.25 -21.36 0.13
C PHE A 97 8.49 -20.01 0.05
N VAL A 98 7.29 -20.09 0.66
CA VAL A 98 6.37 -18.98 0.99
C VAL A 98 6.41 -18.75 2.50
N VAL A 99 6.68 -17.53 2.90
CA VAL A 99 6.54 -17.11 4.30
C VAL A 99 5.95 -15.70 4.35
N ASN A 100 4.99 -15.52 5.28
CA ASN A 100 4.16 -14.31 5.26
C ASN A 100 4.40 -13.62 6.59
N THR A 101 4.25 -12.27 6.55
CA THR A 101 4.38 -11.43 7.72
C THR A 101 3.04 -10.91 8.28
N GLN A 102 3.16 -10.60 9.54
CA GLN A 102 2.11 -9.74 10.12
C GLN A 102 2.71 -8.43 10.63
N GLY A 103 1.76 -7.48 10.91
CA GLY A 103 2.07 -6.11 11.30
C GLY A 103 0.98 -5.38 12.11
N GLY A 104 1.06 -4.05 12.09
CA GLY A 104 0.21 -3.24 12.91
C GLY A 104 0.30 -3.64 14.38
N LYS A 105 -0.88 -3.77 14.96
CA LYS A 105 -0.91 -3.81 16.41
C LYS A 105 -0.53 -5.25 16.85
N ASN A 106 -0.34 -6.16 15.90
CA ASN A 106 0.25 -7.49 16.16
C ASN A 106 1.60 -7.30 16.83
N LEU A 107 2.24 -6.12 16.70
CA LEU A 107 3.52 -5.80 17.32
C LEU A 107 3.44 -5.80 18.86
N PHE A 108 2.26 -5.47 19.37
CA PHE A 108 2.06 -4.94 20.72
C PHE A 108 1.51 -6.06 21.56
N ILE A 109 1.49 -7.25 20.94
CA ILE A 109 0.66 -8.31 21.48
C ILE A 109 1.34 -9.14 22.57
N TYR A 110 2.68 -9.20 22.63
CA TYR A 110 3.36 -10.22 23.45
C TYR A 110 4.12 -9.53 24.60
N GLY A 111 4.89 -10.27 25.44
CA GLY A 111 5.62 -9.72 26.59
C GLY A 111 6.47 -8.49 26.29
N VAL A 112 6.86 -8.33 25.01
CA VAL A 112 8.02 -7.54 24.63
C VAL A 112 7.67 -6.06 24.59
N PRO A 113 8.43 -5.20 25.28
CA PRO A 113 8.07 -3.79 25.46
C PRO A 113 8.53 -3.09 24.17
N VAL A 114 8.03 -3.56 23.05
CA VAL A 114 8.40 -3.07 21.72
C VAL A 114 8.40 -1.53 21.77
N ALA A 115 9.34 -0.90 21.05
CA ALA A 115 9.42 0.56 20.90
C ALA A 115 9.71 0.96 19.45
N VAL A 116 8.64 1.03 18.63
CA VAL A 116 8.63 1.37 17.21
C VAL A 116 7.49 2.37 16.90
N GLU A 117 7.77 3.63 16.45
CA GLU A 117 6.80 4.71 16.25
C GLU A 117 5.88 4.41 15.07
N ASP A 118 6.42 3.81 14.00
CA ASP A 118 5.66 3.70 12.77
C ASP A 118 5.57 2.29 12.21
N PRO A 119 5.04 1.26 12.93
CA PRO A 119 5.16 -0.15 12.50
C PRO A 119 4.76 -0.18 11.05
N GLY A 120 5.36 -1.04 10.24
CA GLY A 120 4.58 -1.27 9.05
C GLY A 120 3.55 -2.35 9.26
N GLU A 121 2.66 -2.47 8.26
CA GLU A 121 1.34 -3.07 8.43
C GLU A 121 1.43 -4.58 8.36
N GLY A 122 2.58 -5.15 7.92
CA GLY A 122 2.69 -6.58 7.65
C GLY A 122 1.89 -7.01 6.42
N MET A 123 1.33 -8.23 6.45
CA MET A 123 0.42 -8.74 5.42
C MET A 123 1.17 -9.00 4.12
N LYS A 124 2.52 -9.15 4.22
CA LYS A 124 3.35 -9.48 3.06
C LYS A 124 3.37 -10.99 2.84
N ILE A 125 3.41 -11.38 1.57
CA ILE A 125 3.50 -12.83 1.35
C ILE A 125 4.83 -13.11 0.61
N TYR A 126 5.98 -13.09 1.28
CA TYR A 126 7.26 -13.31 0.56
C TYR A 126 7.50 -14.70 -0.06
N ARG A 127 8.00 -14.67 -1.30
CA ARG A 127 8.62 -15.77 -2.02
C ARG A 127 10.15 -15.74 -1.86
N ILE A 128 10.73 -16.84 -1.36
CA ILE A 128 12.19 -16.96 -1.15
C ILE A 128 12.65 -18.32 -1.67
N LYS A 129 13.94 -18.41 -2.11
CA LYS A 129 14.53 -19.46 -2.95
C LYS A 129 15.96 -19.73 -2.45
N TYR A 130 16.13 -20.89 -1.80
CA TYR A 130 17.41 -21.41 -1.33
C TYR A 130 18.04 -22.04 -2.57
N ASP A 131 19.22 -21.52 -2.92
CA ASP A 131 19.88 -21.90 -4.17
C ASP A 131 21.07 -22.87 -3.93
N GLY A 132 21.10 -23.50 -2.74
CA GLY A 132 22.10 -24.45 -2.28
C GLY A 132 23.22 -23.80 -1.52
N THR A 133 23.18 -22.47 -1.40
CA THR A 133 24.13 -21.73 -0.56
C THR A 133 23.45 -20.68 0.32
N ARG A 134 22.60 -19.82 -0.28
CA ARG A 134 21.96 -18.72 0.44
C ARG A 134 20.46 -18.70 0.09
N MET A 135 19.67 -18.01 0.92
CA MET A 135 18.32 -17.64 0.55
C MET A 135 18.36 -16.34 -0.26
N ASN A 136 17.34 -16.14 -1.10
CA ASN A 136 17.33 -15.02 -2.03
C ASN A 136 15.87 -14.69 -2.06
N LEU A 137 15.59 -13.48 -1.57
CA LEU A 137 14.20 -13.00 -1.67
C LEU A 137 13.81 -12.83 -3.12
N GLN A 138 12.75 -13.47 -3.63
CA GLN A 138 12.40 -13.32 -5.03
C GLN A 138 11.30 -12.25 -5.24
N ARG A 139 10.35 -12.04 -4.28
CA ARG A 139 9.19 -11.19 -4.51
C ARG A 139 8.28 -11.16 -3.27
N ASP A 140 7.66 -10.00 -3.10
CA ASP A 140 6.43 -10.07 -2.36
C ASP A 140 5.22 -10.22 -3.30
N ALA A 141 4.55 -11.38 -3.24
CA ALA A 141 3.47 -11.87 -4.04
C ALA A 141 2.24 -10.98 -3.78
N ALA A 142 2.12 -10.43 -2.57
CA ALA A 142 0.95 -9.57 -2.30
C ALA A 142 1.07 -8.26 -3.07
N GLU A 143 2.28 -7.73 -3.20
CA GLU A 143 2.52 -6.73 -4.24
C GLU A 143 2.21 -7.30 -5.63
N VAL A 144 2.19 -8.63 -5.85
CA VAL A 144 1.95 -9.00 -7.23
C VAL A 144 0.41 -9.06 -7.47
N SER A 145 -0.21 -9.96 -6.74
CA SER A 145 -1.64 -10.22 -6.61
C SER A 145 -2.45 -9.00 -6.15
N GLY A 146 -1.83 -8.20 -5.28
CA GLY A 146 -2.37 -7.12 -4.42
C GLY A 146 -3.19 -7.61 -3.24
N LEU A 147 -3.25 -8.92 -3.05
CA LEU A 147 -3.85 -9.37 -1.83
C LEU A 147 -2.79 -9.80 -0.83
N GLY A 148 -2.85 -9.17 0.36
CA GLY A 148 -1.99 -9.41 1.52
C GLY A 148 -2.74 -10.11 2.67
N LEU A 149 -2.31 -11.33 3.05
CA LEU A 149 -2.97 -12.09 4.12
C LEU A 149 -1.88 -12.64 5.00
N GLY A 150 -2.12 -12.62 6.30
CA GLY A 150 -1.12 -12.78 7.36
C GLY A 150 -1.20 -14.04 8.25
N VAL A 151 -2.06 -15.02 7.98
CA VAL A 151 -2.19 -16.21 8.88
C VAL A 151 -1.82 -17.42 8.04
N HIS A 152 -2.21 -18.70 8.30
CA HIS A 152 -1.55 -19.83 7.64
C HIS A 152 -1.30 -19.79 6.12
N VAL A 153 -0.06 -20.22 5.71
CA VAL A 153 0.38 -20.59 4.36
C VAL A 153 0.18 -22.09 4.10
N THR A 154 -0.40 -22.47 2.97
CA THR A 154 -0.36 -23.90 2.72
C THR A 154 0.07 -24.12 1.27
N ILE A 155 0.55 -25.34 0.96
CA ILE A 155 1.02 -25.68 -0.37
C ILE A 155 -0.07 -26.54 -0.97
N THR A 156 -0.48 -26.24 -2.21
CA THR A 156 -1.35 -27.10 -2.96
C THR A 156 -0.83 -28.53 -3.03
N PRO A 157 -1.76 -29.51 -3.08
CA PRO A 157 -1.39 -30.92 -3.05
C PRO A 157 -0.64 -31.19 -4.35
N GLU A 158 -0.98 -30.43 -5.44
CA GLU A 158 -0.29 -30.59 -6.75
C GLU A 158 1.03 -29.81 -6.82
N ALA A 159 1.35 -28.97 -5.81
CA ALA A 159 2.57 -28.18 -5.63
C ALA A 159 2.73 -27.17 -6.79
N ASP A 160 1.59 -26.80 -7.38
CA ASP A 160 1.50 -25.78 -8.42
C ASP A 160 0.87 -24.54 -7.80
N GLY A 161 0.97 -24.39 -6.46
CA GLY A 161 0.28 -23.26 -5.85
C GLY A 161 0.22 -23.29 -4.32
N TYR A 162 -0.26 -22.20 -3.78
CA TYR A 162 -0.26 -22.00 -2.34
C TYR A 162 -1.54 -21.28 -1.91
N ALA A 163 -1.80 -21.30 -0.58
CA ALA A 163 -3.05 -20.67 -0.14
C ALA A 163 -2.68 -20.00 1.15
N VAL A 164 -3.37 -18.90 1.50
CA VAL A 164 -2.97 -18.14 2.67
C VAL A 164 -4.32 -17.80 3.32
N GLY A 165 -4.36 -17.83 4.65
CA GLY A 165 -5.61 -17.39 5.25
C GLY A 165 -5.36 -16.16 6.12
N ASP A 166 -6.43 -15.46 6.49
CA ASP A 166 -6.26 -14.35 7.40
C ASP A 166 -7.53 -14.10 8.20
N GLY A 167 -7.40 -13.93 9.54
CA GLY A 167 -8.46 -13.73 10.56
C GLY A 167 -8.61 -12.29 11.04
N GLN A 168 -7.99 -11.38 10.27
CA GLN A 168 -8.21 -9.95 10.43
C GLN A 168 -9.17 -9.46 9.36
N LYS A 169 -8.96 -9.87 8.08
CA LYS A 169 -9.63 -9.50 6.85
C LYS A 169 -10.63 -10.62 6.66
N ASP A 170 -10.36 -11.77 7.31
CA ASP A 170 -11.11 -13.01 7.07
C ASP A 170 -11.30 -13.26 5.58
N ILE A 171 -10.18 -13.23 4.82
CA ILE A 171 -10.06 -13.69 3.45
C ILE A 171 -9.13 -14.90 3.49
N CYS A 172 -9.43 -15.83 2.57
CA CYS A 172 -8.45 -16.85 2.19
C CYS A 172 -8.42 -17.00 0.67
N ALA A 173 -7.30 -17.48 0.10
CA ALA A 173 -7.19 -17.46 -1.32
C ALA A 173 -6.19 -18.52 -1.78
N GLU A 174 -6.45 -19.14 -2.92
CA GLU A 174 -5.36 -19.94 -3.46
C GLU A 174 -4.61 -19.08 -4.48
N PHE A 175 -3.27 -19.23 -4.58
CA PHE A 175 -2.47 -18.56 -5.61
C PHE A 175 -1.81 -19.52 -6.64
N ASP A 176 -1.55 -19.05 -7.88
CA ASP A 176 -0.59 -19.68 -8.80
C ASP A 176 0.79 -19.63 -8.18
N ARG A 177 1.59 -20.61 -8.53
CA ARG A 177 2.98 -20.62 -8.09
C ARG A 177 3.77 -19.74 -9.04
N GLU A 178 3.52 -19.93 -10.34
CA GLU A 178 4.25 -19.21 -11.36
C GLU A 178 3.96 -17.72 -11.35
N THR A 179 2.66 -17.31 -11.37
CA THR A 179 2.26 -15.92 -11.50
C THR A 179 2.14 -15.23 -10.12
N ASP A 180 1.90 -15.99 -9.05
CA ASP A 180 1.54 -15.48 -7.74
C ASP A 180 0.20 -14.71 -7.73
N MET A 181 -0.51 -14.87 -8.83
CA MET A 181 -1.80 -14.25 -9.02
C MET A 181 -2.84 -15.17 -8.37
N VAL A 182 -3.91 -14.53 -7.89
CA VAL A 182 -4.98 -15.25 -7.21
C VAL A 182 -5.78 -16.10 -8.19
N ARG A 183 -5.86 -17.40 -7.91
CA ARG A 183 -6.85 -18.25 -8.58
C ARG A 183 -8.33 -17.96 -8.19
N TYR A 184 -8.58 -17.82 -6.92
CA TYR A 184 -9.92 -17.56 -6.36
C TYR A 184 -9.71 -17.17 -4.92
N ALA A 185 -10.66 -16.42 -4.34
CA ALA A 185 -10.48 -15.86 -3.05
C ALA A 185 -11.84 -15.75 -2.42
N TRP A 186 -11.91 -15.93 -1.08
CA TRP A 186 -13.21 -16.02 -0.46
C TRP A 186 -13.18 -15.05 0.70
N ALA A 187 -14.29 -14.34 0.91
CA ALA A 187 -14.36 -13.58 2.12
C ALA A 187 -15.63 -13.91 2.88
N PHE A 188 -15.46 -13.78 4.20
CA PHE A 188 -16.35 -14.34 5.21
C PHE A 188 -16.75 -13.24 6.19
N ASP A 189 -18.09 -13.14 6.39
CA ASP A 189 -18.74 -12.16 7.26
C ASP A 189 -19.67 -12.83 8.30
N TRP A 190 -19.55 -12.41 9.58
CA TRP A 190 -20.50 -12.65 10.67
C TRP A 190 -21.68 -11.68 10.66
N ASP A 191 -22.90 -12.22 10.56
CA ASP A 191 -24.08 -11.43 10.97
C ASP A 191 -24.72 -12.07 12.22
N PRO A 192 -24.42 -11.52 13.42
CA PRO A 192 -24.82 -12.13 14.69
C PRO A 192 -26.32 -12.04 14.98
N ASN A 193 -26.82 -13.02 15.72
CA ASN A 193 -28.18 -12.99 16.25
C ASN A 193 -28.41 -11.86 17.25
N VAL A 194 -27.52 -11.68 18.23
CA VAL A 194 -27.65 -10.68 19.29
C VAL A 194 -26.55 -9.65 19.01
N LYS A 195 -26.89 -8.41 18.63
CA LYS A 195 -25.80 -7.51 18.28
C LYS A 195 -25.11 -6.91 19.51
N ASP A 196 -24.59 -7.76 20.38
CA ASP A 196 -23.74 -7.33 21.48
C ASP A 196 -22.50 -8.23 21.48
N LEU A 197 -21.30 -7.65 21.41
CA LEU A 197 -20.04 -8.41 21.34
C LEU A 197 -20.03 -9.64 22.24
N LYS A 198 -20.43 -9.50 23.54
CA LYS A 198 -20.47 -10.57 24.50
C LYS A 198 -21.29 -11.76 24.00
N ARG A 199 -22.36 -11.57 23.22
CA ARG A 199 -23.33 -12.64 22.94
C ARG A 199 -23.24 -13.06 21.47
N ALA A 200 -22.28 -12.47 20.73
CA ALA A 200 -22.55 -12.32 19.33
C ALA A 200 -22.22 -13.62 18.57
N TRP A 201 -21.43 -14.54 19.18
CA TRP A 201 -21.05 -15.83 18.59
C TRP A 201 -21.88 -16.85 19.42
N LEU A 202 -22.01 -16.65 20.71
CA LEU A 202 -22.55 -17.71 21.56
C LEU A 202 -24.05 -17.76 21.32
N ASP A 203 -24.70 -16.61 21.18
CA ASP A 203 -26.12 -16.80 20.85
C ASP A 203 -26.33 -17.05 19.38
N GLY A 204 -25.27 -17.26 18.62
CA GLY A 204 -25.67 -17.67 17.31
C GLY A 204 -25.65 -16.60 16.22
N GLY A 205 -25.80 -17.01 14.95
CA GLY A 205 -25.67 -16.05 13.87
C GLY A 205 -25.60 -16.60 12.46
N THR A 206 -25.60 -15.70 11.46
CA THR A 206 -25.47 -16.17 10.08
C THR A 206 -24.14 -15.71 9.47
N MET A 207 -23.44 -16.68 8.87
CA MET A 207 -22.13 -16.43 8.27
C MET A 207 -22.26 -16.28 6.76
N THR A 208 -21.75 -15.18 6.20
CA THR A 208 -21.69 -15.09 4.75
C THR A 208 -20.32 -15.48 4.19
N ILE A 209 -20.38 -16.13 3.01
CA ILE A 209 -19.31 -16.72 2.20
C ILE A 209 -19.45 -16.09 0.80
N LYS A 210 -18.57 -15.13 0.50
CA LYS A 210 -18.55 -14.34 -0.72
C LYS A 210 -17.33 -14.65 -1.59
N ARG A 211 -17.60 -14.74 -2.90
CA ARG A 211 -16.57 -14.59 -3.89
C ARG A 211 -15.93 -13.22 -3.83
N LEU A 212 -14.58 -13.19 -3.73
CA LEU A 212 -13.97 -11.84 -3.63
C LEU A 212 -13.22 -11.65 -4.93
N LYS A 213 -13.37 -10.45 -5.51
CA LYS A 213 -13.11 -10.21 -6.92
C LYS A 213 -12.32 -8.89 -6.89
N PRO A 214 -11.37 -8.75 -7.83
CA PRO A 214 -10.18 -7.88 -7.69
C PRO A 214 -10.71 -6.50 -8.14
N THR A 215 -9.96 -5.41 -7.85
CA THR A 215 -10.48 -4.05 -8.07
C THR A 215 -9.56 -3.15 -8.89
N LEU A 216 -8.29 -3.52 -9.11
CA LEU A 216 -7.36 -2.67 -9.84
C LEU A 216 -7.01 -3.36 -11.15
N PRO A 217 -6.43 -2.64 -12.12
CA PRO A 217 -6.20 -3.17 -13.46
C PRO A 217 -5.25 -4.39 -13.43
N GLY A 218 -5.36 -5.24 -14.45
CA GLY A 218 -4.67 -6.52 -14.53
C GLY A 218 -5.16 -7.50 -13.48
N GLY A 219 -6.47 -7.39 -13.13
CA GLY A 219 -7.21 -8.16 -12.11
C GLY A 219 -6.54 -8.26 -10.74
N ARG A 220 -5.87 -7.20 -10.30
CA ARG A 220 -5.25 -7.14 -9.00
C ARG A 220 -6.17 -6.66 -7.88
N TYR A 221 -5.85 -7.00 -6.65
CA TYR A 221 -6.67 -6.70 -5.49
C TYR A 221 -6.12 -5.45 -4.84
N ASP A 222 -7.02 -4.66 -4.25
CA ASP A 222 -6.60 -3.52 -3.43
C ASP A 222 -6.58 -3.75 -1.93
N LEU A 223 -5.77 -4.68 -1.44
CA LEU A 223 -5.83 -5.30 -0.13
C LEU A 223 -4.42 -5.76 0.34
N GLN A 224 -3.42 -4.88 0.15
CA GLN A 224 -2.13 -5.14 0.77
C GLN A 224 -2.13 -4.51 2.16
N GLY A 225 -1.16 -4.86 3.02
CA GLY A 225 -1.10 -4.28 4.34
C GLY A 225 -2.50 -4.31 5.01
N SER A 226 -2.69 -3.41 5.97
CA SER A 226 -3.84 -3.19 6.83
C SER A 226 -5.21 -3.04 6.11
N LYS A 227 -5.29 -2.98 4.78
CA LYS A 227 -6.58 -2.62 4.19
C LYS A 227 -7.49 -3.85 4.27
N GLY A 228 -8.71 -3.71 4.81
CA GLY A 228 -9.51 -4.94 4.96
C GLY A 228 -9.61 -5.37 6.43
N ASN A 229 -8.66 -4.93 7.26
CA ASN A 229 -8.60 -5.29 8.68
C ASN A 229 -9.90 -4.86 9.34
N LYS A 230 -10.51 -5.80 10.04
CA LYS A 230 -11.82 -5.62 10.66
C LYS A 230 -11.47 -5.60 12.14
N ILE A 231 -10.29 -6.18 12.53
CA ILE A 231 -9.65 -6.09 13.84
C ILE A 231 -8.12 -5.95 13.69
N ASP A 232 -7.52 -5.33 14.71
CA ASP A 232 -6.20 -4.75 14.65
C ASP A 232 -5.12 -5.82 14.88
N TRP A 233 -5.50 -7.09 15.16
CA TRP A 233 -4.54 -8.15 15.40
C TRP A 233 -5.29 -9.47 15.27
N GLU A 234 -4.54 -10.55 14.98
CA GLU A 234 -4.99 -11.95 15.03
C GLU A 234 -5.36 -12.39 16.48
N LEU A 235 -6.56 -13.03 16.69
CA LEU A 235 -7.01 -13.18 18.08
C LEU A 235 -5.92 -14.05 18.75
N VAL A 236 -5.83 -14.06 20.08
CA VAL A 236 -4.72 -14.85 20.58
C VAL A 236 -5.38 -16.14 21.04
N PRO A 237 -4.66 -17.19 21.52
CA PRO A 237 -5.29 -18.31 22.23
C PRO A 237 -6.26 -17.70 23.25
N GLY A 238 -7.48 -18.27 23.40
CA GLY A 238 -8.48 -17.69 24.30
C GLY A 238 -9.18 -16.44 23.76
N GLY A 239 -8.89 -16.11 22.49
CA GLY A 239 -8.93 -14.73 22.04
C GLY A 239 -10.39 -14.36 21.82
N GLU A 240 -11.23 -15.41 21.76
CA GLU A 240 -12.66 -15.21 21.65
C GLU A 240 -13.20 -14.56 22.91
N LEU A 241 -12.53 -14.69 24.05
CA LEU A 241 -13.02 -13.99 25.23
C LEU A 241 -12.72 -12.48 25.08
N ALA A 242 -11.54 -12.16 24.53
CA ALA A 242 -11.15 -10.74 24.36
C ALA A 242 -12.11 -10.03 23.41
N ILE A 243 -12.38 -10.64 22.24
CA ILE A 243 -13.23 -10.08 21.24
C ILE A 243 -14.61 -9.85 21.84
N GLU A 244 -15.17 -10.90 22.51
CA GLU A 244 -16.45 -10.83 23.21
C GLU A 244 -16.46 -9.65 24.18
N ASP A 245 -15.30 -9.37 24.81
CA ASP A 245 -15.14 -8.48 25.94
C ASP A 245 -14.92 -7.06 25.42
N GLY A 246 -14.95 -6.84 24.12
CA GLY A 246 -14.70 -5.47 23.63
C GLY A 246 -13.22 -5.06 23.73
N LYS A 247 -12.35 -6.05 23.94
CA LYS A 247 -10.93 -5.78 24.23
C LYS A 247 -10.11 -5.78 22.95
N VAL A 248 -10.75 -6.12 21.85
CA VAL A 248 -10.01 -6.07 20.61
C VAL A 248 -10.54 -4.90 19.81
N SER A 249 -9.64 -3.97 19.41
CA SER A 249 -9.99 -2.89 18.49
C SER A 249 -10.04 -3.28 16.99
N GLY A 250 -10.54 -2.36 16.16
CA GLY A 250 -10.74 -2.59 14.74
C GLY A 250 -12.11 -2.06 14.34
N ASP A 251 -12.41 -2.03 13.03
CA ASP A 251 -13.60 -1.31 12.58
C ASP A 251 -14.88 -2.13 12.71
N ARG A 252 -14.77 -3.42 12.96
CA ARG A 252 -15.78 -4.36 12.53
C ARG A 252 -15.73 -5.62 13.39
N PRO A 253 -15.47 -5.56 14.69
CA PRO A 253 -15.48 -6.78 15.52
C PRO A 253 -16.72 -7.69 15.53
N LEU A 254 -17.92 -7.11 15.62
CA LEU A 254 -19.17 -7.87 15.49
C LEU A 254 -19.24 -8.73 14.22
N HIS A 255 -18.43 -8.41 13.16
CA HIS A 255 -18.46 -9.06 11.86
C HIS A 255 -17.35 -10.13 11.72
N SER A 256 -16.58 -10.29 12.79
CA SER A 256 -15.37 -11.12 12.73
C SER A 256 -15.77 -12.60 12.73
N VAL A 257 -15.13 -13.44 11.88
CA VAL A 257 -15.18 -14.91 11.98
C VAL A 257 -13.76 -15.49 12.23
N ALA A 258 -12.71 -14.71 12.18
CA ALA A 258 -11.32 -15.23 12.27
C ALA A 258 -10.99 -16.54 11.52
N ASN A 259 -11.15 -16.61 10.19
CA ASN A 259 -10.54 -17.55 9.30
C ASN A 259 -9.09 -17.69 9.78
N ASP A 260 -8.66 -18.95 9.82
CA ASP A 260 -7.33 -19.31 10.29
C ASP A 260 -6.45 -19.77 9.10
N ALA A 261 -6.98 -20.72 8.28
CA ALA A 261 -6.20 -21.49 7.31
C ALA A 261 -7.10 -21.96 6.18
N LEU A 262 -6.49 -22.24 5.00
CA LEU A 262 -7.13 -22.92 3.91
C LEU A 262 -6.29 -24.15 3.58
N VAL A 263 -6.73 -25.31 4.09
CA VAL A 263 -5.97 -26.55 4.05
C VAL A 263 -6.58 -27.45 2.98
N PHE A 264 -5.78 -28.42 2.50
CA PHE A 264 -6.04 -29.13 1.27
C PHE A 264 -6.26 -30.63 1.52
N ASP A 265 -7.34 -31.14 0.89
CA ASP A 265 -7.62 -32.55 0.60
C ASP A 265 -6.42 -33.11 -0.17
N PRO A 266 -5.67 -34.03 0.48
CA PRO A 266 -4.45 -34.59 -0.12
C PRO A 266 -4.73 -35.27 -1.47
N ARG A 267 -6.00 -35.71 -1.72
CA ARG A 267 -6.52 -36.34 -2.94
C ARG A 267 -7.15 -35.35 -3.92
N GLY A 268 -6.97 -34.03 -3.79
CA GLY A 268 -7.37 -33.09 -4.86
C GLY A 268 -8.71 -32.45 -4.52
N LYS A 269 -9.38 -31.76 -5.48
CA LYS A 269 -10.75 -31.17 -5.47
C LYS A 269 -11.07 -30.21 -4.31
N TRP A 270 -10.91 -30.64 -3.07
CA TRP A 270 -11.41 -29.82 -1.98
C TRP A 270 -10.31 -29.00 -1.33
N ALA A 271 -10.82 -27.82 -0.92
CA ALA A 271 -10.17 -27.12 0.18
C ALA A 271 -11.23 -26.63 1.17
N VAL A 272 -10.70 -26.52 2.38
CA VAL A 272 -11.41 -26.40 3.64
C VAL A 272 -10.78 -25.28 4.41
N ALA A 273 -11.67 -24.38 4.83
CA ALA A 273 -11.42 -23.07 5.37
C ALA A 273 -11.85 -23.14 6.84
N SER A 274 -10.91 -23.15 7.75
CA SER A 274 -11.17 -23.14 9.19
C SER A 274 -11.60 -21.77 9.69
N MET A 275 -12.77 -21.77 10.35
CA MET A 275 -13.35 -20.54 10.88
C MET A 275 -13.41 -20.55 12.40
N ARG A 276 -12.65 -19.69 13.04
CA ARG A 276 -12.40 -19.89 14.47
C ARG A 276 -13.63 -19.53 15.33
N LEU A 277 -14.19 -18.32 15.22
CA LEU A 277 -15.33 -17.86 16.04
C LEU A 277 -16.67 -18.54 15.72
N PRO A 278 -16.99 -19.00 14.49
CA PRO A 278 -18.26 -19.66 14.24
C PRO A 278 -18.19 -21.17 14.55
N GLY A 279 -16.97 -21.61 14.94
CA GLY A 279 -16.70 -23.04 15.21
C GLY A 279 -17.04 -23.93 14.03
N VAL A 280 -16.72 -23.50 12.79
CA VAL A 280 -16.95 -24.27 11.56
C VAL A 280 -15.76 -24.30 10.62
N CYS A 281 -15.88 -25.19 9.63
CA CYS A 281 -14.96 -25.36 8.53
C CYS A 281 -15.78 -25.35 7.26
N VAL A 282 -15.27 -24.62 6.27
CA VAL A 282 -16.05 -24.53 5.04
C VAL A 282 -15.33 -25.42 4.02
N VAL A 283 -16.07 -26.10 3.19
CA VAL A 283 -15.48 -26.99 2.22
C VAL A 283 -15.77 -26.50 0.81
N PHE A 284 -14.71 -26.28 -0.01
CA PHE A 284 -14.96 -25.61 -1.26
C PHE A 284 -14.40 -26.43 -2.41
N ASP A 285 -15.17 -26.47 -3.47
CA ASP A 285 -14.65 -26.94 -4.71
C ASP A 285 -13.64 -25.93 -5.26
N ARG A 286 -12.35 -26.36 -5.36
CA ARG A 286 -11.24 -25.54 -5.91
C ARG A 286 -11.53 -25.05 -7.33
N GLU A 287 -11.72 -25.97 -8.27
CA GLU A 287 -11.70 -25.47 -9.63
C GLU A 287 -13.05 -24.80 -9.90
N ASN A 288 -14.05 -25.11 -9.07
CA ASN A 288 -15.39 -24.65 -9.38
C ASN A 288 -15.72 -23.41 -8.58
N GLN A 289 -14.85 -23.05 -7.59
CA GLN A 289 -15.09 -21.93 -6.67
C GLN A 289 -16.59 -21.79 -6.40
N VAL A 290 -17.18 -22.86 -5.84
CA VAL A 290 -18.31 -22.74 -4.91
C VAL A 290 -17.95 -23.44 -3.61
N PRO A 291 -18.57 -23.08 -2.46
CA PRO A 291 -18.54 -23.93 -1.28
C PRO A 291 -19.57 -25.03 -1.50
N VAL A 292 -19.28 -26.15 -0.85
CA VAL A 292 -20.02 -27.36 -1.06
C VAL A 292 -20.53 -27.87 0.29
N ALA A 293 -19.87 -27.51 1.41
CA ALA A 293 -20.19 -28.06 2.72
C ALA A 293 -19.73 -27.17 3.86
N VAL A 294 -20.60 -27.03 4.86
CA VAL A 294 -20.19 -26.48 6.13
C VAL A 294 -20.13 -27.62 7.14
N LEU A 295 -18.98 -27.84 7.75
CA LEU A 295 -18.90 -28.82 8.82
C LEU A 295 -18.97 -28.14 10.18
N ALA A 296 -19.62 -28.81 11.13
CA ALA A 296 -19.98 -28.21 12.41
C ALA A 296 -19.08 -28.72 13.53
N GLY A 297 -18.33 -27.81 14.14
CA GLY A 297 -17.23 -28.24 14.99
C GLY A 297 -17.61 -28.83 16.36
N PRO A 298 -18.26 -28.09 17.27
CA PRO A 298 -18.42 -28.56 18.65
C PRO A 298 -19.21 -29.85 18.88
N LYS A 299 -18.82 -30.44 20.04
CA LYS A 299 -19.64 -31.43 20.70
C LYS A 299 -21.02 -30.77 20.95
N GLY A 300 -22.05 -31.48 20.50
CA GLY A 300 -23.48 -31.14 20.53
C GLY A 300 -23.92 -30.42 19.27
N THR A 301 -23.31 -30.76 18.12
CA THR A 301 -23.82 -30.32 16.84
C THR A 301 -23.88 -31.48 15.87
N PRO A 302 -24.70 -31.35 14.82
CA PRO A 302 -24.70 -32.30 13.70
C PRO A 302 -23.31 -32.42 13.10
N SER A 303 -23.17 -33.27 12.06
CA SER A 303 -21.97 -33.33 11.23
C SER A 303 -21.83 -32.02 10.43
N GLN A 304 -22.96 -31.43 10.02
CA GLN A 304 -22.82 -30.26 9.17
C GLN A 304 -24.00 -29.29 9.38
N PHE A 305 -23.84 -28.04 8.94
CA PHE A 305 -24.94 -27.15 8.75
C PHE A 305 -25.23 -26.91 7.28
N GLN A 306 -26.42 -26.38 7.04
CA GLN A 306 -26.96 -26.07 5.75
C GLN A 306 -26.32 -24.84 5.09
N LEU A 307 -25.89 -25.07 3.85
CA LEU A 307 -25.46 -24.03 2.91
C LEU A 307 -26.70 -23.47 2.25
N VAL A 308 -26.80 -22.15 2.18
CA VAL A 308 -27.83 -21.54 1.36
C VAL A 308 -27.16 -20.58 0.36
N LYS A 309 -27.37 -20.83 -0.94
CA LYS A 309 -26.99 -19.95 -2.05
C LYS A 309 -27.97 -18.78 -2.09
N VAL A 310 -27.42 -17.58 -1.89
CA VAL A 310 -28.05 -16.28 -1.91
C VAL A 310 -28.01 -15.77 -3.36
N ASP A 311 -26.97 -16.10 -4.13
CA ASP A 311 -26.82 -15.68 -5.53
C ASP A 311 -25.55 -16.37 -5.99
N ASP A 312 -25.09 -16.02 -7.20
CA ASP A 312 -24.03 -16.64 -7.95
C ASP A 312 -22.71 -16.51 -7.18
N ASP A 313 -22.52 -15.44 -6.41
CA ASP A 313 -21.22 -15.19 -5.85
C ASP A 313 -21.22 -15.44 -4.35
N THR A 314 -22.43 -15.72 -3.80
CA THR A 314 -22.60 -15.67 -2.35
C THR A 314 -23.48 -16.81 -1.80
N TRP A 315 -23.33 -17.06 -0.49
CA TRP A 315 -23.84 -18.24 0.23
C TRP A 315 -23.91 -17.82 1.70
N THR A 316 -24.80 -18.46 2.47
CA THR A 316 -24.85 -18.21 3.89
C THR A 316 -24.98 -19.55 4.60
N VAL A 317 -24.84 -19.53 5.92
CA VAL A 317 -25.09 -20.69 6.76
C VAL A 317 -25.52 -20.12 8.09
N ASP A 318 -26.59 -20.72 8.63
CA ASP A 318 -27.15 -20.32 9.92
C ASP A 318 -26.64 -21.29 10.96
N ILE A 319 -26.02 -20.72 11.99
CA ILE A 319 -25.52 -21.42 13.17
C ILE A 319 -26.29 -20.98 14.43
N PRO A 320 -27.26 -21.81 14.88
CA PRO A 320 -28.08 -21.50 16.07
C PRO A 320 -27.39 -20.85 17.25
N GLU A 321 -26.22 -21.37 17.68
CA GLU A 321 -25.35 -20.89 18.74
C GLU A 321 -23.89 -21.40 18.54
N VAL A 322 -22.85 -20.63 18.94
CA VAL A 322 -21.45 -21.16 18.93
C VAL A 322 -21.13 -21.72 20.31
N ILE A 323 -21.24 -23.04 20.34
CA ILE A 323 -21.07 -23.77 21.57
C ILE A 323 -19.64 -23.59 22.02
N SER A 324 -18.70 -23.65 21.06
CA SER A 324 -17.25 -23.52 21.28
C SER A 324 -16.56 -23.02 20.01
N ALA A 325 -15.54 -22.18 20.23
CA ALA A 325 -14.72 -21.79 19.10
C ALA A 325 -13.82 -22.97 18.76
N GLY A 326 -13.40 -23.02 17.47
CA GLY A 326 -12.50 -24.06 17.04
C GLY A 326 -11.19 -23.47 16.48
N HIS A 327 -10.20 -24.32 16.11
CA HIS A 327 -8.98 -23.78 15.52
C HIS A 327 -8.31 -24.71 14.49
N GLN A 328 -7.50 -25.68 14.98
CA GLN A 328 -6.67 -26.47 14.07
C GLN A 328 -7.57 -27.38 13.27
N ALA A 329 -7.24 -27.61 12.00
CA ALA A 329 -8.03 -28.42 11.12
C ALA A 329 -7.20 -28.97 9.95
N GLY A 330 -7.41 -30.25 9.62
CA GLY A 330 -6.94 -30.82 8.38
C GLY A 330 -7.34 -32.29 8.23
N PHE A 331 -6.85 -32.85 7.12
CA PHE A 331 -6.94 -34.24 6.67
C PHE A 331 -5.77 -35.13 7.13
N SER A 332 -6.11 -36.41 7.39
CA SER A 332 -5.36 -37.64 7.19
C SER A 332 -4.60 -37.63 5.86
N PRO A 333 -3.39 -38.28 5.75
CA PRO A 333 -2.63 -38.36 4.51
C PRO A 333 -3.34 -39.01 3.32
N ASP A 334 -4.33 -39.87 3.59
CA ASP A 334 -5.18 -40.50 2.58
C ASP A 334 -6.55 -39.79 2.51
N GLY A 335 -6.61 -38.60 3.10
CA GLY A 335 -7.81 -37.90 3.60
C GLY A 335 -9.07 -38.76 3.73
N GLN A 336 -8.96 -39.91 4.43
CA GLN A 336 -10.09 -40.73 4.81
C GLN A 336 -10.76 -40.04 6.01
N SER A 337 -9.96 -39.22 6.69
CA SER A 337 -10.39 -38.48 7.88
C SER A 337 -10.15 -36.98 7.72
N PHE A 338 -11.12 -36.18 8.20
CA PHE A 338 -10.97 -34.76 8.41
C PHE A 338 -11.19 -34.44 9.90
N LEU A 339 -10.46 -33.45 10.45
CA LEU A 339 -10.33 -33.17 11.86
C LEU A 339 -10.36 -31.67 12.07
N PHE A 340 -10.84 -31.28 13.26
CA PHE A 340 -11.07 -29.90 13.64
C PHE A 340 -11.01 -30.00 15.14
N MET A 341 -10.33 -29.06 15.71
CA MET A 341 -10.24 -29.01 17.16
C MET A 341 -11.22 -27.99 17.70
N ASN A 342 -11.95 -28.41 18.70
CA ASN A 342 -12.54 -27.51 19.70
C ASN A 342 -11.48 -27.03 20.65
N SER A 343 -11.55 -25.70 20.83
CA SER A 343 -10.58 -24.95 21.61
C SER A 343 -11.24 -24.01 22.62
N LEU A 344 -10.76 -24.08 23.85
CA LEU A 344 -11.12 -23.28 25.01
C LEU A 344 -12.42 -23.85 25.60
N ARG A 345 -13.61 -23.45 25.08
CA ARG A 345 -14.92 -23.79 25.63
C ARG A 345 -15.15 -25.29 25.49
N GLN A 346 -14.74 -25.89 24.37
CA GLN A 346 -14.38 -27.31 24.50
C GLN A 346 -12.90 -27.45 24.19
N ASN A 347 -12.26 -28.56 24.59
CA ASN A 347 -10.92 -28.98 24.08
C ASN A 347 -11.03 -30.45 23.64
N ASN A 348 -11.12 -30.70 22.32
CA ASN A 348 -11.32 -32.00 21.75
C ASN A 348 -10.97 -31.97 20.29
N ILE A 349 -10.99 -33.16 19.74
CA ILE A 349 -10.62 -33.38 18.35
C ILE A 349 -11.78 -34.02 17.62
N MET A 350 -12.42 -33.23 16.78
CA MET A 350 -13.63 -33.72 16.14
C MET A 350 -13.26 -34.35 14.82
N VAL A 351 -13.67 -35.60 14.59
CA VAL A 351 -13.34 -36.35 13.38
C VAL A 351 -14.53 -36.72 12.50
N TRP A 352 -14.47 -36.34 11.22
CA TRP A 352 -15.34 -36.71 10.11
C TRP A 352 -14.83 -37.89 9.28
N ASP A 353 -15.83 -38.66 8.87
CA ASP A 353 -15.63 -39.61 7.78
C ASP A 353 -15.63 -38.87 6.44
N SER A 354 -14.45 -38.49 5.97
CA SER A 354 -14.25 -37.91 4.66
C SER A 354 -13.86 -38.92 3.57
N SER A 355 -14.24 -40.19 3.73
CA SER A 355 -13.77 -41.19 2.78
C SER A 355 -14.45 -41.08 1.42
N ASN A 356 -15.72 -40.65 1.41
CA ASN A 356 -16.35 -40.35 0.15
C ASN A 356 -15.73 -39.06 -0.39
N HIS A 357 -14.70 -39.20 -1.22
CA HIS A 357 -14.08 -38.06 -1.89
C HIS A 357 -14.99 -37.40 -2.90
N ASP A 358 -16.09 -38.09 -3.29
CA ASP A 358 -17.09 -37.63 -4.27
C ASP A 358 -17.86 -36.41 -3.83
N ASP A 359 -18.20 -36.31 -2.54
CA ASP A 359 -19.32 -35.50 -2.09
C ASP A 359 -19.14 -35.18 -0.61
N PRO A 360 -18.49 -34.05 -0.30
CA PRO A 360 -18.27 -33.55 1.06
C PRO A 360 -19.49 -33.43 1.99
N THR A 361 -20.65 -33.13 1.38
CA THR A 361 -21.82 -33.02 2.21
C THR A 361 -22.18 -34.40 2.79
N THR A 362 -21.72 -35.50 2.15
CA THR A 362 -21.85 -36.81 2.80
C THR A 362 -20.97 -37.01 4.04
N TRP A 363 -20.11 -36.06 4.38
CA TRP A 363 -19.17 -36.34 5.45
C TRP A 363 -19.77 -36.25 6.84
N GLU A 364 -19.58 -37.31 7.65
CA GLU A 364 -20.27 -37.43 8.92
C GLU A 364 -19.29 -37.61 10.05
N LYS A 365 -19.60 -37.01 11.19
CA LYS A 365 -18.72 -37.16 12.33
C LYS A 365 -18.76 -38.63 12.71
N LYS A 366 -17.57 -39.14 13.09
CA LYS A 366 -17.33 -40.56 13.31
C LYS A 366 -16.66 -40.87 14.66
N ALA A 367 -15.90 -39.91 15.22
CA ALA A 367 -15.04 -40.04 16.39
C ALA A 367 -14.88 -38.66 16.99
N VAL A 368 -14.59 -38.66 18.28
CA VAL A 368 -14.30 -37.46 19.04
C VAL A 368 -13.22 -37.83 20.06
N VAL A 369 -12.06 -37.23 19.87
CA VAL A 369 -10.96 -37.52 20.77
C VAL A 369 -10.99 -36.55 21.94
N GLU A 370 -11.03 -37.10 23.14
CA GLU A 370 -11.20 -36.37 24.39
C GLU A 370 -10.30 -37.02 25.42
N SER A 371 -9.95 -36.24 26.44
CA SER A 371 -9.28 -36.81 27.59
C SER A 371 -9.57 -35.96 28.83
N PRO A 372 -9.48 -36.62 29.99
CA PRO A 372 -9.82 -35.96 31.25
C PRO A 372 -9.04 -34.70 31.62
N ASP A 373 -7.91 -34.43 30.94
CA ASP A 373 -7.06 -33.30 31.29
C ASP A 373 -7.21 -32.22 30.22
N TRP A 374 -8.27 -32.33 29.44
CA TRP A 374 -8.66 -31.34 28.46
C TRP A 374 -9.88 -30.56 28.96
N ARG A 375 -10.22 -30.80 30.24
CA ARG A 375 -11.47 -30.32 30.79
C ARG A 375 -11.33 -28.85 31.18
N GLY A 376 -10.11 -28.34 31.44
CA GLY A 376 -9.93 -26.95 31.81
C GLY A 376 -10.03 -26.05 30.57
N ALA A 377 -9.82 -24.74 30.76
CA ALA A 377 -9.84 -23.81 29.64
C ALA A 377 -8.69 -24.13 28.70
N TYR A 378 -7.58 -24.46 29.35
CA TYR A 378 -6.26 -24.71 28.81
C TYR A 378 -5.96 -26.17 29.14
N PRO A 379 -5.30 -26.99 28.29
CA PRO A 379 -4.52 -26.52 27.12
C PRO A 379 -5.13 -26.56 25.72
N ASN A 380 -4.79 -25.61 24.84
CA ASN A 380 -5.33 -25.79 23.50
C ASN A 380 -4.31 -26.44 22.57
N THR A 381 -4.86 -27.26 21.69
CA THR A 381 -4.25 -28.00 20.59
C THR A 381 -4.53 -27.35 19.20
N PHE A 382 -3.52 -26.64 18.65
CA PHE A 382 -3.58 -25.80 17.46
C PHE A 382 -2.83 -26.43 16.26
N HIS A 383 -1.95 -27.37 16.58
CA HIS A 383 -1.11 -27.97 15.51
C HIS A 383 -1.22 -29.49 15.46
N MET A 384 -1.26 -30.08 14.27
CA MET A 384 -0.96 -31.52 14.27
C MET A 384 -0.06 -31.99 13.11
N VAL A 385 0.63 -33.17 13.28
CA VAL A 385 1.27 -33.89 12.18
C VAL A 385 0.86 -35.35 12.22
N PHE A 386 0.64 -35.99 11.06
CA PHE A 386 0.32 -37.42 11.05
C PHE A 386 1.50 -38.27 10.54
N THR A 387 1.71 -39.49 11.12
CA THR A 387 2.64 -40.49 10.59
C THR A 387 2.23 -40.83 9.15
N PRO A 388 3.16 -41.15 8.23
CA PRO A 388 2.80 -41.31 6.83
C PRO A 388 1.73 -42.38 6.54
N ASP A 389 1.63 -43.41 7.36
CA ASP A 389 0.65 -44.48 7.12
C ASP A 389 -0.77 -44.10 7.64
N ALA A 390 -0.86 -43.07 8.49
CA ALA A 390 -2.11 -42.46 8.94
C ALA A 390 -2.55 -42.95 10.32
N LYS A 391 -1.76 -43.77 11.01
CA LYS A 391 -2.33 -44.48 12.12
C LYS A 391 -2.02 -43.75 13.41
N LYS A 392 -1.38 -42.59 13.35
CA LYS A 392 -1.11 -41.86 14.56
C LYS A 392 -1.04 -40.38 14.19
N ILE A 393 -1.29 -39.53 15.19
CA ILE A 393 -1.16 -38.11 14.96
C ILE A 393 -0.23 -37.63 16.04
N TYR A 394 0.47 -36.55 15.73
CA TYR A 394 1.10 -35.80 16.81
C TYR A 394 0.46 -34.44 16.98
N VAL A 395 0.23 -34.11 18.25
CA VAL A 395 -0.58 -32.93 18.50
C VAL A 395 0.02 -32.14 19.65
N THR A 396 0.08 -30.80 19.52
CA THR A 396 0.62 -29.94 20.54
C THR A 396 -0.39 -29.63 21.66
N MET A 397 0.17 -29.33 22.82
CA MET A 397 -0.57 -28.92 23.99
C MET A 397 -0.05 -27.55 24.43
N TRP A 398 -0.71 -26.44 24.06
CA TRP A 398 -0.18 -25.13 24.40
C TRP A 398 -0.83 -24.60 25.68
N TRP A 399 -0.04 -23.97 26.55
CA TRP A 399 -0.54 -23.18 27.66
C TRP A 399 0.06 -21.78 27.74
N PRO A 400 -0.72 -20.80 28.23
CA PRO A 400 -0.11 -19.67 28.94
C PRO A 400 1.03 -20.13 29.84
N SER A 401 2.08 -19.32 29.89
CA SER A 401 3.09 -19.54 30.90
C SER A 401 2.42 -19.56 32.29
N PRO A 402 3.00 -20.13 33.37
CA PRO A 402 4.23 -20.92 33.35
C PRO A 402 4.07 -22.43 33.16
N THR A 403 2.93 -22.90 32.65
CA THR A 403 2.63 -24.33 32.68
C THR A 403 3.30 -24.98 31.48
N PRO A 404 3.93 -26.16 31.65
CA PRO A 404 4.62 -26.86 30.55
C PRO A 404 3.74 -27.43 29.43
N ASN A 405 3.82 -26.75 28.27
CA ASN A 405 3.42 -27.16 26.95
C ASN A 405 4.14 -28.44 26.51
N GLY A 406 3.57 -29.10 25.51
CA GLY A 406 3.69 -30.53 25.34
C GLY A 406 3.18 -30.97 23.98
N ILE A 407 3.22 -32.32 23.74
CA ILE A 407 2.78 -33.09 22.59
C ILE A 407 2.06 -34.30 23.15
N ALA A 408 0.80 -34.47 22.70
CA ALA A 408 0.06 -35.71 22.89
C ALA A 408 0.29 -36.61 21.64
N VAL A 409 0.29 -37.94 21.80
CA VAL A 409 0.38 -38.84 20.65
C VAL A 409 -1.01 -39.42 20.53
N ILE A 410 -1.57 -39.41 19.32
CA ILE A 410 -2.94 -39.83 19.13
C ILE A 410 -2.93 -41.15 18.35
N ASP A 411 -3.56 -42.15 18.93
CA ASP A 411 -3.90 -43.33 18.13
C ASP A 411 -4.91 -43.06 17.01
N ALA A 412 -4.53 -43.07 15.71
CA ALA A 412 -5.41 -42.50 14.71
C ALA A 412 -6.24 -43.58 14.01
N VAL A 413 -6.31 -44.80 14.59
CA VAL A 413 -7.23 -45.82 14.12
C VAL A 413 -8.31 -46.03 15.19
N ASN A 414 -7.89 -46.15 16.47
CA ASN A 414 -8.76 -46.11 17.66
C ASN A 414 -9.25 -44.73 18.12
N TRP A 415 -8.54 -43.68 17.71
CA TRP A 415 -8.94 -42.33 18.08
C TRP A 415 -8.88 -42.14 19.58
N GLU A 416 -7.75 -42.44 20.22
CA GLU A 416 -7.62 -42.19 21.66
C GLU A 416 -6.21 -41.67 22.00
N VAL A 417 -6.07 -40.98 23.14
CA VAL A 417 -4.78 -40.41 23.50
C VAL A 417 -3.85 -41.58 23.82
N LEU A 418 -2.55 -41.51 23.45
CA LEU A 418 -1.62 -42.64 23.62
C LEU A 418 -0.59 -42.22 24.63
N LYS A 419 -0.03 -41.01 24.50
CA LYS A 419 0.98 -40.53 25.43
C LYS A 419 0.88 -39.01 25.43
N GLU A 420 1.12 -38.37 26.62
CA GLU A 420 1.38 -36.92 26.74
C GLU A 420 2.76 -36.63 27.35
N VAL A 421 3.51 -35.72 26.71
CA VAL A 421 4.89 -35.44 27.12
C VAL A 421 5.06 -33.95 27.43
N ASP A 422 5.71 -33.66 28.55
CA ASP A 422 5.96 -32.28 28.88
C ASP A 422 7.13 -31.84 28.00
N LEU A 423 7.20 -30.55 27.67
CA LEU A 423 8.32 -30.21 26.83
C LEU A 423 9.01 -28.93 27.32
N GLY A 424 8.21 -27.95 27.81
CA GLY A 424 8.64 -26.61 28.24
C GLY A 424 7.76 -25.56 27.56
N PRO A 425 8.11 -24.24 27.48
CA PRO A 425 7.15 -23.16 27.16
C PRO A 425 6.77 -22.98 25.72
N ASP A 426 5.46 -22.67 25.47
CA ASP A 426 5.04 -22.10 24.22
C ASP A 426 5.26 -23.02 23.01
N MET A 427 4.76 -24.26 23.06
CA MET A 427 4.84 -25.17 21.94
C MET A 427 4.07 -24.64 20.77
N HIS A 428 4.78 -24.67 19.65
CA HIS A 428 4.22 -24.26 18.40
C HIS A 428 4.05 -25.53 17.56
N THR A 429 4.46 -25.42 16.31
CA THR A 429 4.14 -26.35 15.26
C THR A 429 5.08 -27.55 15.19
N LEU A 430 4.72 -28.48 14.29
CA LEU A 430 5.28 -29.81 14.20
C LEU A 430 5.39 -30.18 12.73
N ALA A 431 6.44 -30.92 12.41
CA ALA A 431 6.50 -31.47 11.08
C ALA A 431 7.09 -32.86 11.27
N ILE A 432 7.14 -33.63 10.19
CA ILE A 432 7.64 -34.96 10.48
C ILE A 432 8.66 -35.31 9.42
N THR A 433 9.69 -36.08 9.83
CA THR A 433 10.46 -36.58 8.70
C THR A 433 9.60 -37.46 7.80
N TYR A 434 9.92 -37.52 6.48
CA TYR A 434 9.03 -38.15 5.50
C TYR A 434 9.12 -39.66 5.52
N ASP A 435 10.14 -40.20 6.21
CA ASP A 435 10.40 -41.62 6.42
C ASP A 435 9.59 -42.12 7.60
N GLY A 436 9.06 -41.16 8.37
CA GLY A 436 8.02 -41.28 9.38
C GLY A 436 8.63 -41.40 10.76
N LYS A 437 9.96 -41.31 10.85
CA LYS A 437 10.59 -41.76 12.07
C LYS A 437 10.82 -40.64 13.07
N PHE A 438 10.97 -39.38 12.59
CA PHE A 438 11.25 -38.36 13.61
C PHE A 438 10.24 -37.22 13.48
N VAL A 439 9.73 -36.77 14.63
CA VAL A 439 8.86 -35.60 14.62
C VAL A 439 9.71 -34.41 15.04
N VAL A 440 9.52 -33.27 14.36
CA VAL A 440 10.42 -32.15 14.61
C VAL A 440 9.61 -30.87 14.84
N GLY A 441 9.71 -30.35 16.07
CA GLY A 441 8.80 -29.31 16.56
C GLY A 441 9.57 -28.04 16.97
N THR A 442 8.79 -27.04 17.45
CA THR A 442 9.36 -25.78 17.84
C THR A 442 8.69 -25.22 19.08
N LEU A 443 9.54 -24.73 19.97
CA LEU A 443 9.04 -23.99 21.13
C LEU A 443 9.62 -22.59 21.06
N SER A 444 8.91 -21.56 21.51
CA SER A 444 9.10 -20.18 20.99
C SER A 444 9.12 -19.10 22.04
N GLY A 445 9.17 -19.55 23.27
CA GLY A 445 9.30 -18.76 24.48
C GLY A 445 8.41 -17.52 24.57
N TYR A 446 7.24 -17.53 23.91
CA TYR A 446 6.20 -16.49 23.95
C TYR A 446 6.94 -15.23 23.46
N GLN A 447 8.10 -15.46 22.80
CA GLN A 447 8.87 -14.39 22.13
C GLN A 447 9.82 -13.65 23.03
N ASN A 448 9.97 -14.05 24.30
CA ASN A 448 10.98 -13.45 25.17
C ASN A 448 11.74 -14.47 26.01
N THR A 449 11.33 -15.75 25.97
CA THR A 449 12.13 -16.66 26.81
C THR A 449 12.58 -17.84 25.93
N ALA A 450 12.66 -19.03 26.51
CA ALA A 450 13.39 -20.16 25.93
C ALA A 450 12.76 -20.56 24.60
N SER A 451 13.57 -21.03 23.64
CA SER A 451 13.01 -21.40 22.36
C SER A 451 13.88 -22.54 21.91
N ALA A 452 13.41 -23.38 20.99
CA ALA A 452 14.16 -24.60 20.76
C ALA A 452 13.51 -25.36 19.64
N ILE A 453 14.30 -26.27 19.07
CA ILE A 453 13.78 -27.26 18.18
C ILE A 453 13.73 -28.52 19.04
N VAL A 454 12.73 -29.32 18.82
CA VAL A 454 12.58 -30.55 19.61
C VAL A 454 12.49 -31.72 18.65
N VAL A 455 13.10 -32.83 19.10
CA VAL A 455 13.13 -34.01 18.23
C VAL A 455 12.61 -35.12 19.13
N MET A 456 11.63 -35.84 18.58
CA MET A 456 11.04 -36.99 19.25
C MET A 456 11.13 -38.11 18.21
N GLU A 457 11.25 -39.38 18.63
CA GLU A 457 11.24 -40.47 17.67
C GLU A 457 9.90 -41.20 17.71
N THR A 458 9.48 -41.80 16.59
CA THR A 458 8.05 -42.12 16.53
C THR A 458 7.78 -43.61 16.66
N GLU A 459 8.86 -44.32 16.92
CA GLU A 459 8.96 -45.72 17.30
C GLU A 459 8.36 -45.98 18.68
N THR A 460 8.76 -45.20 19.66
CA THR A 460 8.34 -45.43 21.02
C THR A 460 8.13 -44.07 21.64
N ASP A 461 8.06 -43.03 20.79
CA ASP A 461 7.51 -41.75 21.23
C ASP A 461 8.30 -41.20 22.41
N GLU A 462 9.62 -41.48 22.43
CA GLU A 462 10.56 -40.78 23.29
C GLU A 462 11.14 -39.53 22.62
N VAL A 463 11.30 -38.52 23.49
CA VAL A 463 11.88 -37.22 23.23
C VAL A 463 13.40 -37.42 23.26
N LEU A 464 13.99 -37.11 22.10
CA LEU A 464 15.40 -37.26 21.84
C LEU A 464 16.17 -36.01 22.29
N GLY A 465 15.51 -34.86 22.29
CA GLY A 465 16.12 -33.71 22.91
C GLY A 465 15.99 -32.50 22.00
N PHE A 466 16.88 -31.55 22.29
CA PHE A 466 16.63 -30.16 21.91
C PHE A 466 17.87 -29.58 21.24
N LEU A 467 17.53 -28.72 20.29
CA LEU A 467 18.47 -27.88 19.57
C LEU A 467 18.09 -26.42 19.65
N PRO A 468 19.20 -25.66 19.74
CA PRO A 468 19.18 -24.22 19.84
C PRO A 468 18.31 -23.70 18.72
N SER A 469 17.32 -22.84 19.07
CA SER A 469 16.63 -22.14 18.01
C SER A 469 16.28 -20.74 18.52
N PRO A 470 17.25 -19.78 18.37
CA PRO A 470 17.08 -18.46 18.94
C PRO A 470 15.98 -17.70 18.20
N MET A 471 14.80 -18.32 18.03
CA MET A 471 13.75 -17.64 17.26
C MET A 471 12.34 -17.94 17.78
N GLY A 472 11.30 -17.42 17.11
CA GLY A 472 10.01 -17.43 17.81
C GLY A 472 8.93 -18.13 17.01
N HIS A 473 9.40 -18.99 16.08
CA HIS A 473 8.65 -19.92 15.24
C HIS A 473 7.17 -20.05 15.66
N HIS A 474 6.27 -19.72 14.75
CA HIS A 474 4.90 -20.17 14.86
C HIS A 474 4.60 -21.08 13.68
N ASP A 475 5.66 -21.50 13.00
CA ASP A 475 5.59 -22.43 11.87
C ASP A 475 6.95 -23.12 11.74
N ASN A 476 6.91 -24.36 11.23
CA ASN A 476 8.05 -24.98 10.54
C ASN A 476 7.65 -26.15 9.68
N VAL A 477 8.61 -26.50 8.79
CA VAL A 477 8.42 -27.51 7.78
C VAL A 477 9.74 -28.32 7.64
N ILE A 478 9.64 -29.51 7.06
CA ILE A 478 10.78 -30.23 6.53
C ILE A 478 10.57 -30.12 5.05
N VAL A 479 11.64 -29.81 4.33
CA VAL A 479 11.42 -29.68 2.90
C VAL A 479 10.99 -31.02 2.32
N PRO A 480 9.81 -31.11 1.65
CA PRO A 480 9.27 -32.43 1.28
C PRO A 480 10.00 -32.74 -0.04
N ARG A 481 9.88 -33.95 -0.61
CA ARG A 481 10.66 -34.28 -1.80
C ARG A 481 9.77 -34.76 -2.92
N THR A 482 8.48 -35.12 -2.62
CA THR A 482 7.51 -35.67 -3.55
C THR A 482 6.18 -35.02 -3.22
N LEU A 483 5.22 -35.04 -4.17
CA LEU A 483 3.83 -34.66 -3.89
C LEU A 483 3.35 -35.53 -2.72
N GLU A 484 4.00 -36.69 -2.52
CA GLU A 484 3.54 -37.67 -1.54
C GLU A 484 3.88 -37.22 -0.14
N ASP A 485 5.13 -36.78 0.06
CA ASP A 485 5.54 -36.21 1.33
C ASP A 485 4.62 -35.05 1.72
N LEU A 486 4.22 -34.23 0.75
CA LEU A 486 3.35 -33.08 1.03
C LEU A 486 2.11 -33.49 1.86
N ARG A 487 1.48 -34.65 1.58
CA ARG A 487 0.35 -35.04 2.39
C ARG A 487 0.69 -35.01 3.87
N ILE A 488 1.97 -35.02 4.30
CA ILE A 488 2.22 -34.87 5.74
C ILE A 488 2.93 -33.55 6.06
N SER A 489 2.86 -32.62 5.11
CA SER A 489 3.51 -31.35 5.40
C SER A 489 2.47 -30.25 5.50
N ARG A 490 3.03 -29.03 5.46
CA ARG A 490 2.31 -27.76 5.51
C ARG A 490 1.38 -27.65 4.31
N SER A 491 0.52 -28.64 4.14
CA SER A 491 -0.43 -28.62 3.03
C SER A 491 -1.80 -28.95 3.58
N THR A 492 -1.76 -30.06 4.34
CA THR A 492 -2.92 -30.86 4.65
C THR A 492 -3.40 -30.52 6.06
N THR A 493 -2.53 -29.93 6.93
CA THR A 493 -2.70 -29.59 8.33
C THR A 493 -1.93 -28.29 8.52
N THR A 494 -2.03 -27.64 9.69
CA THR A 494 -1.11 -26.55 10.02
C THR A 494 -0.43 -26.74 11.39
N LYS B 28 18.22 -47.97 21.38
CA LYS B 28 19.22 -47.91 20.28
C LYS B 28 18.99 -46.66 19.44
N TYR B 29 18.64 -45.54 20.09
CA TYR B 29 18.55 -44.21 19.48
C TYR B 29 19.29 -43.26 20.37
N VAL B 30 19.87 -42.23 19.76
CA VAL B 30 20.86 -41.40 20.39
C VAL B 30 20.17 -40.14 20.82
N LYS B 31 20.32 -39.83 22.11
CA LYS B 31 19.69 -38.65 22.69
C LYS B 31 20.74 -37.54 22.70
N VAL B 32 20.40 -36.45 21.97
CA VAL B 32 21.20 -35.23 21.88
C VAL B 32 21.47 -34.68 23.27
N GLN B 33 20.73 -35.13 24.30
CA GLN B 33 20.96 -34.61 25.63
C GLN B 33 22.25 -35.14 26.24
N ASP B 34 22.63 -36.35 25.80
CA ASP B 34 23.87 -37.03 26.20
C ASP B 34 25.04 -36.14 25.77
N PHE B 35 25.05 -35.71 24.51
CA PHE B 35 25.96 -34.66 24.09
C PHE B 35 26.12 -33.56 25.14
N TYR B 36 25.02 -32.93 25.49
CA TYR B 36 25.15 -31.71 26.27
C TYR B 36 25.50 -32.00 27.71
N ASP B 37 25.15 -33.21 28.16
CA ASP B 37 25.48 -33.66 29.49
C ASP B 37 26.94 -33.41 29.81
N GLN B 38 27.82 -33.77 28.86
CA GLN B 38 29.25 -33.65 28.95
C GLN B 38 29.72 -32.19 29.01
N LEU B 39 28.89 -31.19 28.62
CA LEU B 39 29.43 -29.83 28.50
C LEU B 39 29.52 -29.04 29.80
N GLY B 40 28.78 -29.44 30.84
CA GLY B 40 28.77 -28.69 32.10
C GLY B 40 27.81 -27.50 32.07
N LYS B 41 27.66 -26.78 33.20
CA LYS B 41 26.60 -25.79 33.32
C LYS B 41 27.03 -24.43 32.76
N TYR B 42 27.13 -24.32 31.46
CA TYR B 42 27.60 -23.05 30.91
C TYR B 42 26.57 -22.33 30.02
N VAL B 43 26.73 -21.01 29.98
CA VAL B 43 25.89 -20.27 29.08
C VAL B 43 26.66 -19.51 27.99
N LEU B 44 26.48 -20.00 26.76
CA LEU B 44 26.84 -19.39 25.50
C LEU B 44 25.92 -18.21 25.23
N VAL B 45 26.47 -16.99 24.99
CA VAL B 45 25.76 -15.86 24.34
C VAL B 45 26.52 -15.46 23.06
N ALA B 46 25.83 -14.78 22.13
CA ALA B 46 26.25 -14.31 20.80
C ALA B 46 25.30 -13.33 20.12
N PRO B 47 25.82 -12.21 19.56
CA PRO B 47 25.09 -11.40 18.58
C PRO B 47 25.08 -11.88 17.12
N GLY B 48 24.09 -11.50 16.31
CA GLY B 48 24.05 -12.09 14.96
C GLY B 48 24.30 -11.16 13.79
N LYS B 49 25.01 -10.05 14.03
CA LYS B 49 25.38 -9.23 12.88
C LYS B 49 24.17 -8.91 12.03
N PHE B 50 24.01 -9.42 10.78
CA PHE B 50 22.89 -8.92 9.97
C PHE B 50 21.54 -9.50 10.42
N SER B 51 21.60 -10.52 11.27
CA SER B 51 20.45 -11.19 11.84
C SER B 51 19.61 -10.20 12.65
N GLY B 52 20.20 -9.20 13.32
CA GLY B 52 19.46 -8.30 14.22
C GLY B 52 19.39 -8.78 15.66
N THR B 53 19.90 -10.01 15.86
CA THR B 53 19.54 -10.63 17.13
C THR B 53 20.76 -10.84 18.00
N VAL B 54 20.49 -11.04 19.29
CA VAL B 54 21.39 -11.54 20.31
C VAL B 54 20.68 -12.70 21.04
N ALA B 55 21.45 -13.73 21.44
CA ALA B 55 20.90 -15.04 21.81
C ALA B 55 21.73 -15.72 22.89
N ALA B 56 21.04 -16.11 23.98
CA ALA B 56 21.63 -16.91 25.04
C ALA B 56 21.23 -18.37 24.90
N THR B 57 22.23 -19.28 25.00
CA THR B 57 22.06 -20.71 24.82
C THR B 57 22.63 -21.39 26.02
N ASP B 58 21.97 -22.49 26.44
CA ASP B 58 22.27 -23.32 27.60
C ASP B 58 22.77 -24.63 27.03
N LEU B 59 24.09 -24.83 27.21
CA LEU B 59 24.80 -25.91 26.59
C LEU B 59 24.45 -27.19 27.31
N SER B 60 24.01 -27.05 28.55
CA SER B 60 23.69 -28.24 29.31
C SER B 60 22.38 -28.88 28.83
N THR B 61 21.60 -28.20 27.96
CA THR B 61 20.29 -28.68 27.42
C THR B 61 20.15 -28.49 25.91
N GLY B 62 20.72 -27.42 25.29
CA GLY B 62 20.42 -27.11 23.91
C GLY B 62 19.32 -26.03 23.67
N TRP B 63 18.74 -25.43 24.74
CA TRP B 63 17.66 -24.47 24.46
C TRP B 63 18.40 -23.18 24.30
N THR B 64 17.76 -22.33 23.52
CA THR B 64 17.98 -20.91 23.70
C THR B 64 17.31 -20.45 25.00
N MET B 65 18.10 -20.08 25.96
CA MET B 65 17.54 -19.43 27.15
C MET B 65 16.63 -18.26 26.82
N ALA B 66 17.10 -17.32 25.95
CA ALA B 66 16.35 -16.10 25.60
C ALA B 66 17.02 -15.51 24.35
N TRP B 67 16.26 -14.70 23.64
CA TRP B 67 16.88 -13.95 22.58
C TRP B 67 16.23 -12.57 22.41
N LEU B 68 16.92 -11.66 21.69
CA LEU B 68 16.37 -10.30 21.54
C LEU B 68 16.55 -9.74 20.13
N ALA B 69 15.45 -9.19 19.58
CA ALA B 69 15.47 -8.62 18.26
C ALA B 69 15.36 -7.11 18.45
N ALA B 70 16.43 -6.45 18.06
CA ALA B 70 16.54 -5.02 18.35
C ALA B 70 15.69 -4.17 17.43
N TRP B 71 15.26 -4.69 16.27
CA TRP B 71 14.18 -4.08 15.53
C TRP B 71 12.93 -3.71 16.35
N ASN B 72 12.51 -4.64 17.27
CA ASN B 72 11.70 -4.44 18.46
C ASN B 72 11.80 -3.05 19.05
N TYR B 73 13.01 -2.47 18.97
CA TYR B 73 13.30 -1.31 19.77
C TYR B 73 13.47 -0.09 18.89
N GLY B 74 13.10 -0.17 17.60
CA GLY B 74 13.03 0.90 16.57
C GLY B 74 14.42 1.17 15.94
N ASP B 75 15.42 0.38 16.35
CA ASP B 75 16.78 0.38 15.74
C ASP B 75 16.70 0.12 14.24
N THR B 76 17.00 1.10 13.35
CA THR B 76 17.00 0.94 11.91
C THR B 76 18.25 0.38 11.21
N CYS B 77 19.23 -0.05 11.99
CA CYS B 77 20.37 -0.80 11.49
C CYS B 77 20.95 -1.58 12.64
N PRO B 78 20.21 -2.66 13.04
CA PRO B 78 20.55 -3.48 14.15
C PRO B 78 21.62 -4.51 13.79
N ILE B 79 22.61 -4.04 13.06
CA ILE B 79 23.78 -4.88 12.86
C ILE B 79 24.33 -5.21 14.24
N MET B 80 24.03 -6.36 14.85
CA MET B 80 24.50 -6.45 16.21
C MET B 80 25.91 -7.09 16.29
N HIS B 81 26.86 -6.48 17.01
CA HIS B 81 28.28 -6.68 16.65
C HIS B 81 29.07 -7.21 17.87
N HIS B 82 29.94 -6.44 18.54
CA HIS B 82 30.62 -7.06 19.66
C HIS B 82 29.90 -6.93 21.01
N MET B 83 30.18 -7.92 21.87
CA MET B 83 29.59 -8.05 23.20
C MET B 83 30.60 -8.69 24.14
N ALA B 84 30.37 -8.34 25.38
CA ALA B 84 30.97 -8.97 26.52
C ALA B 84 30.02 -8.95 27.70
N ALA B 85 30.23 -9.88 28.65
CA ALA B 85 29.30 -10.17 29.74
C ALA B 85 29.97 -10.10 31.08
N PHE B 86 29.18 -9.62 32.05
CA PHE B 86 29.74 -9.50 33.36
C PHE B 86 29.63 -10.88 33.95
N PRO B 87 30.67 -11.28 34.73
CA PRO B 87 30.66 -12.44 35.63
C PRO B 87 29.47 -12.32 36.58
N SER B 88 28.78 -13.47 36.72
CA SER B 88 27.61 -13.57 37.58
C SER B 88 27.73 -14.78 38.51
N PRO B 89 27.37 -14.72 39.82
CA PRO B 89 27.34 -15.89 40.69
C PRO B 89 26.49 -17.03 40.11
N ASP B 90 25.40 -16.71 39.34
CA ASP B 90 24.64 -17.70 38.62
C ASP B 90 24.04 -17.08 37.38
N PRO B 91 24.72 -17.28 36.22
CA PRO B 91 24.25 -16.78 34.94
C PRO B 91 22.82 -17.20 34.60
N TYR B 92 22.41 -18.42 34.99
CA TYR B 92 21.11 -18.97 34.73
C TYR B 92 20.05 -18.23 35.55
N LYS B 93 20.43 -17.72 36.72
CA LYS B 93 19.54 -16.81 37.43
C LYS B 93 19.44 -15.45 36.75
N GLU B 94 20.59 -14.88 36.35
CA GLU B 94 20.65 -13.52 35.82
C GLU B 94 22.06 -13.24 35.23
N PHE B 95 22.18 -12.45 34.19
CA PHE B 95 23.53 -11.89 34.12
C PHE B 95 23.42 -10.63 33.28
N GLU B 96 24.44 -9.82 33.25
CA GLU B 96 24.54 -8.59 32.44
C GLU B 96 25.58 -8.64 31.31
N PHE B 97 25.21 -8.01 30.20
CA PHE B 97 26.14 -7.92 29.08
C PHE B 97 26.03 -6.60 28.32
N VAL B 98 27.00 -6.44 27.42
CA VAL B 98 27.08 -5.24 26.61
C VAL B 98 27.19 -5.70 25.18
N VAL B 99 26.44 -5.12 24.24
CA VAL B 99 26.62 -5.45 22.83
C VAL B 99 26.29 -4.22 21.97
N ASN B 100 27.15 -3.95 20.94
CA ASN B 100 27.17 -2.70 20.14
C ASN B 100 26.60 -2.96 18.78
N THR B 101 26.59 -1.95 17.91
CA THR B 101 26.18 -2.19 16.59
C THR B 101 26.99 -1.24 15.72
N GLN B 102 27.02 -1.62 14.46
CA GLN B 102 27.43 -0.89 13.29
C GLN B 102 26.25 -0.34 12.48
N GLY B 103 26.42 0.84 11.88
CA GLY B 103 25.51 1.15 10.79
C GLY B 103 26.28 1.78 9.64
N GLY B 104 25.56 2.62 8.95
CA GLY B 104 26.09 3.34 7.82
C GLY B 104 26.45 2.37 6.69
N LYS B 105 27.52 2.65 5.97
CA LYS B 105 27.86 1.80 4.82
C LYS B 105 28.35 0.37 5.19
N ASN B 106 28.38 0.08 6.49
CA ASN B 106 28.52 -1.27 7.01
C ASN B 106 27.50 -2.19 6.38
N LEU B 107 26.26 -1.70 6.01
CA LEU B 107 25.29 -2.67 5.58
C LEU B 107 25.55 -3.16 4.15
N PHE B 108 26.53 -2.59 3.44
CA PHE B 108 26.74 -2.78 1.99
C PHE B 108 27.96 -3.67 1.66
N ILE B 109 28.56 -4.27 2.67
CA ILE B 109 29.95 -4.71 2.67
C ILE B 109 30.06 -6.23 2.77
N TYR B 110 28.91 -6.90 3.02
CA TYR B 110 28.74 -8.36 2.96
C TYR B 110 28.15 -8.73 1.62
N GLY B 111 27.68 -9.96 1.48
CA GLY B 111 27.22 -10.28 0.16
C GLY B 111 25.71 -10.14 -0.05
N VAL B 112 24.93 -9.73 0.97
CA VAL B 112 23.46 -9.60 0.97
C VAL B 112 23.04 -8.48 0.05
N PRO B 113 21.97 -8.51 -0.76
CA PRO B 113 21.70 -7.37 -1.64
C PRO B 113 20.68 -6.56 -0.85
N VAL B 114 21.24 -5.78 0.07
CA VAL B 114 20.32 -5.18 1.03
C VAL B 114 19.51 -4.11 0.31
N ALA B 115 18.42 -3.66 0.90
CA ALA B 115 17.60 -2.72 0.16
C ALA B 115 17.51 -1.34 0.79
N VAL B 116 17.84 -1.17 2.11
CA VAL B 116 17.81 0.10 2.84
C VAL B 116 19.01 0.90 2.37
N GLU B 117 18.72 1.78 1.43
CA GLU B 117 19.74 2.67 0.89
C GLU B 117 20.34 3.55 1.96
N ASP B 118 19.58 3.86 3.00
CA ASP B 118 20.07 4.95 3.81
C ASP B 118 19.87 4.50 5.23
N PRO B 119 20.77 3.67 5.82
CA PRO B 119 20.39 3.02 7.05
C PRO B 119 20.68 3.95 8.18
N GLY B 120 20.26 3.50 9.34
CA GLY B 120 20.62 4.10 10.59
C GLY B 120 22.12 3.94 10.69
N GLU B 121 22.69 4.68 11.61
CA GLU B 121 24.12 4.92 11.67
C GLU B 121 24.79 3.87 12.55
N GLY B 122 23.99 2.97 13.19
CA GLY B 122 24.38 2.36 14.45
C GLY B 122 25.35 3.11 15.36
N MET B 123 26.32 2.32 15.85
CA MET B 123 27.31 2.77 16.75
C MET B 123 26.67 2.89 18.12
N LYS B 124 25.80 1.90 18.41
CA LYS B 124 25.11 1.88 19.68
C LYS B 124 25.77 0.89 20.62
N ILE B 125 25.78 1.23 21.90
CA ILE B 125 26.33 0.42 22.97
C ILE B 125 25.19 0.06 23.95
N TYR B 126 24.46 -0.95 23.54
CA TYR B 126 23.42 -1.55 24.36
C TYR B 126 23.96 -2.23 25.63
N ARG B 127 23.12 -2.10 26.64
CA ARG B 127 23.11 -2.61 28.01
C ARG B 127 21.88 -3.49 28.13
N ILE B 128 22.14 -4.73 28.56
CA ILE B 128 21.12 -5.73 28.33
C ILE B 128 21.33 -6.62 29.55
N LYS B 129 20.17 -6.99 30.14
CA LYS B 129 20.20 -7.92 31.22
C LYS B 129 19.31 -9.11 30.87
N TYR B 130 19.85 -10.26 31.21
CA TYR B 130 19.07 -11.49 31.13
C TYR B 130 18.78 -11.67 32.62
N ASP B 131 17.53 -11.95 33.02
CA ASP B 131 17.16 -11.75 34.42
C ASP B 131 16.72 -13.12 34.96
N GLY B 132 16.99 -14.15 34.15
CA GLY B 132 16.59 -15.53 34.48
C GLY B 132 15.39 -16.04 33.70
N THR B 133 14.80 -15.20 32.83
CA THR B 133 13.61 -15.47 32.04
C THR B 133 13.85 -15.00 30.61
N ARG B 134 14.35 -13.76 30.49
CA ARG B 134 14.25 -13.06 29.24
C ARG B 134 15.38 -12.04 29.31
N MET B 135 15.58 -11.33 28.19
CA MET B 135 16.52 -10.21 28.05
C MET B 135 15.71 -8.93 28.00
N ASN B 136 16.12 -7.99 28.87
CA ASN B 136 15.49 -6.68 29.01
C ASN B 136 16.53 -5.67 28.57
N LEU B 137 16.09 -4.86 27.64
CA LEU B 137 16.92 -3.78 27.15
C LEU B 137 16.90 -2.66 28.14
N GLN B 138 18.12 -2.32 28.52
CA GLN B 138 18.29 -1.47 29.68
C GLN B 138 18.40 -0.01 29.21
N ARG B 139 19.32 0.27 28.25
CA ARG B 139 19.52 1.58 27.61
C ARG B 139 20.54 1.48 26.48
N ASP B 140 20.68 2.60 25.73
CA ASP B 140 21.84 2.68 24.84
C ASP B 140 22.95 3.46 25.56
N ALA B 141 24.12 2.84 25.91
CA ALA B 141 25.15 3.59 26.61
C ALA B 141 25.68 4.79 25.79
N ALA B 142 25.68 4.74 24.47
CA ALA B 142 26.13 5.88 23.67
C ALA B 142 25.19 7.07 23.72
N GLU B 143 23.88 6.83 23.89
CA GLU B 143 23.04 7.96 24.33
C GLU B 143 23.45 8.40 25.71
N VAL B 144 23.73 7.49 26.64
CA VAL B 144 23.98 8.06 27.96
C VAL B 144 25.28 8.87 27.93
N SER B 145 26.41 8.22 27.54
CA SER B 145 27.68 8.92 27.49
C SER B 145 27.64 10.06 26.46
N GLY B 146 27.05 9.78 25.29
CA GLY B 146 27.17 10.52 24.03
C GLY B 146 28.31 10.11 23.06
N LEU B 147 29.04 9.03 23.39
CA LEU B 147 30.12 8.43 22.61
C LEU B 147 29.66 7.07 22.08
N GLY B 148 29.57 6.95 20.77
CA GLY B 148 29.13 5.82 19.99
C GLY B 148 30.38 5.18 19.37
N LEU B 149 30.63 3.90 19.72
CA LEU B 149 31.67 3.07 19.11
C LEU B 149 31.08 1.73 18.64
N GLY B 150 31.63 1.07 17.57
CA GLY B 150 31.01 -0.05 16.86
C GLY B 150 31.88 -1.28 16.56
N VAL B 151 33.15 -1.30 17.00
CA VAL B 151 33.96 -2.53 16.94
C VAL B 151 34.03 -3.10 18.35
N HIS B 152 35.21 -3.48 18.86
CA HIS B 152 35.16 -4.48 19.92
C HIS B 152 34.64 -3.94 21.26
N VAL B 153 34.05 -4.87 22.05
CA VAL B 153 33.71 -4.56 23.40
C VAL B 153 34.39 -5.55 24.35
N THR B 154 35.10 -5.07 25.32
CA THR B 154 35.63 -5.83 26.40
C THR B 154 35.07 -5.34 27.78
N ILE B 155 35.20 -6.21 28.77
CA ILE B 155 34.89 -6.07 30.18
C ILE B 155 36.19 -5.79 30.89
N THR B 156 36.21 -4.87 31.86
CA THR B 156 37.30 -4.69 32.81
C THR B 156 37.58 -5.94 33.63
N PRO B 157 38.87 -6.18 33.98
CA PRO B 157 39.22 -7.33 34.81
C PRO B 157 38.71 -7.22 36.25
N GLU B 158 38.31 -6.01 36.65
CA GLU B 158 37.58 -5.83 37.91
C GLU B 158 36.05 -5.97 37.81
N ALA B 159 35.53 -6.07 36.60
CA ALA B 159 34.12 -6.12 36.20
C ALA B 159 33.25 -4.93 36.69
N ASP B 160 33.84 -3.74 36.79
CA ASP B 160 33.36 -2.48 37.28
C ASP B 160 33.20 -1.61 36.04
N GLY B 161 33.51 -2.20 34.87
CA GLY B 161 33.40 -1.40 33.66
C GLY B 161 33.53 -2.19 32.36
N TYR B 162 33.72 -1.47 31.29
CA TYR B 162 33.85 -2.17 30.03
C TYR B 162 34.37 -1.19 29.00
N ALA B 163 34.66 -1.68 27.79
CA ALA B 163 35.46 -0.89 26.85
C ALA B 163 34.99 -1.14 25.45
N VAL B 164 35.01 -0.06 24.70
CA VAL B 164 34.77 -0.31 23.32
C VAL B 164 35.86 0.34 22.49
N GLY B 165 36.11 -0.25 21.30
CA GLY B 165 37.01 0.31 20.31
C GLY B 165 36.27 0.78 19.07
N ASP B 166 36.91 1.62 18.25
CA ASP B 166 36.34 1.83 16.95
C ASP B 166 37.30 2.38 15.92
N GLY B 167 37.04 1.90 14.71
CA GLY B 167 37.93 1.75 13.59
C GLY B 167 37.56 2.68 12.46
N GLN B 168 36.28 3.16 12.42
CA GLN B 168 35.93 4.27 11.53
C GLN B 168 36.17 5.62 12.23
N LYS B 169 36.07 5.73 13.54
CA LYS B 169 36.31 7.08 14.01
C LYS B 169 37.61 7.05 14.78
N ASP B 170 38.13 5.85 15.08
CA ASP B 170 39.43 5.69 15.73
C ASP B 170 39.36 6.42 17.07
N ILE B 171 38.71 5.77 18.01
CA ILE B 171 38.56 6.26 19.37
C ILE B 171 38.36 5.00 20.19
N CYS B 172 38.89 4.99 21.40
CA CYS B 172 38.50 3.89 22.25
C CYS B 172 38.41 4.45 23.66
N ALA B 173 37.75 3.67 24.54
CA ALA B 173 37.10 4.25 25.70
C ALA B 173 36.74 3.19 26.74
N GLU B 174 36.98 3.61 27.96
CA GLU B 174 36.64 2.79 29.08
C GLU B 174 35.51 3.55 29.79
N PHE B 175 34.46 2.81 30.19
CA PHE B 175 33.18 3.29 30.66
C PHE B 175 32.90 2.67 32.03
N ASP B 176 32.29 3.43 32.94
CA ASP B 176 31.81 2.89 34.20
C ASP B 176 30.57 2.01 34.02
N ARG B 177 30.54 0.85 34.71
CA ARG B 177 29.36 -0.02 34.59
C ARG B 177 28.05 0.61 35.08
N GLU B 178 28.06 1.40 36.18
CA GLU B 178 26.79 1.87 36.71
C GLU B 178 26.15 3.05 35.95
N THR B 179 26.98 4.00 35.53
CA THR B 179 26.65 5.32 35.06
C THR B 179 26.70 5.31 33.54
N ASP B 180 27.55 4.42 32.99
CA ASP B 180 27.69 4.22 31.55
C ASP B 180 28.34 5.51 31.01
N MET B 181 29.01 6.24 31.90
CA MET B 181 29.77 7.41 31.43
C MET B 181 31.25 7.03 31.12
N VAL B 182 31.82 7.67 30.09
CA VAL B 182 33.23 7.46 29.70
C VAL B 182 34.11 7.90 30.86
N ARG B 183 35.02 7.02 31.25
CA ARG B 183 36.14 7.29 32.14
C ARG B 183 37.38 7.83 31.43
N TYR B 184 37.66 7.41 30.19
CA TYR B 184 38.62 8.14 29.40
C TYR B 184 38.38 7.72 27.96
N ALA B 185 38.59 8.64 27.05
CA ALA B 185 38.62 8.23 25.67
C ALA B 185 39.88 8.80 25.01
N TRP B 186 40.30 8.09 23.93
CA TRP B 186 41.59 8.35 23.31
C TRP B 186 41.33 8.33 21.79
N ALA B 187 41.65 9.43 21.10
CA ALA B 187 41.51 9.48 19.66
C ALA B 187 42.90 9.27 19.03
N PHE B 188 42.93 8.64 17.87
CA PHE B 188 44.20 8.22 17.18
C PHE B 188 44.21 8.85 15.79
N ASP B 189 45.25 9.60 15.42
CA ASP B 189 45.24 10.18 14.08
C ASP B 189 46.51 9.88 13.31
N TRP B 190 46.39 9.51 12.04
CA TRP B 190 47.58 9.14 11.24
C TRP B 190 48.04 10.28 10.34
N ASP B 191 49.30 10.68 10.45
CA ASP B 191 49.86 11.72 9.56
C ASP B 191 50.98 11.03 8.72
N PRO B 192 50.62 10.59 7.50
CA PRO B 192 51.47 9.81 6.57
C PRO B 192 52.75 10.56 6.24
N ASN B 193 53.90 9.90 6.34
CA ASN B 193 55.08 10.46 5.67
C ASN B 193 54.81 10.76 4.19
N VAL B 194 54.15 9.86 3.46
CA VAL B 194 53.85 10.07 2.03
C VAL B 194 52.32 10.14 1.83
N LYS B 195 51.82 11.31 1.42
CA LYS B 195 50.39 11.72 1.37
C LYS B 195 49.65 11.23 0.11
N ASP B 196 49.66 9.91 -0.18
CA ASP B 196 48.97 9.19 -1.22
C ASP B 196 48.55 7.89 -0.55
N LEU B 197 47.32 7.44 -0.82
CA LEU B 197 46.78 6.29 -0.10
C LEU B 197 47.73 5.10 -0.32
N LYS B 198 48.21 4.99 -1.57
CA LYS B 198 49.08 3.94 -2.05
C LYS B 198 50.31 3.67 -1.16
N ARG B 199 50.92 4.69 -0.51
CA ARG B 199 52.11 4.62 0.33
C ARG B 199 51.87 5.14 1.73
N ALA B 200 50.61 5.48 2.06
CA ALA B 200 50.45 6.21 3.28
C ALA B 200 50.86 5.44 4.52
N TRP B 201 50.66 4.09 4.55
CA TRP B 201 51.13 3.28 5.68
C TRP B 201 52.53 2.66 5.46
N LEU B 202 52.75 1.98 4.32
CA LEU B 202 54.02 1.30 4.01
C LEU B 202 55.22 2.18 4.24
N ASP B 203 55.16 3.42 3.78
CA ASP B 203 56.22 4.43 3.90
C ASP B 203 56.19 5.18 5.26
N GLY B 204 55.46 4.64 6.24
CA GLY B 204 55.39 5.20 7.60
C GLY B 204 54.72 6.57 7.80
N GLY B 205 54.64 6.96 9.08
CA GLY B 205 54.43 8.33 9.51
C GLY B 205 54.39 8.41 11.02
N THR B 206 53.50 9.27 11.51
CA THR B 206 53.39 9.60 12.90
C THR B 206 51.93 9.56 13.27
N MET B 207 51.64 8.82 14.33
CA MET B 207 50.29 8.73 14.85
C MET B 207 50.39 9.59 16.09
N THR B 208 49.26 10.25 16.39
CA THR B 208 48.96 11.01 17.58
C THR B 208 47.81 10.31 18.27
N ILE B 209 47.87 10.43 19.60
CA ILE B 209 47.22 9.86 20.75
C ILE B 209 46.74 11.12 21.48
N LYS B 210 45.43 11.37 21.34
CA LYS B 210 44.69 12.58 21.67
C LYS B 210 43.65 12.28 22.75
N ARG B 211 43.84 12.92 23.92
CA ARG B 211 42.96 12.78 25.08
C ARG B 211 41.69 13.59 24.79
N LEU B 212 40.59 12.86 24.65
CA LEU B 212 39.29 13.51 24.34
C LEU B 212 38.68 14.03 25.63
N LYS B 213 37.64 14.89 25.50
CA LYS B 213 37.08 15.48 26.71
C LYS B 213 35.65 15.80 26.37
N PRO B 214 34.69 15.69 27.31
CA PRO B 214 33.31 16.04 26.95
C PRO B 214 33.24 17.50 26.51
N THR B 215 32.33 17.76 25.61
CA THR B 215 32.16 19.03 24.91
C THR B 215 30.71 19.53 25.09
N LEU B 216 29.85 18.73 25.72
CA LEU B 216 28.45 19.09 25.99
C LEU B 216 28.25 19.09 27.50
N PRO B 217 27.12 19.65 28.01
CA PRO B 217 26.94 19.74 29.46
C PRO B 217 26.69 18.33 30.03
N GLY B 218 27.02 18.17 31.31
CA GLY B 218 26.83 16.94 32.10
C GLY B 218 27.76 15.79 31.65
N GLY B 219 28.97 16.16 31.17
CA GLY B 219 30.08 15.24 30.92
C GLY B 219 29.85 14.38 29.67
N ARG B 220 29.19 14.97 28.69
CA ARG B 220 28.68 14.19 27.59
C ARG B 220 29.54 14.44 26.36
N TYR B 221 29.64 13.39 25.61
CA TYR B 221 30.27 13.65 24.34
C TYR B 221 29.27 13.94 23.25
N ASP B 222 29.85 14.33 22.10
CA ASP B 222 29.09 14.66 20.94
C ASP B 222 29.47 13.75 19.77
N LEU B 223 29.43 12.42 19.99
CA LEU B 223 30.07 11.45 19.12
C LEU B 223 29.23 10.16 19.04
N GLN B 224 27.90 10.35 18.87
CA GLN B 224 27.08 9.21 18.58
C GLN B 224 27.09 9.09 17.06
N GLY B 225 26.77 7.91 16.63
CA GLY B 225 26.48 7.82 15.20
C GLY B 225 27.74 7.94 14.32
N SER B 226 27.52 8.07 13.03
CA SER B 226 28.52 8.50 12.07
C SER B 226 29.23 9.76 12.52
N LYS B 227 28.99 10.29 13.75
CA LYS B 227 29.80 11.47 14.16
C LYS B 227 31.29 11.09 14.48
N GLY B 228 32.21 11.85 13.90
CA GLY B 228 33.66 11.48 13.95
C GLY B 228 34.10 10.32 13.02
N ASN B 229 33.34 9.80 12.06
CA ASN B 229 33.92 8.79 11.15
C ASN B 229 34.90 9.38 10.13
N LYS B 230 36.15 8.86 10.11
CA LYS B 230 37.14 9.09 9.07
C LYS B 230 36.85 8.24 7.86
N ILE B 231 36.30 7.01 7.99
CA ILE B 231 35.85 6.20 6.83
C ILE B 231 34.47 5.59 7.13
N ASP B 232 33.79 4.93 6.18
CA ASP B 232 32.33 4.72 6.05
C ASP B 232 31.94 3.28 6.44
N TRP B 233 32.96 2.50 6.74
CA TRP B 233 32.77 1.13 7.24
C TRP B 233 34.05 0.72 8.00
N GLU B 234 33.95 -0.22 8.96
CA GLU B 234 35.17 -0.84 9.53
C GLU B 234 35.83 -1.66 8.42
N LEU B 235 37.19 -1.66 8.41
CA LEU B 235 37.90 -2.31 7.30
C LEU B 235 37.55 -3.78 7.35
N VAL B 236 37.39 -4.30 6.16
CA VAL B 236 37.10 -5.75 6.06
C VAL B 236 38.43 -6.48 6.21
N PRO B 237 38.55 -7.81 6.36
CA PRO B 237 39.90 -8.40 6.40
C PRO B 237 40.63 -8.22 5.07
N GLY B 238 41.98 -8.06 5.22
CA GLY B 238 42.86 -7.47 4.19
C GLY B 238 42.33 -6.18 3.56
N GLY B 239 41.42 -5.48 4.28
CA GLY B 239 40.96 -4.13 3.93
C GLY B 239 42.03 -3.03 3.91
N GLU B 240 43.33 -3.26 4.32
CA GLU B 240 44.36 -2.23 4.16
C GLU B 240 44.72 -2.03 2.70
N LEU B 241 44.52 -3.07 1.87
CA LEU B 241 44.78 -3.05 0.46
C LEU B 241 43.78 -2.10 -0.18
N ALA B 242 42.53 -2.14 0.34
CA ALA B 242 41.33 -1.51 -0.19
C ALA B 242 41.46 -0.02 0.01
N ILE B 243 41.62 0.39 1.25
CA ILE B 243 41.82 1.80 1.54
C ILE B 243 43.07 2.34 0.81
N GLU B 244 44.14 1.54 0.68
CA GLU B 244 45.34 1.99 -0.05
C GLU B 244 45.03 2.33 -1.52
N ASP B 245 44.10 1.56 -2.12
CA ASP B 245 43.70 1.64 -3.50
C ASP B 245 42.56 2.63 -3.72
N GLY B 246 42.10 3.33 -2.66
CA GLY B 246 41.23 4.47 -2.89
C GLY B 246 39.81 3.97 -2.92
N LYS B 247 39.62 2.80 -2.29
CA LYS B 247 38.36 2.09 -2.45
C LYS B 247 37.50 2.11 -1.17
N VAL B 248 37.90 2.85 -0.15
CA VAL B 248 37.13 3.07 1.07
C VAL B 248 36.75 4.54 1.14
N SER B 249 35.45 4.81 0.92
CA SER B 249 34.92 6.16 1.00
C SER B 249 34.93 6.65 2.47
N GLY B 250 35.06 7.96 2.68
CA GLY B 250 35.04 8.60 3.99
C GLY B 250 35.58 10.00 3.70
N ASP B 251 35.62 10.87 4.69
CA ASP B 251 36.25 12.18 4.51
C ASP B 251 37.76 12.10 4.81
N ARG B 252 38.23 11.12 5.57
CA ARG B 252 39.52 11.39 6.17
C ARG B 252 40.42 10.13 6.05
N PRO B 253 40.38 9.29 5.01
CA PRO B 253 41.09 8.00 5.01
C PRO B 253 42.60 8.09 5.23
N LEU B 254 43.30 9.09 4.59
CA LEU B 254 44.73 9.26 4.86
C LEU B 254 45.01 9.39 6.34
N HIS B 255 43.90 9.52 7.11
CA HIS B 255 44.08 9.82 8.51
C HIS B 255 43.73 8.61 9.39
N SER B 256 43.32 7.48 8.75
CA SER B 256 42.92 6.26 9.51
C SER B 256 44.12 5.59 10.17
N VAL B 257 43.91 4.90 11.32
CA VAL B 257 44.95 4.09 11.93
C VAL B 257 44.24 2.75 12.09
N ALA B 258 42.90 2.83 12.00
CA ALA B 258 41.99 1.72 12.24
C ALA B 258 42.00 1.03 13.60
N ASN B 259 41.62 1.72 14.68
CA ASN B 259 41.62 1.02 15.94
C ASN B 259 40.65 -0.15 15.82
N ASP B 260 40.96 -1.25 16.50
CA ASP B 260 40.01 -2.36 16.58
C ASP B 260 39.56 -2.69 18.01
N ALA B 261 40.45 -2.66 18.97
CA ALA B 261 40.12 -3.15 20.29
C ALA B 261 40.66 -2.29 21.41
N LEU B 262 40.23 -2.66 22.61
CA LEU B 262 40.91 -2.17 23.77
C LEU B 262 40.82 -3.30 24.76
N VAL B 263 41.96 -3.91 24.98
CA VAL B 263 41.90 -5.04 25.91
C VAL B 263 42.66 -4.80 27.18
N PHE B 264 42.48 -5.68 28.18
CA PHE B 264 43.08 -5.37 29.48
C PHE B 264 44.02 -6.46 29.96
N ASP B 265 45.03 -5.96 30.67
CA ASP B 265 45.93 -6.66 31.58
C ASP B 265 45.25 -7.45 32.71
N PRO B 266 45.25 -8.82 32.71
CA PRO B 266 44.61 -9.53 33.82
C PRO B 266 44.92 -9.02 35.21
N ARG B 267 46.12 -8.46 35.32
CA ARG B 267 46.70 -8.02 36.57
C ARG B 267 46.21 -6.65 37.02
N GLY B 268 45.44 -5.93 36.16
CA GLY B 268 44.92 -4.60 36.43
C GLY B 268 45.86 -3.54 35.86
N LYS B 269 45.52 -2.23 36.01
CA LYS B 269 46.32 -1.02 35.75
C LYS B 269 46.48 -0.67 34.28
N TRP B 270 46.68 -1.68 33.42
CA TRP B 270 46.95 -1.46 32.01
C TRP B 270 45.86 -1.91 31.04
N ALA B 271 45.72 -1.07 29.99
CA ALA B 271 44.97 -1.47 28.83
C ALA B 271 45.74 -1.21 27.52
N VAL B 272 45.52 -2.09 26.56
CA VAL B 272 46.24 -2.00 25.32
C VAL B 272 45.30 -1.73 24.15
N ALA B 273 45.41 -0.55 23.54
CA ALA B 273 44.70 -0.24 22.31
C ALA B 273 45.42 -0.74 21.06
N SER B 274 44.68 -1.37 20.19
CA SER B 274 45.15 -2.03 18.97
C SER B 274 44.90 -1.21 17.71
N MET B 275 45.99 -0.92 16.94
CA MET B 275 45.80 -0.16 15.70
C MET B 275 46.22 -0.96 14.49
N ARG B 276 45.24 -1.34 13.76
CA ARG B 276 45.43 -2.21 12.61
C ARG B 276 46.50 -1.62 11.69
N LEU B 277 46.29 -0.43 11.12
CA LEU B 277 46.93 -0.12 9.86
C LEU B 277 48.39 0.27 10.14
N PRO B 278 48.73 0.95 11.26
CA PRO B 278 50.15 1.20 11.61
C PRO B 278 50.77 0.03 12.37
N GLY B 279 50.14 -1.15 12.36
CA GLY B 279 50.58 -2.30 13.16
C GLY B 279 51.36 -1.89 14.38
N VAL B 280 50.66 -1.26 15.31
CA VAL B 280 51.15 -1.10 16.68
C VAL B 280 49.97 -1.35 17.58
N CYS B 281 50.31 -1.57 18.88
CA CYS B 281 49.49 -1.51 20.06
C CYS B 281 49.99 -0.47 21.07
N VAL B 282 49.06 0.30 21.62
CA VAL B 282 49.49 1.28 22.59
C VAL B 282 48.96 0.94 23.98
N VAL B 283 49.90 0.82 24.95
CA VAL B 283 49.72 0.51 26.36
C VAL B 283 49.36 1.77 27.13
N PHE B 284 48.17 1.74 27.76
CA PHE B 284 47.56 2.83 28.51
C PHE B 284 47.63 2.62 30.01
N ASP B 285 48.16 3.61 30.72
CA ASP B 285 47.90 3.71 32.16
C ASP B 285 46.42 4.15 32.30
N ARG B 286 45.59 3.17 32.63
CA ARG B 286 44.15 3.37 32.95
C ARG B 286 43.93 4.34 34.12
N GLU B 287 44.62 4.20 35.26
CA GLU B 287 44.17 5.06 36.36
C GLU B 287 44.65 6.50 36.17
N ASN B 288 45.82 6.63 35.58
CA ASN B 288 46.51 7.90 35.46
C ASN B 288 46.14 8.50 34.11
N GLN B 289 45.28 7.80 33.37
CA GLN B 289 44.97 8.05 31.97
C GLN B 289 46.13 8.70 31.22
N VAL B 290 47.17 7.89 30.99
CA VAL B 290 48.20 8.31 30.04
C VAL B 290 48.68 7.11 29.19
N PRO B 291 49.22 7.34 27.97
CA PRO B 291 49.71 6.23 27.18
C PRO B 291 51.11 6.07 27.79
N VAL B 292 51.63 4.83 27.81
CA VAL B 292 52.99 4.66 28.37
C VAL B 292 53.95 3.81 27.48
N ALA B 293 53.53 3.22 26.33
CA ALA B 293 54.39 2.43 25.42
C ALA B 293 53.64 2.20 24.13
N VAL B 294 54.34 1.86 23.03
CA VAL B 294 53.75 1.52 21.75
C VAL B 294 54.53 0.31 21.30
N LEU B 295 53.83 -0.83 21.16
CA LEU B 295 54.44 -2.11 20.92
C LEU B 295 54.51 -2.26 19.42
N ALA B 296 55.68 -2.67 18.87
CA ALA B 296 55.81 -2.73 17.40
C ALA B 296 55.47 -4.11 16.86
N GLY B 297 54.44 -4.21 15.97
CA GLY B 297 53.91 -5.45 15.39
C GLY B 297 54.91 -6.28 14.55
N PRO B 298 55.18 -5.82 13.30
CA PRO B 298 55.64 -6.67 12.19
C PRO B 298 56.96 -7.32 12.62
N LYS B 299 57.02 -8.62 12.31
CA LYS B 299 58.35 -9.25 12.47
C LYS B 299 59.45 -8.47 11.71
N GLY B 300 60.40 -7.94 12.49
CA GLY B 300 61.78 -7.57 12.18
C GLY B 300 61.99 -6.21 12.83
N THR B 301 60.86 -5.53 13.04
CA THR B 301 60.83 -4.40 13.95
C THR B 301 61.43 -4.64 15.35
N PRO B 302 61.85 -3.56 15.97
CA PRO B 302 62.05 -3.61 17.42
C PRO B 302 60.82 -4.11 18.20
N SER B 303 61.09 -4.44 19.44
CA SER B 303 60.09 -4.47 20.50
C SER B 303 59.12 -3.31 20.43
N GLN B 304 59.55 -2.03 20.31
CA GLN B 304 58.67 -0.94 20.73
C GLN B 304 59.06 0.29 19.90
N PHE B 305 58.13 1.20 19.60
CA PHE B 305 58.45 2.57 19.18
C PHE B 305 58.49 3.55 20.35
N GLN B 306 59.06 4.74 20.13
CA GLN B 306 59.29 5.73 21.17
C GLN B 306 58.05 6.64 21.30
N LEU B 307 57.53 6.68 22.51
CA LEU B 307 56.40 7.55 22.89
C LEU B 307 56.98 8.89 23.25
N VAL B 308 56.52 9.87 22.49
CA VAL B 308 56.83 11.25 22.71
C VAL B 308 55.58 12.00 23.19
N LYS B 309 55.79 12.84 24.21
CA LYS B 309 54.75 13.70 24.75
C LYS B 309 54.77 15.14 24.19
N VAL B 310 53.66 15.55 23.55
CA VAL B 310 53.59 16.96 23.15
C VAL B 310 52.99 17.78 24.33
N ASP B 311 51.75 17.51 24.79
CA ASP B 311 51.41 18.18 26.07
C ASP B 311 50.62 17.26 27.00
N ASP B 312 49.97 17.87 28.01
CA ASP B 312 48.99 17.18 28.85
C ASP B 312 48.01 16.22 28.16
N ASP B 313 47.76 16.40 26.88
CA ASP B 313 46.72 15.65 26.21
C ASP B 313 47.11 15.21 24.84
N THR B 314 48.43 15.23 24.55
CA THR B 314 48.82 14.85 23.19
C THR B 314 50.19 14.22 23.25
N TRP B 315 50.27 12.95 22.80
CA TRP B 315 51.54 12.25 22.60
C TRP B 315 51.60 11.94 21.12
N THR B 316 52.79 11.62 20.63
CA THR B 316 52.98 11.07 19.29
C THR B 316 53.97 9.87 19.29
N VAL B 317 53.84 9.02 18.26
CA VAL B 317 54.79 7.97 17.90
C VAL B 317 55.19 8.02 16.43
N ASP B 318 56.51 7.81 16.17
CA ASP B 318 57.07 7.87 14.84
C ASP B 318 57.26 6.45 14.30
N ILE B 319 56.51 6.09 13.26
CA ILE B 319 56.62 4.75 12.72
C ILE B 319 57.41 4.82 11.41
N PRO B 320 58.68 4.37 11.28
CA PRO B 320 59.42 4.60 10.03
C PRO B 320 58.79 4.02 8.78
N GLU B 321 58.28 2.79 8.89
CA GLU B 321 57.57 2.18 7.81
C GLU B 321 56.50 1.23 8.39
N VAL B 322 55.58 0.80 7.54
CA VAL B 322 54.65 -0.21 8.03
C VAL B 322 54.75 -1.45 7.16
N ILE B 323 55.53 -2.43 7.67
CA ILE B 323 55.79 -3.71 6.99
C ILE B 323 54.50 -4.52 6.97
N SER B 324 53.78 -4.60 8.12
CA SER B 324 52.51 -5.33 8.02
C SER B 324 51.45 -4.64 8.87
N ALA B 325 50.15 -4.78 8.52
CA ALA B 325 49.08 -4.48 9.46
C ALA B 325 48.88 -5.54 10.55
N GLY B 326 48.46 -5.10 11.75
CA GLY B 326 48.14 -5.97 12.87
C GLY B 326 46.61 -6.15 12.94
N HIS B 327 46.12 -7.16 13.69
CA HIS B 327 44.73 -7.23 14.13
C HIS B 327 44.64 -7.66 15.59
N GLN B 328 44.54 -8.98 15.83
CA GLN B 328 44.30 -9.49 17.17
C GLN B 328 45.41 -9.24 18.19
N ALA B 329 44.97 -8.75 19.37
CA ALA B 329 45.78 -8.39 20.51
C ALA B 329 45.13 -8.84 21.83
N GLY B 330 45.94 -9.42 22.72
CA GLY B 330 45.65 -9.69 24.13
C GLY B 330 46.67 -10.56 24.85
N PHE B 331 46.44 -10.58 26.18
CA PHE B 331 47.25 -11.18 27.26
C PHE B 331 46.80 -12.64 27.50
N SER B 332 47.75 -13.61 27.56
CA SER B 332 47.64 -14.78 28.41
C SER B 332 46.98 -14.48 29.78
N PRO B 333 46.23 -15.45 30.36
CA PRO B 333 45.42 -15.29 31.57
C PRO B 333 46.11 -14.84 32.84
N ASP B 334 47.45 -15.07 32.96
CA ASP B 334 48.31 -14.63 34.04
C ASP B 334 49.05 -13.39 33.58
N GLY B 335 48.72 -12.86 32.42
CA GLY B 335 49.27 -11.56 31.98
C GLY B 335 50.79 -11.58 31.71
N GLN B 336 51.45 -12.76 31.72
CA GLN B 336 52.91 -12.78 31.63
C GLN B 336 53.40 -12.67 30.18
N SER B 337 52.46 -12.68 29.22
CA SER B 337 52.65 -12.70 27.77
C SER B 337 51.61 -11.78 27.10
N PHE B 338 52.09 -10.85 26.22
CA PHE B 338 51.25 -10.06 25.34
C PHE B 338 51.43 -10.59 23.91
N LEU B 339 50.31 -10.77 23.22
CA LEU B 339 50.22 -11.16 21.81
C LEU B 339 49.61 -10.11 20.88
N PHE B 340 50.22 -9.95 19.69
CA PHE B 340 49.64 -9.19 18.59
C PHE B 340 49.83 -9.87 17.22
N MET B 341 48.73 -10.14 16.55
CA MET B 341 48.81 -10.80 15.26
C MET B 341 48.96 -9.88 14.07
N ASN B 342 50.12 -10.04 13.46
CA ASN B 342 50.33 -9.70 12.07
C ASN B 342 49.56 -10.61 11.13
N SER B 343 48.84 -9.92 10.22
CA SER B 343 47.92 -10.48 9.24
C SER B 343 48.16 -9.84 7.91
N LEU B 344 47.86 -10.68 6.92
CA LEU B 344 47.89 -10.46 5.48
C LEU B 344 49.30 -10.36 4.88
N ARG B 345 49.99 -9.21 5.08
CA ARG B 345 51.31 -9.05 4.47
C ARG B 345 52.33 -9.90 5.23
N GLN B 346 52.31 -9.79 6.56
CA GLN B 346 52.74 -10.98 7.30
C GLN B 346 51.60 -11.69 8.05
N ASN B 347 51.72 -13.02 8.22
CA ASN B 347 50.81 -13.86 9.01
C ASN B 347 51.55 -14.59 10.14
N ASN B 348 51.59 -14.02 11.35
CA ASN B 348 52.14 -14.78 12.44
C ASN B 348 51.71 -14.28 13.82
N ILE B 349 52.28 -14.84 14.89
CA ILE B 349 51.90 -14.23 16.20
C ILE B 349 53.10 -13.56 16.87
N MET B 350 52.99 -12.25 17.07
CA MET B 350 54.10 -11.58 17.68
C MET B 350 53.87 -11.58 19.19
N VAL B 351 54.89 -11.93 19.95
CA VAL B 351 54.79 -12.26 21.37
C VAL B 351 55.83 -11.56 22.24
N TRP B 352 55.45 -10.88 23.35
CA TRP B 352 56.36 -10.16 24.21
C TRP B 352 56.29 -10.75 25.59
N ASP B 353 57.36 -10.60 26.37
CA ASP B 353 57.39 -10.68 27.81
C ASP B 353 56.83 -9.43 28.50
N SER B 354 55.52 -9.54 28.93
CA SER B 354 54.84 -8.57 29.79
C SER B 354 54.93 -8.86 31.29
N SER B 355 55.70 -9.88 31.67
CA SER B 355 56.12 -10.24 33.00
C SER B 355 56.25 -9.06 33.94
N ASN B 356 56.77 -7.95 33.43
CA ASN B 356 57.05 -6.84 34.33
C ASN B 356 55.78 -6.00 34.44
N HIS B 357 55.13 -6.03 35.61
CA HIS B 357 53.81 -5.44 35.66
C HIS B 357 53.96 -3.96 35.99
N ASP B 358 55.15 -3.59 36.43
CA ASP B 358 55.25 -2.22 36.88
C ASP B 358 55.73 -1.37 35.74
N ASP B 359 56.04 -1.93 34.55
CA ASP B 359 56.65 -1.05 33.58
C ASP B 359 56.57 -1.59 32.16
N PRO B 360 55.45 -1.27 31.48
CA PRO B 360 55.33 -1.63 30.05
C PRO B 360 56.39 -1.17 29.05
N THR B 361 57.15 -0.12 29.40
CA THR B 361 58.18 0.29 28.44
C THR B 361 59.30 -0.76 28.36
N THR B 362 59.30 -1.71 29.32
CA THR B 362 60.31 -2.75 29.31
C THR B 362 59.88 -4.05 28.66
N TRP B 363 58.62 -4.15 28.21
CA TRP B 363 58.17 -5.37 27.54
C TRP B 363 58.89 -5.64 26.20
N GLU B 364 59.62 -6.77 26.14
CA GLU B 364 60.47 -7.02 24.98
C GLU B 364 59.97 -8.19 24.13
N LYS B 365 60.30 -8.23 22.82
CA LYS B 365 59.85 -9.31 21.96
C LYS B 365 60.45 -10.62 22.47
N LYS B 366 59.62 -11.67 22.53
CA LYS B 366 59.95 -12.89 23.24
C LYS B 366 59.96 -14.08 22.26
N ALA B 367 59.17 -13.98 21.23
CA ALA B 367 59.05 -15.06 20.26
C ALA B 367 58.06 -14.62 19.20
N VAL B 368 57.99 -15.46 18.16
CA VAL B 368 57.06 -15.25 17.09
C VAL B 368 56.55 -16.60 16.62
N VAL B 369 55.28 -16.71 16.19
CA VAL B 369 54.73 -18.03 15.91
C VAL B 369 54.46 -18.04 14.42
N GLU B 370 55.23 -18.84 13.70
CA GLU B 370 54.95 -18.94 12.27
C GLU B 370 54.80 -20.42 12.01
N SER B 371 54.50 -20.74 10.78
CA SER B 371 53.85 -21.98 10.40
C SER B 371 53.54 -21.89 8.93
N PRO B 372 53.76 -22.98 8.18
CA PRO B 372 53.21 -23.11 6.83
C PRO B 372 51.67 -23.01 6.80
N ASP B 373 50.98 -23.25 7.93
CA ASP B 373 49.51 -23.15 8.02
C ASP B 373 49.07 -21.81 7.44
N TRP B 374 49.84 -20.78 7.78
CA TRP B 374 49.61 -19.44 7.28
C TRP B 374 50.22 -19.33 5.89
N ARG B 375 49.55 -19.97 4.94
CA ARG B 375 50.05 -20.29 3.60
C ARG B 375 50.40 -19.03 2.82
N GLY B 376 49.34 -18.32 2.42
CA GLY B 376 49.49 -17.08 1.67
C GLY B 376 48.99 -15.86 2.43
N ALA B 377 48.44 -14.92 1.68
CA ALA B 377 47.83 -13.73 2.28
C ALA B 377 46.74 -14.16 3.27
N TYR B 378 46.11 -15.30 2.96
CA TYR B 378 45.14 -15.94 3.82
C TYR B 378 45.59 -17.35 4.09
N PRO B 379 45.39 -17.83 5.35
CA PRO B 379 44.38 -17.28 6.31
C PRO B 379 44.67 -16.07 7.20
N ASN B 380 43.64 -15.41 7.78
CA ASN B 380 44.05 -14.55 8.90
C ASN B 380 43.56 -15.07 10.24
N THR B 381 44.37 -14.83 11.28
CA THR B 381 44.12 -15.10 12.71
C THR B 381 43.61 -13.86 13.49
N PHE B 382 42.24 -13.68 13.53
CA PHE B 382 41.60 -12.51 14.13
C PHE B 382 41.17 -12.71 15.58
N HIS B 383 41.07 -13.99 16.05
CA HIS B 383 40.51 -14.27 17.37
C HIS B 383 41.28 -15.38 18.08
N MET B 384 41.17 -15.37 19.42
CA MET B 384 41.91 -16.29 20.24
C MET B 384 41.25 -16.40 21.60
N VAL B 385 41.27 -17.63 22.16
CA VAL B 385 41.16 -17.82 23.58
C VAL B 385 42.28 -18.78 24.07
N PHE B 386 42.79 -18.51 25.28
CA PHE B 386 43.73 -19.35 26.01
C PHE B 386 43.05 -20.49 26.78
N THR B 387 43.84 -21.48 27.27
CA THR B 387 43.43 -22.30 28.41
C THR B 387 43.70 -21.56 29.72
N PRO B 388 42.94 -21.94 30.79
CA PRO B 388 43.10 -21.35 32.10
C PRO B 388 44.57 -21.35 32.55
N ASP B 389 45.33 -22.35 32.09
CA ASP B 389 46.68 -22.63 32.65
C ASP B 389 47.82 -22.03 31.84
N ALA B 390 47.46 -20.96 31.08
CA ALA B 390 48.16 -20.27 30.03
C ALA B 390 49.06 -21.22 29.17
N LYS B 391 48.89 -22.55 29.13
CA LYS B 391 49.71 -23.40 28.25
C LYS B 391 49.29 -23.49 26.76
N LYS B 392 48.01 -23.42 26.40
CA LYS B 392 47.58 -23.47 25.03
C LYS B 392 46.63 -22.30 24.79
N ILE B 393 46.47 -22.05 23.50
CA ILE B 393 45.61 -21.08 22.83
C ILE B 393 44.99 -21.78 21.64
N TYR B 394 43.74 -21.38 21.34
CA TYR B 394 43.09 -21.84 20.12
C TYR B 394 42.86 -20.55 19.34
N VAL B 395 43.18 -20.57 18.04
CA VAL B 395 43.27 -19.32 17.31
C VAL B 395 42.51 -19.58 16.05
N THR B 396 41.95 -18.52 15.44
CA THR B 396 41.06 -18.76 14.32
C THR B 396 41.77 -18.70 12.97
N MET B 397 41.32 -19.49 12.04
CA MET B 397 41.88 -19.39 10.71
C MET B 397 40.82 -18.87 9.75
N TRP B 398 40.91 -17.61 9.26
CA TRP B 398 39.94 -17.03 8.34
C TRP B 398 40.40 -16.94 6.89
N TRP B 399 39.64 -17.59 6.04
CA TRP B 399 39.63 -17.29 4.62
C TRP B 399 38.27 -16.73 4.18
N PRO B 400 38.29 -15.87 3.13
CA PRO B 400 37.11 -15.63 2.32
C PRO B 400 36.68 -16.94 1.71
N SER B 401 35.41 -16.99 1.34
CA SER B 401 34.78 -18.13 0.75
C SER B 401 35.41 -18.51 -0.62
N PRO B 402 35.44 -19.76 -1.11
CA PRO B 402 35.06 -20.97 -0.37
C PRO B 402 36.06 -21.74 0.47
N THR B 403 37.18 -21.13 0.85
CA THR B 403 38.26 -21.86 1.51
C THR B 403 37.94 -22.34 2.94
N PRO B 404 37.99 -23.66 3.22
CA PRO B 404 37.69 -24.12 4.59
C PRO B 404 38.26 -23.28 5.76
N ASN B 405 37.38 -22.68 6.55
CA ASN B 405 37.86 -21.94 7.72
C ASN B 405 38.05 -22.90 8.89
N GLY B 406 38.96 -22.65 9.82
CA GLY B 406 39.06 -23.60 10.93
C GLY B 406 39.65 -22.97 12.18
N ILE B 407 40.25 -23.84 13.03
CA ILE B 407 40.90 -23.47 14.26
C ILE B 407 42.28 -24.08 14.19
N ALA B 408 43.24 -23.38 14.77
CA ALA B 408 44.56 -24.02 14.87
C ALA B 408 44.95 -23.87 16.32
N VAL B 409 45.69 -24.85 16.86
CA VAL B 409 45.91 -24.93 18.30
C VAL B 409 47.38 -24.63 18.56
N ILE B 410 47.64 -23.70 19.50
CA ILE B 410 48.94 -23.12 19.77
C ILE B 410 49.49 -23.62 21.09
N ASP B 411 50.74 -24.05 20.98
CA ASP B 411 51.44 -24.42 22.16
C ASP B 411 52.11 -23.15 22.68
N ALA B 412 51.63 -22.70 23.84
CA ALA B 412 51.85 -21.34 24.29
C ALA B 412 53.07 -21.31 25.19
N VAL B 413 53.68 -22.46 25.38
CA VAL B 413 54.87 -22.62 26.21
C VAL B 413 56.12 -22.60 25.32
N ASN B 414 56.09 -23.23 24.14
CA ASN B 414 57.19 -23.34 23.21
C ASN B 414 56.98 -22.43 21.99
N TRP B 415 55.73 -21.92 21.84
CA TRP B 415 55.23 -21.04 20.79
C TRP B 415 55.30 -21.66 19.38
N GLU B 416 54.63 -22.81 19.08
CA GLU B 416 54.51 -23.35 17.72
C GLU B 416 53.04 -23.74 17.49
N VAL B 417 52.59 -24.00 16.23
CA VAL B 417 51.32 -24.65 15.96
C VAL B 417 51.44 -26.16 16.24
N LEU B 418 50.59 -26.71 17.13
CA LEU B 418 50.36 -28.13 17.34
C LEU B 418 49.58 -28.79 16.21
N LYS B 419 48.36 -28.28 15.88
CA LYS B 419 47.56 -28.79 14.77
C LYS B 419 46.58 -27.73 14.28
N GLU B 420 45.78 -28.14 13.32
CA GLU B 420 44.74 -27.34 12.73
C GLU B 420 43.64 -28.31 12.31
N VAL B 421 42.41 -27.79 12.40
CA VAL B 421 41.15 -28.50 12.15
C VAL B 421 40.39 -27.59 11.19
N ASP B 422 39.93 -28.17 10.10
CA ASP B 422 39.04 -27.53 9.16
C ASP B 422 37.60 -27.70 9.63
N LEU B 423 36.77 -26.68 9.40
CA LEU B 423 35.39 -26.69 9.95
C LEU B 423 34.42 -26.21 8.89
N GLY B 424 34.60 -24.98 8.39
CA GLY B 424 33.54 -24.59 7.50
C GLY B 424 33.65 -23.12 7.10
N PRO B 425 32.59 -22.54 6.52
CA PRO B 425 32.61 -21.15 6.02
C PRO B 425 32.68 -20.16 7.19
N ASP B 426 33.57 -19.17 7.02
CA ASP B 426 33.50 -17.96 7.81
C ASP B 426 33.63 -18.30 9.30
N MET B 427 34.79 -18.78 9.79
CA MET B 427 35.08 -18.76 11.22
C MET B 427 35.18 -17.35 11.85
N HIS B 428 34.72 -17.21 13.11
CA HIS B 428 34.93 -15.99 13.90
C HIS B 428 35.43 -16.33 15.27
N THR B 429 34.58 -16.12 16.29
CA THR B 429 35.17 -15.97 17.59
C THR B 429 35.28 -17.32 18.28
N LEU B 430 36.00 -17.29 19.40
CA LEU B 430 36.15 -18.46 20.25
C LEU B 430 36.08 -18.12 21.71
N ALA B 431 35.51 -19.06 22.43
CA ALA B 431 35.45 -18.90 23.87
C ALA B 431 35.75 -20.27 24.47
N ILE B 432 35.94 -20.31 25.75
CA ILE B 432 36.25 -21.57 26.41
C ILE B 432 35.45 -21.72 27.69
N THR B 433 34.97 -22.97 27.88
CA THR B 433 34.51 -23.31 29.23
C THR B 433 35.58 -22.99 30.28
N TYR B 434 35.10 -22.59 31.48
CA TYR B 434 35.94 -21.99 32.51
C TYR B 434 36.67 -23.12 33.24
N ASP B 435 36.15 -24.35 33.16
CA ASP B 435 36.83 -25.52 33.69
C ASP B 435 37.95 -25.90 32.70
N GLY B 436 37.92 -25.25 31.52
CA GLY B 436 38.94 -25.28 30.48
C GLY B 436 38.79 -26.44 29.51
N LYS B 437 37.61 -27.08 29.47
CA LYS B 437 37.39 -28.38 28.87
C LYS B 437 37.09 -28.36 27.39
N PHE B 438 36.23 -27.41 26.90
CA PHE B 438 35.60 -27.30 25.60
C PHE B 438 35.74 -25.87 25.11
N VAL B 439 36.06 -25.81 23.83
CA VAL B 439 36.18 -24.57 23.11
C VAL B 439 34.86 -24.45 22.35
N VAL B 440 34.39 -23.26 22.16
CA VAL B 440 33.03 -23.15 21.61
C VAL B 440 33.09 -21.84 20.85
N GLY B 441 33.13 -21.96 19.51
CA GLY B 441 33.21 -20.85 18.55
C GLY B 441 31.93 -20.69 17.69
N THR B 442 31.89 -19.63 16.86
CA THR B 442 30.79 -19.34 15.94
C THR B 442 31.35 -19.12 14.52
N LEU B 443 30.82 -19.88 13.61
CA LEU B 443 30.93 -19.81 12.17
C LEU B 443 29.65 -19.20 11.64
N SER B 444 29.70 -18.34 10.61
CA SER B 444 28.69 -17.28 10.53
C SER B 444 28.28 -16.94 9.10
N GLY B 445 28.43 -17.91 8.16
CA GLY B 445 28.06 -17.91 6.74
C GLY B 445 28.30 -16.69 5.84
N TYR B 446 29.29 -15.85 6.12
CA TYR B 446 29.51 -14.57 5.38
C TYR B 446 28.21 -13.74 5.30
N GLN B 447 27.43 -13.78 6.43
CA GLN B 447 26.02 -13.28 6.52
C GLN B 447 24.99 -13.76 5.48
N ASN B 448 25.27 -14.79 4.63
CA ASN B 448 24.29 -15.31 3.67
C ASN B 448 24.28 -16.84 3.60
N THR B 449 25.36 -17.51 4.11
CA THR B 449 25.40 -18.97 3.98
C THR B 449 25.48 -19.64 5.34
N ALA B 450 26.18 -20.80 5.43
CA ALA B 450 26.06 -21.70 6.58
C ALA B 450 26.60 -21.08 7.88
N SER B 451 25.91 -21.33 8.98
CA SER B 451 26.37 -20.78 10.29
C SER B 451 26.15 -21.91 11.27
N ALA B 452 27.07 -22.07 12.22
CA ALA B 452 27.17 -23.10 13.27
C ALA B 452 27.54 -22.45 14.58
N ILE B 453 27.25 -23.17 15.66
CA ILE B 453 28.11 -23.19 16.81
C ILE B 453 29.06 -24.37 16.60
N VAL B 454 30.35 -24.19 16.86
CA VAL B 454 31.27 -25.35 16.96
C VAL B 454 31.73 -25.68 18.40
N VAL B 455 31.64 -26.96 18.85
CA VAL B 455 32.29 -27.35 20.09
C VAL B 455 33.60 -28.17 19.86
N MET B 456 34.66 -27.91 20.61
CA MET B 456 35.90 -28.71 20.49
C MET B 456 36.53 -29.02 21.85
N GLU B 457 36.82 -30.28 22.14
CA GLU B 457 37.37 -30.61 23.44
C GLU B 457 38.90 -30.34 23.45
N THR B 458 39.36 -29.74 24.53
CA THR B 458 40.74 -29.33 24.73
C THR B 458 41.62 -30.54 25.00
N GLU B 459 40.94 -31.68 25.27
CA GLU B 459 41.74 -32.69 25.92
C GLU B 459 42.67 -33.30 24.87
N THR B 460 42.06 -33.76 23.76
CA THR B 460 42.76 -34.28 22.59
C THR B 460 42.46 -33.50 21.31
N ASP B 461 42.01 -32.24 21.46
CA ASP B 461 41.69 -31.36 20.35
C ASP B 461 40.88 -31.97 19.23
N GLU B 462 39.72 -32.60 19.53
CA GLU B 462 38.80 -33.17 18.56
C GLU B 462 37.56 -32.28 18.47
N VAL B 463 37.10 -32.01 17.25
CA VAL B 463 35.85 -31.32 16.99
C VAL B 463 34.68 -32.25 17.32
N LEU B 464 34.02 -31.99 18.43
CA LEU B 464 32.90 -32.82 18.83
C LEU B 464 31.68 -32.51 17.94
N GLY B 465 31.71 -31.40 17.19
CA GLY B 465 30.66 -31.22 16.17
C GLY B 465 29.96 -29.87 16.35
N PHE B 466 28.74 -29.70 15.77
CA PHE B 466 28.12 -28.39 15.54
C PHE B 466 26.64 -28.36 15.95
N LEU B 467 26.18 -27.14 16.24
CA LEU B 467 24.81 -26.80 16.69
C LEU B 467 24.21 -25.64 15.91
N PRO B 468 22.92 -25.74 15.50
CA PRO B 468 22.25 -24.68 14.76
C PRO B 468 22.48 -23.31 15.39
N SER B 469 22.73 -22.38 14.49
CA SER B 469 22.99 -21.01 14.85
C SER B 469 22.67 -20.13 13.65
N PRO B 470 21.36 -19.76 13.44
CA PRO B 470 20.91 -18.93 12.31
C PRO B 470 21.08 -17.40 12.54
N MET B 471 22.35 -17.01 12.62
CA MET B 471 22.85 -15.69 13.03
C MET B 471 24.27 -15.57 12.44
N GLY B 472 24.77 -14.37 12.09
CA GLY B 472 26.17 -14.27 11.68
C GLY B 472 27.01 -13.57 12.73
N HIS B 473 27.23 -14.23 13.89
CA HIS B 473 28.10 -13.94 15.01
C HIS B 473 29.49 -13.42 14.59
N HIS B 474 29.76 -12.19 15.07
CA HIS B 474 31.11 -11.60 15.18
C HIS B 474 31.65 -11.53 16.58
N ASP B 475 31.15 -12.40 17.48
CA ASP B 475 31.38 -12.35 18.88
C ASP B 475 30.62 -13.53 19.47
N ASN B 476 31.10 -13.99 20.58
CA ASN B 476 30.46 -15.08 21.30
C ASN B 476 31.19 -15.17 22.63
N VAL B 477 30.43 -15.29 23.74
CA VAL B 477 31.13 -15.57 24.97
C VAL B 477 30.44 -16.67 25.76
N ILE B 478 31.12 -17.13 26.80
CA ILE B 478 30.47 -18.01 27.74
C ILE B 478 30.36 -17.10 28.96
N VAL B 479 29.18 -17.09 29.65
CA VAL B 479 29.07 -16.34 30.91
C VAL B 479 30.01 -16.79 32.02
N PRO B 480 30.84 -15.85 32.47
CA PRO B 480 31.79 -16.07 33.55
C PRO B 480 31.05 -15.86 34.85
N ARG B 481 31.50 -16.57 35.90
CA ARG B 481 31.08 -16.36 37.29
C ARG B 481 32.00 -15.50 38.11
N THR B 482 33.29 -15.72 37.90
CA THR B 482 34.33 -15.15 38.73
C THR B 482 35.11 -14.13 37.90
N LEU B 483 35.87 -13.32 38.63
CA LEU B 483 36.80 -12.34 38.08
C LEU B 483 37.90 -13.10 37.38
N GLU B 484 38.38 -14.20 38.02
CA GLU B 484 39.37 -15.08 37.42
C GLU B 484 38.83 -15.71 36.13
N ASP B 485 37.49 -15.95 35.99
CA ASP B 485 36.99 -16.55 34.76
C ASP B 485 37.22 -15.58 33.62
N LEU B 486 37.14 -14.27 33.92
CA LEU B 486 37.17 -13.22 32.89
C LEU B 486 38.44 -13.33 32.08
N ARG B 487 39.48 -13.71 32.82
CA ARG B 487 40.86 -13.63 32.41
C ARG B 487 40.89 -14.43 31.12
N ILE B 488 39.91 -15.31 30.94
CA ILE B 488 39.83 -16.06 29.68
C ILE B 488 38.50 -15.84 28.96
N SER B 489 38.11 -14.57 28.83
CA SER B 489 36.81 -14.20 28.29
C SER B 489 37.06 -12.85 27.64
N ARG B 490 36.00 -12.13 27.25
CA ARG B 490 36.22 -10.97 26.41
C ARG B 490 36.65 -9.90 27.38
N SER B 491 37.94 -9.87 27.68
CA SER B 491 38.49 -8.89 28.60
C SER B 491 39.98 -8.69 28.28
N THR B 492 40.62 -9.86 28.20
CA THR B 492 42.05 -10.04 27.96
C THR B 492 42.28 -10.26 26.46
N THR B 493 41.31 -10.74 25.64
CA THR B 493 41.54 -11.07 24.21
C THR B 493 40.20 -10.86 23.52
N THR B 494 40.16 -11.00 22.20
CA THR B 494 38.98 -10.79 21.37
C THR B 494 38.88 -12.00 20.45
N LYS C 28 -14.31 44.20 -31.21
CA LYS C 28 -13.44 43.46 -32.21
C LYS C 28 -13.53 41.94 -31.96
N TYR C 29 -13.36 41.49 -30.70
CA TYR C 29 -13.40 40.06 -30.34
C TYR C 29 -14.82 39.52 -30.17
N VAL C 30 -15.00 38.20 -30.42
CA VAL C 30 -16.24 37.45 -30.16
C VAL C 30 -16.31 37.02 -28.71
N LYS C 31 -17.41 37.43 -28.04
CA LYS C 31 -17.68 37.05 -26.68
C LYS C 31 -18.63 35.90 -26.88
N VAL C 32 -18.40 34.80 -26.17
CA VAL C 32 -19.30 33.67 -26.32
C VAL C 32 -20.62 33.99 -25.60
N GLN C 33 -20.58 34.85 -24.57
CA GLN C 33 -21.75 35.51 -24.02
C GLN C 33 -22.85 35.76 -25.04
N ASP C 34 -22.51 36.34 -26.22
CA ASP C 34 -23.39 36.53 -27.36
C ASP C 34 -24.15 35.27 -27.76
N PHE C 35 -23.61 34.11 -27.43
CA PHE C 35 -24.27 32.90 -27.87
C PHE C 35 -25.30 32.57 -26.82
N TYR C 36 -24.86 32.65 -25.55
CA TYR C 36 -25.73 32.44 -24.39
C TYR C 36 -26.91 33.40 -24.35
N ASP C 37 -26.65 34.70 -24.55
CA ASP C 37 -27.73 35.69 -24.54
C ASP C 37 -28.97 35.24 -25.27
N GLN C 38 -28.74 34.66 -26.44
CA GLN C 38 -29.78 34.28 -27.33
C GLN C 38 -30.69 33.16 -26.81
N LEU C 39 -30.19 32.20 -26.04
CA LEU C 39 -30.95 31.00 -25.69
C LEU C 39 -32.14 31.18 -24.73
N GLY C 40 -32.02 32.08 -23.78
CA GLY C 40 -32.98 32.27 -22.68
C GLY C 40 -32.41 31.84 -21.35
N LYS C 41 -33.12 32.24 -20.26
CA LYS C 41 -32.95 31.76 -18.90
C LYS C 41 -33.56 30.36 -18.73
N TYR C 42 -32.69 29.38 -19.02
CA TYR C 42 -33.01 27.95 -18.99
C TYR C 42 -31.76 27.20 -18.54
N VAL C 43 -32.09 26.05 -17.91
CA VAL C 43 -31.24 25.31 -16.99
C VAL C 43 -31.32 23.87 -17.48
N LEU C 44 -30.16 23.40 -17.94
CA LEU C 44 -30.15 22.10 -18.57
C LEU C 44 -29.58 21.20 -17.49
N VAL C 45 -30.10 19.97 -17.38
CA VAL C 45 -29.60 19.03 -16.42
C VAL C 45 -29.46 17.69 -17.17
N ALA C 46 -28.31 17.04 -16.96
CA ALA C 46 -27.83 15.79 -17.60
C ALA C 46 -27.06 14.96 -16.57
N PRO C 47 -27.42 13.65 -16.47
CA PRO C 47 -26.56 12.70 -15.78
C PRO C 47 -25.45 12.34 -16.78
N GLY C 48 -24.54 11.51 -16.38
CA GLY C 48 -23.47 11.19 -17.32
C GLY C 48 -22.89 9.80 -17.12
N LYS C 49 -23.78 8.91 -16.64
CA LYS C 49 -23.52 7.49 -16.77
C LYS C 49 -22.13 7.21 -16.14
N PHE C 50 -21.20 6.70 -16.93
CA PHE C 50 -19.86 6.31 -16.45
C PHE C 50 -19.13 7.40 -15.70
N SER C 51 -19.25 8.71 -16.04
CA SER C 51 -18.79 9.79 -15.17
C SER C 51 -18.98 9.58 -13.67
N GLY C 52 -20.07 8.93 -13.30
CA GLY C 52 -20.60 8.96 -11.93
C GLY C 52 -21.10 10.35 -11.46
N THR C 53 -21.39 11.28 -12.41
CA THR C 53 -21.81 12.61 -12.04
C THR C 53 -23.23 12.91 -12.59
N VAL C 54 -23.82 13.98 -12.04
CA VAL C 54 -24.94 14.77 -12.57
C VAL C 54 -24.61 16.29 -12.57
N ALA C 55 -24.98 17.04 -13.61
CA ALA C 55 -24.87 18.51 -13.49
C ALA C 55 -26.00 19.29 -14.19
N ALA C 56 -26.23 20.49 -13.60
CA ALA C 56 -27.05 21.57 -14.11
C ALA C 56 -26.19 22.66 -14.73
N THR C 57 -26.53 23.03 -15.98
CA THR C 57 -25.97 24.21 -16.70
C THR C 57 -27.00 25.34 -16.91
N ASP C 58 -26.54 26.59 -16.69
CA ASP C 58 -27.05 27.84 -17.17
C ASP C 58 -26.78 28.17 -18.64
N LEU C 59 -27.71 27.81 -19.52
CA LEU C 59 -27.60 28.04 -20.95
C LEU C 59 -27.45 29.54 -21.22
N SER C 60 -27.72 30.32 -20.13
CA SER C 60 -27.93 31.78 -20.17
C SER C 60 -26.59 32.50 -20.00
N THR C 61 -25.58 31.73 -19.52
CA THR C 61 -24.24 32.23 -19.20
C THR C 61 -23.09 31.26 -19.56
N GLY C 62 -23.35 29.93 -19.64
CA GLY C 62 -22.36 28.90 -19.86
C GLY C 62 -21.76 28.34 -18.58
N TRP C 63 -22.09 28.91 -17.43
CA TRP C 63 -21.75 28.29 -16.18
C TRP C 63 -22.45 26.96 -15.98
N THR C 64 -21.66 25.99 -15.46
CA THR C 64 -22.12 24.88 -14.61
C THR C 64 -22.67 25.49 -13.32
N MET C 65 -23.98 25.25 -13.02
CA MET C 65 -24.57 25.83 -11.80
C MET C 65 -24.15 24.99 -10.60
N ALA C 66 -24.14 23.66 -10.87
CA ALA C 66 -23.70 22.77 -9.82
C ALA C 66 -23.79 21.36 -10.33
N TRP C 67 -22.98 20.49 -9.68
CA TRP C 67 -22.77 19.09 -10.08
C TRP C 67 -22.58 18.24 -8.84
N LEU C 68 -22.92 16.93 -8.97
CA LEU C 68 -22.74 16.02 -7.85
C LEU C 68 -22.07 14.72 -8.35
N ALA C 69 -21.10 14.19 -7.58
CA ALA C 69 -20.42 12.95 -7.93
C ALA C 69 -20.93 11.95 -6.86
N ALA C 70 -21.66 10.97 -7.28
CA ALA C 70 -22.26 9.95 -6.39
C ALA C 70 -21.26 9.13 -5.58
N TRP C 71 -20.06 9.02 -6.13
CA TRP C 71 -19.03 8.39 -5.33
C TRP C 71 -18.84 9.09 -4.00
N ASN C 72 -18.91 10.43 -3.91
CA ASN C 72 -18.79 11.06 -2.61
C ASN C 72 -19.74 10.58 -1.49
N TYR C 73 -20.87 9.91 -1.85
CA TYR C 73 -21.91 9.36 -0.99
C TYR C 73 -21.75 7.85 -0.92
N GLY C 74 -20.69 7.32 -1.53
CA GLY C 74 -20.33 5.94 -1.28
C GLY C 74 -20.94 5.02 -2.33
N ASP C 75 -21.38 5.56 -3.45
CA ASP C 75 -22.08 4.68 -4.34
C ASP C 75 -20.98 3.83 -5.02
N THR C 76 -21.00 2.49 -4.94
CA THR C 76 -19.89 1.70 -5.54
C THR C 76 -20.29 1.16 -6.92
N CYS C 77 -21.27 1.76 -7.60
CA CYS C 77 -21.39 1.59 -9.06
C CYS C 77 -22.19 2.73 -9.67
N PRO C 78 -21.57 3.92 -9.62
CA PRO C 78 -22.32 5.07 -10.05
C PRO C 78 -22.50 5.38 -11.49
N ILE C 79 -23.33 4.59 -12.17
CA ILE C 79 -23.68 4.78 -13.55
C ILE C 79 -25.03 5.49 -13.52
N MET C 80 -24.99 6.80 -13.83
CA MET C 80 -26.10 7.69 -13.50
C MET C 80 -26.94 7.79 -14.73
N HIS C 81 -28.12 7.22 -14.54
CA HIS C 81 -28.75 6.78 -15.77
C HIS C 81 -29.74 7.84 -16.15
N HIS C 82 -30.99 7.54 -15.83
CA HIS C 82 -32.01 8.42 -16.39
C HIS C 82 -32.36 9.52 -15.41
N MET C 83 -33.06 10.57 -15.91
CA MET C 83 -33.49 11.62 -14.99
C MET C 83 -34.71 12.37 -15.54
N ALA C 84 -35.41 13.04 -14.59
CA ALA C 84 -36.60 13.91 -14.75
C ALA C 84 -36.68 15.00 -13.67
N ALA C 85 -36.83 16.28 -14.10
CA ALA C 85 -36.92 17.39 -13.17
C ALA C 85 -38.39 17.87 -13.05
N PHE C 86 -38.73 18.18 -11.82
CA PHE C 86 -40.04 18.72 -11.43
C PHE C 86 -40.12 20.19 -11.82
N PRO C 87 -41.36 20.70 -12.13
CA PRO C 87 -41.53 22.12 -12.45
C PRO C 87 -41.14 22.93 -11.26
N SER C 88 -40.67 24.16 -11.48
CA SER C 88 -40.31 25.01 -10.37
C SER C 88 -40.65 26.43 -10.82
N PRO C 89 -41.12 27.32 -9.92
CA PRO C 89 -41.41 28.70 -10.29
C PRO C 89 -40.19 29.42 -10.85
N ASP C 90 -39.00 29.12 -10.25
CA ASP C 90 -37.77 29.66 -10.79
C ASP C 90 -36.64 28.64 -10.57
N PRO C 91 -36.28 27.90 -11.63
CA PRO C 91 -35.13 27.00 -11.56
C PRO C 91 -33.84 27.51 -10.90
N TYR C 92 -33.48 28.80 -11.01
CA TYR C 92 -32.28 29.43 -10.52
C TYR C 92 -32.27 29.51 -8.98
N LYS C 93 -33.47 29.55 -8.35
CA LYS C 93 -33.57 29.60 -6.90
C LYS C 93 -33.67 28.13 -6.47
N GLU C 94 -34.22 27.26 -7.30
CA GLU C 94 -34.38 25.86 -6.81
C GLU C 94 -35.10 24.96 -7.80
N PHE C 95 -34.77 23.67 -7.80
CA PHE C 95 -35.68 22.71 -8.40
C PHE C 95 -35.32 21.32 -7.83
N GLU C 96 -36.29 20.41 -7.81
CA GLU C 96 -36.06 19.02 -7.36
C GLU C 96 -35.95 18.02 -8.54
N PHE C 97 -34.93 17.12 -8.51
CA PHE C 97 -34.88 16.11 -9.55
C PHE C 97 -34.91 14.67 -9.04
N VAL C 98 -35.00 13.74 -9.98
CA VAL C 98 -34.82 12.30 -9.73
C VAL C 98 -33.90 11.87 -10.83
N VAL C 99 -32.99 10.97 -10.44
CA VAL C 99 -31.94 10.35 -11.27
C VAL C 99 -31.64 9.00 -10.58
N ASN C 100 -31.60 8.00 -11.43
CA ASN C 100 -31.47 6.62 -10.99
C ASN C 100 -30.08 6.10 -11.43
N THR C 101 -29.74 4.85 -11.09
CA THR C 101 -28.42 4.30 -11.42
C THR C 101 -28.52 2.84 -11.90
N GLN C 102 -27.42 2.38 -12.50
CA GLN C 102 -27.43 1.00 -12.96
C GLN C 102 -26.16 0.37 -12.42
N GLY C 103 -26.19 -0.94 -12.07
CA GLY C 103 -25.00 -1.68 -11.64
C GLY C 103 -24.85 -3.05 -12.32
N GLY C 104 -24.08 -3.89 -11.61
CA GLY C 104 -23.84 -5.27 -11.98
C GLY C 104 -23.06 -5.23 -13.29
N LYS C 105 -23.32 -6.09 -14.19
CA LYS C 105 -22.61 -6.18 -15.44
C LYS C 105 -22.83 -4.99 -16.36
N ASN C 106 -23.98 -4.21 -16.35
CA ASN C 106 -23.96 -2.98 -17.17
C ASN C 106 -22.63 -2.21 -17.08
N LEU C 107 -21.83 -2.46 -16.05
CA LEU C 107 -20.49 -1.87 -15.93
C LEU C 107 -19.52 -2.25 -17.10
N PHE C 108 -19.88 -3.24 -17.93
CA PHE C 108 -19.00 -4.05 -18.78
C PHE C 108 -19.41 -3.90 -20.23
N ILE C 109 -20.48 -3.14 -20.47
CA ILE C 109 -21.04 -3.14 -21.80
C ILE C 109 -20.21 -2.21 -22.64
N TYR C 110 -19.59 -1.20 -22.06
CA TYR C 110 -19.08 -0.17 -22.98
C TYR C 110 -17.61 -0.39 -23.32
N GLY C 111 -17.04 0.40 -24.22
CA GLY C 111 -15.70 0.12 -24.68
C GLY C 111 -14.63 0.13 -23.58
N VAL C 112 -15.00 0.55 -22.34
CA VAL C 112 -14.12 0.92 -21.25
C VAL C 112 -13.61 -0.33 -20.53
N PRO C 113 -12.29 -0.40 -20.32
CA PRO C 113 -11.73 -1.52 -19.58
C PRO C 113 -11.72 -1.35 -18.06
N VAL C 114 -12.93 -1.33 -17.49
CA VAL C 114 -13.13 -1.18 -16.07
C VAL C 114 -12.43 -2.29 -15.30
N ALA C 115 -11.97 -2.03 -14.08
CA ALA C 115 -11.18 -2.94 -13.26
C ALA C 115 -11.94 -3.45 -12.06
N VAL C 116 -13.15 -2.89 -11.84
CA VAL C 116 -13.99 -3.49 -10.82
C VAL C 116 -14.74 -4.72 -11.33
N GLU C 117 -14.31 -5.84 -10.83
CA GLU C 117 -15.00 -7.02 -11.30
C GLU C 117 -16.37 -7.15 -10.63
N ASP C 118 -16.46 -6.75 -9.36
CA ASP C 118 -17.59 -7.02 -8.48
C ASP C 118 -18.32 -5.73 -8.11
N PRO C 119 -19.00 -5.06 -9.06
CA PRO C 119 -19.59 -3.77 -8.72
C PRO C 119 -20.92 -3.81 -7.92
N GLY C 120 -21.12 -2.84 -6.99
CA GLY C 120 -22.44 -2.30 -6.68
C GLY C 120 -23.52 -2.64 -7.71
N GLU C 121 -24.69 -3.07 -7.21
CA GLU C 121 -25.77 -3.52 -8.07
C GLU C 121 -26.58 -2.35 -8.66
N GLY C 122 -26.42 -1.11 -8.19
CA GLY C 122 -27.09 -0.15 -9.07
C GLY C 122 -28.59 -0.08 -8.71
N MET C 123 -29.48 0.39 -9.58
CA MET C 123 -30.90 0.30 -9.33
C MET C 123 -31.29 1.21 -8.14
N LYS C 124 -30.55 2.34 -7.97
CA LYS C 124 -30.88 3.33 -6.95
C LYS C 124 -31.75 4.43 -7.59
N ILE C 125 -32.60 5.02 -6.76
CA ILE C 125 -33.47 6.11 -7.22
C ILE C 125 -33.09 7.33 -6.37
N TYR C 126 -32.34 8.27 -6.98
CA TYR C 126 -31.85 9.30 -6.08
C TYR C 126 -32.68 10.61 -6.21
N ARG C 127 -33.03 11.17 -5.05
CA ARG C 127 -33.83 12.37 -5.06
C ARG C 127 -32.84 13.50 -4.79
N ILE C 128 -32.67 14.46 -5.70
CA ILE C 128 -31.86 15.61 -5.28
C ILE C 128 -32.54 16.96 -5.55
N LYS C 129 -32.11 18.01 -4.82
CA LYS C 129 -32.64 19.36 -4.97
C LYS C 129 -31.40 20.21 -5.26
N TYR C 130 -31.45 20.94 -6.37
CA TYR C 130 -30.68 22.18 -6.46
C TYR C 130 -31.38 23.28 -5.64
N ASP C 131 -30.71 23.69 -4.58
CA ASP C 131 -31.17 24.69 -3.62
C ASP C 131 -30.71 26.09 -4.04
N GLY C 132 -30.43 26.27 -5.34
CA GLY C 132 -30.05 27.59 -5.89
C GLY C 132 -28.54 27.85 -5.75
N THR C 133 -27.84 26.86 -5.20
CA THR C 133 -26.42 27.04 -4.88
C THR C 133 -25.73 25.73 -5.21
N ARG C 134 -26.14 24.67 -4.46
CA ARG C 134 -25.57 23.33 -4.45
C ARG C 134 -26.68 22.31 -4.70
N MET C 135 -26.23 21.17 -5.25
CA MET C 135 -27.02 19.96 -5.34
C MET C 135 -27.09 19.32 -3.96
N ASN C 136 -28.28 18.90 -3.53
CA ASN C 136 -28.20 18.18 -2.27
C ASN C 136 -28.83 16.81 -2.46
N LEU C 137 -28.15 15.77 -2.00
CA LEU C 137 -28.76 14.45 -2.11
C LEU C 137 -29.77 14.27 -0.99
N GLN C 138 -31.02 14.13 -1.39
CA GLN C 138 -31.99 14.00 -0.35
C GLN C 138 -32.08 12.56 0.18
N ARG C 139 -32.26 11.58 -0.68
CA ARG C 139 -32.45 10.21 -0.18
C ARG C 139 -32.48 9.30 -1.37
N ASP C 140 -32.62 8.00 -1.11
CA ASP C 140 -32.76 7.07 -2.20
C ASP C 140 -34.05 6.32 -1.96
N ALA C 141 -34.98 6.71 -2.80
CA ALA C 141 -36.34 6.22 -2.81
C ALA C 141 -36.40 4.72 -3.01
N ALA C 142 -35.33 4.06 -3.55
CA ALA C 142 -35.32 2.61 -3.75
C ALA C 142 -35.14 2.02 -2.36
N GLU C 143 -34.52 2.80 -1.50
CA GLU C 143 -34.46 2.48 -0.09
C GLU C 143 -35.74 2.71 0.74
N VAL C 144 -36.32 3.92 0.73
CA VAL C 144 -37.67 4.32 1.24
C VAL C 144 -38.61 3.19 0.89
N SER C 145 -38.67 2.83 -0.40
CA SER C 145 -39.76 2.08 -1.00
C SER C 145 -39.47 0.57 -1.07
N GLY C 146 -38.19 0.19 -1.09
CA GLY C 146 -37.90 -1.22 -1.24
C GLY C 146 -37.79 -1.58 -2.74
N LEU C 147 -37.95 -0.59 -3.64
CA LEU C 147 -38.14 -0.96 -5.03
C LEU C 147 -36.99 -0.38 -5.88
N GLY C 148 -36.11 -1.18 -6.53
CA GLY C 148 -35.12 -0.49 -7.33
C GLY C 148 -35.28 -0.73 -8.80
N LEU C 149 -35.17 0.35 -9.59
CA LEU C 149 -35.26 0.23 -11.03
C LEU C 149 -34.27 1.14 -11.76
N GLY C 150 -33.90 0.78 -12.98
CA GLY C 150 -32.62 1.26 -13.50
C GLY C 150 -32.76 1.86 -14.89
N VAL C 151 -33.98 1.92 -15.49
CA VAL C 151 -34.07 2.55 -16.80
C VAL C 151 -34.83 3.88 -16.68
N HIS C 152 -35.68 4.25 -17.67
CA HIS C 152 -36.26 5.58 -17.71
C HIS C 152 -36.93 5.99 -16.40
N VAL C 153 -36.71 7.27 -16.09
CA VAL C 153 -37.41 8.06 -15.10
C VAL C 153 -38.21 9.19 -15.80
N THR C 154 -39.44 9.45 -15.35
CA THR C 154 -40.37 10.42 -15.97
C THR C 154 -41.28 11.06 -14.89
N ILE C 155 -41.70 12.32 -15.05
CA ILE C 155 -42.53 13.04 -14.07
C ILE C 155 -44.03 12.96 -14.46
N THR C 156 -44.92 12.58 -13.50
CA THR C 156 -46.40 12.64 -13.65
C THR C 156 -46.90 14.02 -14.10
N PRO C 157 -47.99 14.16 -14.93
CA PRO C 157 -48.34 15.47 -15.46
C PRO C 157 -48.76 16.38 -14.30
N GLU C 158 -48.97 15.79 -13.16
CA GLU C 158 -49.43 16.62 -12.04
C GLU C 158 -48.30 17.07 -11.14
N ALA C 159 -47.07 16.80 -11.61
CA ALA C 159 -45.83 16.93 -10.84
C ALA C 159 -45.99 16.54 -9.36
N ASP C 160 -46.62 15.38 -9.06
CA ASP C 160 -46.92 14.97 -7.71
C ASP C 160 -46.30 13.62 -7.44
N GLY C 161 -45.79 12.99 -8.48
CA GLY C 161 -44.74 11.99 -8.29
C GLY C 161 -43.96 11.74 -9.57
N TYR C 162 -43.35 10.56 -9.61
CA TYR C 162 -42.57 10.12 -10.77
C TYR C 162 -42.81 8.65 -11.07
N ALA C 163 -42.38 8.22 -12.30
CA ALA C 163 -42.31 6.82 -12.73
C ALA C 163 -40.85 6.44 -13.10
N VAL C 164 -40.55 5.15 -12.93
CA VAL C 164 -39.30 4.48 -13.32
C VAL C 164 -39.69 3.13 -13.89
N GLY C 165 -39.16 2.85 -15.10
CA GLY C 165 -39.26 1.56 -15.75
C GLY C 165 -37.90 0.81 -15.65
N ASP C 166 -37.90 -0.52 -15.77
CA ASP C 166 -36.69 -1.36 -15.78
C ASP C 166 -36.76 -2.66 -16.59
N GLY C 167 -35.76 -2.94 -17.44
CA GLY C 167 -35.84 -4.01 -18.42
C GLY C 167 -34.81 -5.17 -18.23
N GLN C 168 -34.25 -5.16 -17.02
CA GLN C 168 -33.71 -6.34 -16.33
C GLN C 168 -34.73 -7.12 -15.52
N LYS C 169 -35.50 -6.39 -14.64
CA LYS C 169 -36.50 -7.08 -13.83
C LYS C 169 -37.91 -6.90 -14.37
N ASP C 170 -38.06 -6.15 -15.47
CA ASP C 170 -39.29 -5.95 -16.21
C ASP C 170 -40.45 -5.53 -15.30
N ILE C 171 -40.17 -4.57 -14.40
CA ILE C 171 -41.18 -3.89 -13.64
C ILE C 171 -41.12 -2.41 -13.99
N CYS C 172 -42.35 -1.82 -14.11
CA CYS C 172 -42.46 -0.37 -13.94
C CYS C 172 -43.27 0.08 -12.70
N ALA C 173 -43.04 1.29 -12.27
CA ALA C 173 -43.83 1.67 -11.06
C ALA C 173 -44.03 3.17 -11.07
N GLU C 174 -45.18 3.72 -10.52
CA GLU C 174 -45.37 5.15 -10.26
C GLU C 174 -45.19 5.48 -8.79
N PHE C 175 -44.40 6.53 -8.45
CA PHE C 175 -44.15 6.85 -7.05
C PHE C 175 -44.64 8.24 -6.67
N ASP C 176 -45.17 8.35 -5.44
CA ASP C 176 -45.52 9.59 -4.80
C ASP C 176 -44.27 10.41 -4.51
N ARG C 177 -44.36 11.73 -4.79
CA ARG C 177 -43.22 12.61 -4.69
C ARG C 177 -42.92 12.99 -3.26
N GLU C 178 -43.96 13.42 -2.50
CA GLU C 178 -43.63 13.59 -1.11
C GLU C 178 -43.10 12.34 -0.40
N THR C 179 -43.54 11.09 -0.69
CA THR C 179 -43.14 10.09 0.28
C THR C 179 -42.11 9.04 -0.25
N ASP C 180 -41.84 9.08 -1.58
CA ASP C 180 -41.12 8.13 -2.40
C ASP C 180 -41.83 6.79 -2.34
N MET C 181 -43.15 6.69 -2.00
CA MET C 181 -43.70 5.34 -1.91
C MET C 181 -44.26 4.96 -3.26
N VAL C 182 -44.45 3.66 -3.43
CA VAL C 182 -44.92 3.19 -4.72
C VAL C 182 -46.44 3.43 -4.75
N ARG C 183 -46.93 4.14 -5.76
CA ARG C 183 -48.41 4.17 -5.93
C ARG C 183 -48.91 2.81 -6.41
N TYR C 184 -48.28 2.30 -7.51
CA TYR C 184 -48.61 1.03 -8.15
C TYR C 184 -47.31 0.51 -8.81
N ALA C 185 -47.10 -0.81 -8.73
CA ALA C 185 -45.98 -1.51 -9.36
C ALA C 185 -46.60 -2.58 -10.25
N TRP C 186 -46.25 -2.57 -11.55
CA TRP C 186 -46.56 -3.69 -12.43
C TRP C 186 -45.30 -4.50 -12.80
N ALA C 187 -45.36 -5.86 -12.76
CA ALA C 187 -44.37 -6.75 -13.35
C ALA C 187 -44.99 -7.40 -14.59
N PHE C 188 -44.15 -7.62 -15.59
CA PHE C 188 -44.54 -8.19 -16.85
C PHE C 188 -43.69 -9.41 -17.09
N ASP C 189 -44.31 -10.37 -17.77
CA ASP C 189 -43.52 -11.59 -17.86
C ASP C 189 -43.77 -12.24 -19.20
N TRP C 190 -42.70 -12.78 -19.80
CA TRP C 190 -42.92 -13.37 -21.11
C TRP C 190 -42.98 -14.87 -21.11
N ASP C 191 -43.97 -15.36 -21.89
CA ASP C 191 -44.04 -16.81 -22.10
C ASP C 191 -44.10 -17.15 -23.61
N PRO C 192 -42.98 -17.56 -24.17
CA PRO C 192 -42.81 -17.83 -25.62
C PRO C 192 -43.56 -19.04 -26.14
N ASN C 193 -44.14 -18.89 -27.30
CA ASN C 193 -44.63 -20.05 -28.00
C ASN C 193 -43.55 -21.06 -28.31
N VAL C 194 -42.28 -20.65 -28.39
CA VAL C 194 -41.26 -21.66 -28.59
C VAL C 194 -40.24 -21.42 -27.53
N LYS C 195 -39.94 -22.45 -26.70
CA LYS C 195 -38.85 -22.38 -25.71
C LYS C 195 -37.42 -22.49 -26.27
N ASP C 196 -37.04 -21.65 -27.25
CA ASP C 196 -35.61 -21.50 -27.47
C ASP C 196 -35.44 -20.03 -27.84
N LEU C 197 -34.37 -19.44 -27.31
CA LEU C 197 -34.00 -18.05 -27.34
C LEU C 197 -34.00 -17.45 -28.73
N LYS C 198 -33.61 -18.21 -29.77
CA LYS C 198 -33.67 -17.75 -31.15
C LYS C 198 -35.14 -17.40 -31.39
N ARG C 199 -36.03 -18.33 -31.00
CA ARG C 199 -37.38 -18.25 -31.53
C ARG C 199 -38.39 -17.66 -30.54
N ALA C 200 -37.97 -17.25 -29.32
CA ALA C 200 -38.83 -17.00 -28.17
C ALA C 200 -39.79 -15.83 -28.38
N TRP C 201 -39.35 -14.84 -29.17
CA TRP C 201 -40.09 -13.66 -29.52
C TRP C 201 -40.65 -13.72 -30.93
N LEU C 202 -39.78 -13.96 -31.92
CA LEU C 202 -40.09 -14.11 -33.33
C LEU C 202 -41.31 -15.02 -33.44
N ASP C 203 -41.32 -16.11 -32.68
CA ASP C 203 -42.44 -17.06 -32.84
C ASP C 203 -43.74 -16.73 -32.06
N GLY C 204 -43.75 -15.69 -31.24
CA GLY C 204 -44.91 -15.19 -30.50
C GLY C 204 -44.89 -15.66 -29.05
N GLY C 205 -45.98 -15.35 -28.33
CA GLY C 205 -45.99 -15.64 -26.89
C GLY C 205 -47.11 -14.93 -26.15
N THR C 206 -47.20 -15.17 -24.82
CA THR C 206 -48.22 -14.56 -23.98
C THR C 206 -47.49 -13.73 -22.95
N MET C 207 -47.83 -12.44 -22.91
CA MET C 207 -47.25 -11.58 -21.88
C MET C 207 -48.23 -11.45 -20.70
N THR C 208 -47.79 -11.86 -19.54
CA THR C 208 -48.43 -11.62 -18.26
C THR C 208 -48.21 -10.19 -17.81
N ILE C 209 -49.30 -9.55 -17.30
CA ILE C 209 -49.18 -8.26 -16.61
C ILE C 209 -49.68 -8.40 -15.16
N LYS C 210 -48.80 -8.27 -14.15
CA LYS C 210 -49.17 -8.64 -12.79
C LYS C 210 -49.03 -7.43 -11.89
N ARG C 211 -49.98 -7.20 -10.95
CA ARG C 211 -49.78 -6.24 -9.86
C ARG C 211 -48.83 -6.77 -8.78
N LEU C 212 -47.68 -6.11 -8.55
CA LEU C 212 -46.85 -6.38 -7.38
C LEU C 212 -47.46 -5.68 -6.18
N LYS C 213 -47.40 -6.34 -5.02
CA LYS C 213 -47.82 -5.87 -3.68
C LYS C 213 -46.62 -5.78 -2.74
N PRO C 214 -46.57 -4.92 -1.70
CA PRO C 214 -45.42 -4.88 -0.80
C PRO C 214 -45.27 -6.23 -0.10
N THR C 215 -44.02 -6.68 0.06
CA THR C 215 -43.93 -7.91 0.82
C THR C 215 -43.20 -7.63 2.13
N LEU C 216 -42.65 -6.41 2.27
CA LEU C 216 -42.02 -6.10 3.54
C LEU C 216 -43.07 -5.33 4.34
N PRO C 217 -42.87 -5.16 5.66
CA PRO C 217 -43.60 -4.19 6.44
C PRO C 217 -43.46 -2.78 5.88
N GLY C 218 -44.05 -1.87 6.67
CA GLY C 218 -43.96 -0.43 6.45
C GLY C 218 -44.26 -0.06 5.01
N GLY C 219 -45.07 -0.91 4.35
CA GLY C 219 -45.52 -0.85 2.97
C GLY C 219 -44.41 -0.99 1.94
N ARG C 220 -43.33 -1.70 2.32
CA ARG C 220 -42.12 -1.84 1.47
C ARG C 220 -42.07 -3.07 0.53
N TYR C 221 -41.33 -2.90 -0.59
CA TYR C 221 -40.99 -3.98 -1.51
C TYR C 221 -39.58 -4.48 -1.20
N ASP C 222 -39.31 -5.71 -1.68
CA ASP C 222 -38.03 -6.42 -1.58
C ASP C 222 -37.39 -6.65 -2.97
N LEU C 223 -37.28 -5.57 -3.76
CA LEU C 223 -36.81 -5.60 -5.13
C LEU C 223 -35.72 -4.51 -5.33
N GLN C 224 -34.81 -4.35 -4.34
CA GLN C 224 -33.71 -3.37 -4.40
C GLN C 224 -32.59 -4.07 -5.18
N GLY C 225 -31.59 -3.32 -5.59
CA GLY C 225 -30.43 -3.92 -6.22
C GLY C 225 -30.85 -4.81 -7.40
N SER C 226 -30.19 -5.98 -7.50
CA SER C 226 -30.36 -6.98 -8.53
C SER C 226 -31.53 -7.97 -8.29
N LYS C 227 -32.10 -8.00 -7.08
CA LYS C 227 -33.36 -8.69 -6.81
C LYS C 227 -34.41 -8.49 -7.90
N GLY C 228 -34.83 -9.56 -8.54
CA GLY C 228 -35.84 -9.36 -9.56
C GLY C 228 -35.29 -9.47 -10.98
N ASN C 229 -33.93 -9.46 -11.16
CA ASN C 229 -33.24 -9.40 -12.45
C ASN C 229 -33.49 -10.73 -13.13
N LYS C 230 -33.64 -10.68 -14.43
CA LYS C 230 -33.82 -11.82 -15.30
C LYS C 230 -32.55 -12.11 -16.12
N ILE C 231 -31.83 -10.99 -16.42
CA ILE C 231 -30.70 -10.65 -17.26
C ILE C 231 -29.79 -9.58 -16.60
N ASP C 232 -28.47 -9.79 -16.88
CA ASP C 232 -27.42 -9.12 -16.16
C ASP C 232 -27.15 -7.68 -16.64
N TRP C 233 -27.66 -7.30 -17.80
CA TRP C 233 -27.62 -5.90 -18.24
C TRP C 233 -28.92 -5.48 -18.95
N GLU C 234 -29.15 -4.18 -19.16
CA GLU C 234 -30.24 -3.61 -19.97
C GLU C 234 -29.84 -3.87 -21.43
N LEU C 235 -30.77 -4.44 -22.16
CA LEU C 235 -30.58 -4.73 -23.59
C LEU C 235 -29.99 -3.48 -24.27
N VAL C 236 -28.81 -3.64 -24.96
CA VAL C 236 -28.07 -2.56 -25.62
C VAL C 236 -28.75 -2.32 -26.98
N PRO C 237 -28.44 -1.29 -27.84
CA PRO C 237 -28.96 -1.22 -29.19
C PRO C 237 -28.81 -2.55 -29.91
N GLY C 238 -29.95 -3.02 -30.47
CA GLY C 238 -29.88 -4.18 -31.34
C GLY C 238 -29.97 -5.43 -30.48
N GLY C 239 -30.07 -5.18 -29.14
CA GLY C 239 -29.71 -6.05 -28.05
C GLY C 239 -30.56 -7.30 -28.03
N GLU C 240 -31.59 -7.24 -28.81
CA GLU C 240 -32.56 -8.32 -28.99
C GLU C 240 -31.91 -9.46 -29.77
N LEU C 241 -30.99 -9.08 -30.66
CA LEU C 241 -30.21 -10.09 -31.39
C LEU C 241 -29.40 -10.98 -30.46
N ALA C 242 -28.78 -10.37 -29.48
CA ALA C 242 -27.94 -11.02 -28.47
C ALA C 242 -28.73 -11.75 -27.39
N ILE C 243 -29.98 -11.34 -27.11
CA ILE C 243 -30.67 -12.14 -26.10
C ILE C 243 -31.01 -13.41 -26.87
N GLU C 244 -31.35 -13.26 -28.14
CA GLU C 244 -31.84 -14.37 -28.92
C GLU C 244 -30.76 -15.42 -29.21
N ASP C 245 -29.51 -14.97 -29.29
CA ASP C 245 -28.37 -15.87 -29.58
C ASP C 245 -27.65 -16.30 -28.30
N GLY C 246 -28.29 -16.05 -27.15
CA GLY C 246 -27.81 -16.51 -25.89
C GLY C 246 -26.45 -15.93 -25.47
N LYS C 247 -26.11 -14.67 -25.85
CA LYS C 247 -25.00 -13.92 -25.33
C LYS C 247 -25.38 -12.93 -24.24
N VAL C 248 -26.66 -12.78 -23.96
CA VAL C 248 -27.03 -12.06 -22.73
C VAL C 248 -27.22 -13.03 -21.55
N SER C 249 -26.47 -12.85 -20.47
CA SER C 249 -26.47 -13.77 -19.33
C SER C 249 -27.51 -13.37 -18.27
N GLY C 250 -27.93 -14.29 -17.38
CA GLY C 250 -29.05 -14.02 -16.46
C GLY C 250 -29.90 -15.29 -16.35
N ASP C 251 -30.71 -15.34 -15.31
CA ASP C 251 -31.44 -16.47 -14.75
C ASP C 251 -32.66 -16.74 -15.64
N ARG C 252 -33.16 -15.74 -16.38
CA ARG C 252 -34.50 -15.96 -16.93
C ARG C 252 -34.69 -15.23 -18.26
N PRO C 253 -33.78 -15.46 -19.24
CA PRO C 253 -33.75 -14.76 -20.54
C PRO C 253 -35.00 -14.93 -21.38
N LEU C 254 -35.61 -16.13 -21.39
CA LEU C 254 -36.88 -16.51 -21.99
C LEU C 254 -38.14 -15.83 -21.45
N HIS C 255 -38.14 -15.43 -20.16
CA HIS C 255 -39.14 -14.63 -19.51
C HIS C 255 -39.04 -13.12 -19.80
N SER C 256 -38.15 -12.70 -20.72
CA SER C 256 -37.86 -11.25 -20.79
C SER C 256 -38.80 -10.52 -21.69
N VAL C 257 -38.89 -9.19 -21.44
CA VAL C 257 -39.71 -8.37 -22.27
C VAL C 257 -38.95 -7.06 -22.42
N ALA C 258 -38.05 -6.72 -21.49
CA ALA C 258 -37.31 -5.45 -21.61
C ALA C 258 -38.29 -4.27 -21.63
N ASN C 259 -39.04 -4.13 -20.52
CA ASN C 259 -39.71 -2.87 -20.22
C ASN C 259 -38.66 -1.72 -20.20
N ASP C 260 -38.99 -0.59 -20.82
CA ASP C 260 -38.13 0.56 -21.03
C ASP C 260 -38.58 1.74 -20.19
N ALA C 261 -39.89 2.00 -20.17
CA ALA C 261 -40.39 3.12 -19.40
C ALA C 261 -41.88 3.02 -19.24
N LEU C 262 -42.38 3.87 -18.30
CA LEU C 262 -43.73 4.31 -18.05
C LEU C 262 -43.91 5.82 -18.43
N VAL C 263 -44.62 6.17 -19.45
CA VAL C 263 -44.68 7.60 -19.77
C VAL C 263 -46.15 8.07 -19.60
N PHE C 264 -46.45 9.38 -19.70
CA PHE C 264 -47.68 9.92 -19.09
C PHE C 264 -48.52 10.55 -20.16
N ASP C 265 -49.78 10.09 -20.32
CA ASP C 265 -50.63 10.87 -21.18
C ASP C 265 -50.76 12.26 -20.56
N PRO C 266 -50.47 13.37 -21.26
CA PRO C 266 -50.42 14.60 -20.53
C PRO C 266 -51.90 15.06 -20.32
N ARG C 267 -52.87 14.54 -21.10
CA ARG C 267 -54.28 14.81 -20.74
C ARG C 267 -54.53 14.25 -19.33
N GLY C 268 -53.53 13.54 -18.77
CA GLY C 268 -53.83 12.94 -17.48
C GLY C 268 -54.48 11.60 -17.76
N LYS C 269 -54.58 10.85 -16.66
CA LYS C 269 -55.30 9.59 -16.31
C LYS C 269 -54.51 8.31 -16.65
N TRP C 270 -53.87 8.32 -17.83
CA TRP C 270 -53.26 7.20 -18.48
C TRP C 270 -51.73 7.24 -18.40
N ALA C 271 -51.22 6.14 -17.94
CA ALA C 271 -49.78 5.85 -18.11
C ALA C 271 -49.53 4.70 -19.11
N VAL C 272 -48.35 4.73 -19.77
CA VAL C 272 -48.09 3.83 -20.88
C VAL C 272 -46.70 3.23 -20.78
N ALA C 273 -46.60 1.88 -20.71
CA ALA C 273 -45.41 1.04 -20.59
C ALA C 273 -45.01 0.44 -21.95
N SER C 274 -44.06 1.09 -22.63
CA SER C 274 -43.32 0.47 -23.74
C SER C 274 -42.64 -0.82 -23.26
N MET C 275 -42.78 -1.90 -24.05
CA MET C 275 -42.10 -3.19 -23.94
C MET C 275 -41.32 -3.53 -25.23
N ARG C 276 -40.02 -3.59 -25.10
CA ARG C 276 -39.14 -3.67 -26.25
C ARG C 276 -39.29 -4.98 -27.00
N LEU C 277 -39.23 -6.12 -26.27
CA LEU C 277 -39.03 -7.43 -26.90
C LEU C 277 -40.32 -8.00 -27.56
N PRO C 278 -41.51 -7.88 -26.93
CA PRO C 278 -42.80 -8.19 -27.60
C PRO C 278 -43.42 -7.11 -28.49
N GLY C 279 -42.74 -5.96 -28.56
CA GLY C 279 -43.18 -4.95 -29.53
C GLY C 279 -44.52 -4.22 -29.26
N VAL C 280 -44.82 -3.97 -27.98
CA VAL C 280 -46.17 -3.58 -27.56
C VAL C 280 -45.99 -2.55 -26.45
N CYS C 281 -46.98 -1.65 -26.24
CA CYS C 281 -47.06 -0.78 -25.09
C CYS C 281 -48.38 -1.10 -24.39
N VAL C 282 -48.30 -1.15 -23.06
CA VAL C 282 -49.48 -1.39 -22.25
C VAL C 282 -50.02 -0.05 -21.72
N VAL C 283 -51.33 0.24 -21.94
CA VAL C 283 -51.93 1.42 -21.37
C VAL C 283 -52.49 1.07 -19.97
N PHE C 284 -52.16 1.90 -18.99
CA PHE C 284 -52.52 1.71 -17.60
C PHE C 284 -53.47 2.80 -17.13
N ASP C 285 -54.49 2.35 -16.41
CA ASP C 285 -55.45 3.32 -15.86
C ASP C 285 -54.84 3.71 -14.54
N ARG C 286 -54.37 4.96 -14.41
CA ARG C 286 -53.47 5.12 -13.27
C ARG C 286 -54.16 5.10 -11.91
N GLU C 287 -55.38 5.66 -11.90
CA GLU C 287 -56.29 5.73 -10.77
C GLU C 287 -56.77 4.34 -10.36
N ASN C 288 -57.45 3.63 -11.28
CA ASN C 288 -57.96 2.33 -10.84
C ASN C 288 -56.90 1.22 -10.88
N GLN C 289 -55.66 1.55 -11.28
CA GLN C 289 -54.55 0.58 -11.14
C GLN C 289 -54.86 -0.78 -11.81
N VAL C 290 -55.15 -0.71 -13.12
CA VAL C 290 -55.48 -1.83 -14.00
C VAL C 290 -54.87 -1.42 -15.33
N PRO C 291 -54.40 -2.36 -16.21
CA PRO C 291 -54.26 -2.09 -17.64
C PRO C 291 -55.60 -1.92 -18.34
N VAL C 292 -55.60 -1.08 -19.39
CA VAL C 292 -56.80 -1.03 -20.20
C VAL C 292 -56.52 -1.41 -21.64
N ALA C 293 -55.22 -1.53 -22.06
CA ALA C 293 -55.04 -1.70 -23.49
C ALA C 293 -53.58 -2.05 -23.77
N VAL C 294 -53.44 -2.64 -24.96
CA VAL C 294 -52.19 -3.13 -25.55
C VAL C 294 -52.05 -2.67 -27.02
N LEU C 295 -51.27 -1.60 -27.30
CA LEU C 295 -51.09 -1.21 -28.69
C LEU C 295 -50.01 -2.06 -29.38
N ALA C 296 -50.25 -2.51 -30.65
CA ALA C 296 -49.28 -3.34 -31.40
C ALA C 296 -48.27 -2.50 -32.20
N GLY C 297 -46.97 -2.61 -31.85
CA GLY C 297 -45.84 -1.91 -32.46
C GLY C 297 -45.72 -2.03 -33.98
N PRO C 298 -45.40 -3.23 -34.53
CA PRO C 298 -45.22 -3.42 -35.99
C PRO C 298 -46.14 -2.88 -37.07
N LYS C 299 -45.51 -2.40 -38.15
CA LYS C 299 -46.17 -2.22 -39.41
C LYS C 299 -46.71 -3.58 -39.83
N GLY C 300 -48.02 -3.56 -40.08
CA GLY C 300 -48.81 -4.70 -40.50
C GLY C 300 -49.46 -5.42 -39.34
N THR C 301 -49.13 -5.01 -38.09
CA THR C 301 -49.89 -5.37 -36.90
C THR C 301 -51.12 -4.46 -36.77
N PRO C 302 -52.19 -5.07 -36.30
CA PRO C 302 -53.48 -4.38 -36.22
C PRO C 302 -53.15 -3.41 -35.08
N SER C 303 -54.06 -2.50 -34.77
CA SER C 303 -53.94 -1.32 -33.91
C SER C 303 -53.60 -1.74 -32.50
N GLN C 304 -54.28 -2.87 -32.15
CA GLN C 304 -54.19 -3.31 -30.76
C GLN C 304 -54.24 -4.83 -30.79
N PHE C 305 -53.96 -5.41 -29.62
CA PHE C 305 -54.04 -6.81 -29.27
C PHE C 305 -54.93 -6.92 -28.02
N GLN C 306 -55.47 -8.10 -27.66
CA GLN C 306 -56.56 -8.06 -26.69
C GLN C 306 -56.10 -8.33 -25.26
N LEU C 307 -56.38 -7.40 -24.35
CA LEU C 307 -56.18 -7.60 -22.91
C LEU C 307 -57.17 -8.66 -22.43
N VAL C 308 -56.70 -9.70 -21.75
CA VAL C 308 -57.54 -10.68 -21.11
C VAL C 308 -57.38 -10.55 -19.59
N LYS C 309 -58.48 -10.47 -18.80
CA LYS C 309 -58.31 -10.48 -17.33
C LYS C 309 -58.22 -11.93 -16.84
N VAL C 310 -57.24 -12.27 -16.02
CA VAL C 310 -57.11 -13.64 -15.50
C VAL C 310 -57.58 -13.60 -14.03
N ASP C 311 -57.44 -12.48 -13.33
CA ASP C 311 -57.95 -12.37 -11.96
C ASP C 311 -57.69 -10.94 -11.55
N ASP C 312 -57.85 -10.54 -10.27
CA ASP C 312 -57.84 -9.13 -9.97
C ASP C 312 -56.42 -8.56 -9.99
N ASP C 313 -55.41 -9.42 -10.12
CA ASP C 313 -54.05 -8.95 -10.07
C ASP C 313 -53.36 -9.26 -11.38
N THR C 314 -54.11 -9.84 -12.32
CA THR C 314 -53.42 -10.57 -13.39
C THR C 314 -54.13 -10.38 -14.72
N TRP C 315 -53.32 -10.29 -15.79
CA TRP C 315 -53.82 -10.13 -17.13
C TRP C 315 -52.73 -10.77 -18.01
N THR C 316 -53.17 -11.24 -19.15
CA THR C 316 -52.36 -11.80 -20.22
C THR C 316 -52.69 -11.08 -21.52
N VAL C 317 -51.74 -11.11 -22.46
CA VAL C 317 -52.03 -10.65 -23.80
C VAL C 317 -51.25 -11.53 -24.76
N ASP C 318 -51.95 -12.06 -25.76
CA ASP C 318 -51.46 -12.96 -26.81
C ASP C 318 -50.90 -12.14 -27.97
N ILE C 319 -49.59 -12.29 -28.25
CA ILE C 319 -48.97 -11.64 -29.40
C ILE C 319 -48.60 -12.75 -30.40
N PRO C 320 -49.35 -12.89 -31.52
CA PRO C 320 -49.16 -13.96 -32.52
C PRO C 320 -47.70 -14.18 -32.87
N GLU C 321 -46.99 -13.13 -33.27
CA GLU C 321 -45.61 -13.27 -33.70
C GLU C 321 -45.00 -11.90 -33.41
N VAL C 322 -43.68 -11.82 -33.19
CA VAL C 322 -43.13 -10.49 -32.98
C VAL C 322 -42.13 -10.18 -34.09
N ILE C 323 -42.52 -9.23 -34.96
CA ILE C 323 -41.94 -8.90 -36.26
C ILE C 323 -40.80 -7.89 -36.09
N SER C 324 -40.91 -7.04 -35.05
CA SER C 324 -39.91 -6.06 -34.74
C SER C 324 -40.15 -5.64 -33.30
N ALA C 325 -39.05 -5.56 -32.60
CA ALA C 325 -39.08 -4.93 -31.34
C ALA C 325 -39.14 -3.46 -31.69
N GLY C 326 -39.55 -2.69 -30.68
CA GLY C 326 -39.36 -1.24 -30.66
C GLY C 326 -39.02 -0.65 -29.30
N HIS C 327 -38.92 0.70 -29.23
CA HIS C 327 -38.36 1.25 -28.02
C HIS C 327 -38.97 2.58 -27.62
N GLN C 328 -38.64 3.66 -28.33
CA GLN C 328 -39.17 4.94 -27.85
C GLN C 328 -40.71 4.97 -27.95
N ALA C 329 -41.39 5.42 -26.87
CA ALA C 329 -42.82 5.74 -26.92
C ALA C 329 -43.14 7.03 -26.18
N GLY C 330 -44.22 7.72 -26.61
CA GLY C 330 -44.54 9.05 -26.10
C GLY C 330 -45.78 9.70 -26.77
N PHE C 331 -46.37 10.65 -26.05
CA PHE C 331 -47.59 11.34 -26.53
C PHE C 331 -47.14 12.69 -27.11
N SER C 332 -47.82 13.23 -28.19
CA SER C 332 -47.82 14.69 -28.40
C SER C 332 -48.26 15.40 -27.10
N PRO C 333 -47.88 16.66 -26.90
CA PRO C 333 -48.12 17.40 -25.66
C PRO C 333 -49.59 17.78 -25.53
N ASP C 334 -50.35 17.69 -26.61
CA ASP C 334 -51.80 17.93 -26.53
C ASP C 334 -52.41 16.56 -26.32
N GLY C 335 -51.56 15.52 -26.09
CA GLY C 335 -52.07 14.13 -26.11
C GLY C 335 -52.89 13.65 -27.34
N GLN C 336 -52.90 14.28 -28.53
CA GLN C 336 -53.67 13.78 -29.68
C GLN C 336 -53.02 12.54 -30.34
N SER C 337 -51.76 12.33 -29.98
CA SER C 337 -50.97 11.47 -30.85
C SER C 337 -50.12 10.62 -29.91
N PHE C 338 -50.19 9.29 -30.12
CA PHE C 338 -49.23 8.44 -29.44
C PHE C 338 -48.37 7.73 -30.47
N LEU C 339 -47.05 7.66 -30.17
CA LEU C 339 -46.03 7.13 -31.08
C LEU C 339 -45.24 6.09 -30.34
N PHE C 340 -44.83 5.06 -31.11
CA PHE C 340 -43.86 4.07 -30.73
C PHE C 340 -43.05 3.77 -31.97
N MET C 341 -41.69 3.87 -31.85
CA MET C 341 -40.64 3.64 -32.85
C MET C 341 -40.56 2.13 -32.95
N ASN C 342 -40.71 1.55 -34.13
CA ASN C 342 -40.16 0.21 -34.29
C ASN C 342 -38.67 0.49 -34.51
N SER C 343 -37.89 -0.45 -33.94
CA SER C 343 -36.43 -0.30 -33.90
C SER C 343 -35.81 -1.59 -34.42
N LEU C 344 -35.04 -1.42 -35.51
CA LEU C 344 -34.04 -2.38 -35.95
C LEU C 344 -34.55 -3.35 -37.01
N ARG C 345 -35.28 -4.43 -36.63
CA ARG C 345 -35.97 -5.17 -37.69
C ARG C 345 -36.75 -4.25 -38.58
N GLN C 346 -37.54 -3.32 -37.99
CA GLN C 346 -38.23 -2.22 -38.69
C GLN C 346 -37.69 -0.90 -38.07
N ASN C 347 -37.65 0.19 -38.83
CA ASN C 347 -37.26 1.44 -38.22
C ASN C 347 -38.20 2.46 -38.79
N ASN C 348 -39.14 2.81 -37.93
CA ASN C 348 -40.20 3.74 -38.30
C ASN C 348 -40.73 4.37 -37.02
N ILE C 349 -41.76 5.23 -37.18
CA ILE C 349 -42.46 5.73 -36.01
C ILE C 349 -43.93 5.40 -36.25
N MET C 350 -44.45 4.41 -35.52
CA MET C 350 -45.90 4.13 -35.55
C MET C 350 -46.62 5.23 -34.82
N VAL C 351 -47.84 5.59 -35.30
CA VAL C 351 -48.67 6.65 -34.72
C VAL C 351 -50.11 6.20 -34.58
N TRP C 352 -50.63 6.34 -33.34
CA TRP C 352 -52.03 6.13 -33.04
C TRP C 352 -52.79 7.45 -32.80
N ASP C 353 -53.95 7.53 -33.42
CA ASP C 353 -54.94 8.50 -32.97
C ASP C 353 -55.30 8.18 -31.56
N SER C 354 -54.81 9.00 -30.64
CA SER C 354 -55.10 8.87 -29.23
C SER C 354 -56.08 9.98 -28.76
N SER C 355 -56.92 10.49 -29.65
CA SER C 355 -57.72 11.65 -29.24
C SER C 355 -58.94 11.42 -28.31
N ASN C 356 -59.47 10.20 -28.24
CA ASN C 356 -60.44 9.85 -27.21
C ASN C 356 -59.77 9.62 -25.86
N HIS C 357 -59.60 10.66 -25.05
CA HIS C 357 -59.01 10.45 -23.74
C HIS C 357 -59.78 9.43 -22.86
N ASP C 358 -61.07 9.16 -23.14
CA ASP C 358 -61.82 8.35 -22.21
C ASP C 358 -61.55 6.87 -22.39
N ASP C 359 -61.33 6.45 -23.64
CA ASP C 359 -61.25 5.04 -23.94
C ASP C 359 -60.01 4.67 -24.80
N PRO C 360 -58.86 4.35 -24.20
CA PRO C 360 -57.68 3.95 -24.99
C PRO C 360 -58.04 2.79 -25.91
N THR C 361 -58.84 1.83 -25.42
CA THR C 361 -59.27 0.80 -26.32
C THR C 361 -59.62 1.26 -27.74
N THR C 362 -60.00 2.53 -27.96
CA THR C 362 -60.36 3.05 -29.30
C THR C 362 -59.14 3.60 -30.07
N TRP C 363 -57.99 3.75 -29.40
CA TRP C 363 -56.80 4.20 -30.11
C TRP C 363 -56.48 3.29 -31.26
N GLU C 364 -56.19 3.91 -32.40
CA GLU C 364 -56.21 3.31 -33.72
C GLU C 364 -55.13 4.01 -34.53
N LYS C 365 -54.21 3.21 -35.13
CA LYS C 365 -53.13 3.70 -36.00
C LYS C 365 -53.71 4.67 -37.00
N LYS C 366 -53.15 5.88 -37.04
CA LYS C 366 -53.41 6.86 -38.08
C LYS C 366 -52.24 7.19 -39.02
N ALA C 367 -50.95 6.86 -38.74
CA ALA C 367 -49.98 6.98 -39.83
C ALA C 367 -48.69 6.25 -39.42
N VAL C 368 -47.74 5.98 -40.37
CA VAL C 368 -46.38 5.47 -40.06
C VAL C 368 -45.36 6.43 -40.64
N VAL C 369 -44.50 7.05 -39.81
CA VAL C 369 -43.39 7.82 -40.37
C VAL C 369 -42.39 6.81 -40.94
N GLU C 370 -42.05 6.98 -42.22
CA GLU C 370 -41.00 6.16 -42.88
C GLU C 370 -40.00 7.03 -43.65
N SER C 371 -38.69 6.65 -43.66
CA SER C 371 -37.67 7.43 -44.36
C SER C 371 -36.53 6.57 -44.87
N PRO C 372 -36.00 6.83 -46.10
CA PRO C 372 -34.67 6.33 -46.48
C PRO C 372 -33.58 6.69 -45.47
N ASP C 373 -33.79 7.77 -44.67
CA ASP C 373 -33.06 8.13 -43.46
C ASP C 373 -32.85 6.90 -42.57
N TRP C 374 -33.87 6.01 -42.46
CA TRP C 374 -33.69 4.63 -41.96
C TRP C 374 -33.54 3.57 -43.06
N ARG C 375 -32.35 3.29 -43.60
CA ARG C 375 -32.35 2.21 -44.60
C ARG C 375 -31.94 0.86 -43.99
N GLY C 376 -30.91 0.85 -43.13
CA GLY C 376 -30.37 -0.40 -42.62
C GLY C 376 -30.94 -0.82 -41.27
N ALA C 377 -30.30 -1.81 -40.68
CA ALA C 377 -30.55 -2.15 -39.29
C ALA C 377 -30.46 -0.87 -38.50
N TYR C 378 -29.73 0.10 -39.06
CA TYR C 378 -29.46 1.31 -38.28
C TYR C 378 -29.52 2.40 -39.34
N PRO C 379 -29.71 3.68 -38.91
CA PRO C 379 -29.92 4.02 -37.49
C PRO C 379 -31.20 3.68 -36.73
N ASN C 380 -31.09 3.88 -35.41
CA ASN C 380 -32.09 3.66 -34.37
C ASN C 380 -32.50 4.99 -33.72
N THR C 381 -33.82 5.14 -33.53
CA THR C 381 -34.40 6.35 -32.94
C THR C 381 -34.88 6.08 -31.52
N PHE C 382 -34.05 6.46 -30.55
CA PHE C 382 -34.39 6.15 -29.18
C PHE C 382 -35.05 7.34 -28.44
N HIS C 383 -35.14 8.54 -29.06
CA HIS C 383 -35.54 9.74 -28.29
C HIS C 383 -36.26 10.74 -29.15
N MET C 384 -37.22 11.45 -28.50
CA MET C 384 -37.92 12.53 -29.21
C MET C 384 -38.28 13.69 -28.30
N VAL C 385 -38.31 14.93 -28.86
CA VAL C 385 -38.95 16.07 -28.21
C VAL C 385 -39.89 16.69 -29.24
N PHE C 386 -41.14 17.08 -28.86
CA PHE C 386 -42.01 17.90 -29.69
C PHE C 386 -41.84 19.39 -29.40
N THR C 387 -42.39 20.18 -30.33
CA THR C 387 -42.49 21.64 -30.23
C THR C 387 -43.75 21.93 -29.41
N PRO C 388 -43.82 23.11 -28.80
CA PRO C 388 -44.92 23.35 -27.89
C PRO C 388 -46.27 23.20 -28.63
N ASP C 389 -46.36 23.49 -29.94
CA ASP C 389 -47.68 23.39 -30.54
C ASP C 389 -47.88 21.97 -31.09
N ALA C 390 -46.89 21.04 -31.01
CA ALA C 390 -46.96 19.70 -31.64
C ALA C 390 -46.75 19.68 -33.15
N LYS C 391 -46.31 20.79 -33.76
CA LYS C 391 -46.22 20.85 -35.21
C LYS C 391 -45.02 20.08 -35.79
N LYS C 392 -44.02 19.84 -34.95
CA LYS C 392 -42.76 19.19 -35.35
C LYS C 392 -42.17 18.38 -34.19
N ILE C 393 -41.41 17.32 -34.60
CA ILE C 393 -40.60 16.54 -33.66
C ILE C 393 -39.13 16.45 -34.09
N TYR C 394 -38.35 16.53 -33.07
CA TYR C 394 -36.91 16.30 -33.03
C TYR C 394 -36.74 14.89 -32.49
N VAL C 395 -36.28 14.00 -33.38
CA VAL C 395 -35.96 12.65 -32.97
C VAL C 395 -34.50 12.30 -33.35
N THR C 396 -33.87 11.42 -32.59
CA THR C 396 -32.46 11.11 -32.83
C THR C 396 -32.15 10.00 -33.85
N MET C 397 -30.84 9.87 -34.13
CA MET C 397 -30.36 8.96 -35.17
C MET C 397 -29.01 8.36 -34.67
N TRP C 398 -29.05 7.16 -34.08
CA TRP C 398 -27.94 6.65 -33.32
C TRP C 398 -27.49 5.44 -34.13
N TRP C 399 -26.17 5.32 -34.19
CA TRP C 399 -25.34 4.31 -34.80
C TRP C 399 -24.22 3.91 -33.84
N PRO C 400 -23.69 2.67 -34.03
CA PRO C 400 -22.30 2.31 -33.56
C PRO C 400 -21.21 3.22 -34.12
N SER C 401 -20.19 3.52 -33.32
CA SER C 401 -18.90 4.03 -33.82
C SER C 401 -18.59 3.39 -35.20
N PRO C 402 -18.21 4.09 -36.24
CA PRO C 402 -18.01 5.56 -36.21
C PRO C 402 -18.99 6.37 -37.06
N THR C 403 -20.11 5.76 -37.38
CA THR C 403 -21.09 6.40 -38.28
C THR C 403 -21.67 7.66 -37.61
N PRO C 404 -21.70 8.82 -38.32
CA PRO C 404 -21.97 10.06 -37.65
C PRO C 404 -23.46 9.94 -37.20
N ASN C 405 -23.66 10.12 -35.91
CA ASN C 405 -24.96 10.32 -35.29
C ASN C 405 -25.55 11.70 -35.62
N GLY C 406 -26.89 11.80 -35.40
CA GLY C 406 -27.56 13.08 -35.59
C GLY C 406 -29.04 13.08 -35.18
N ILE C 407 -29.78 14.00 -35.83
CA ILE C 407 -31.15 14.33 -35.44
C ILE C 407 -32.00 14.49 -36.69
N ALA C 408 -33.19 13.90 -36.65
CA ALA C 408 -34.15 14.21 -37.70
C ALA C 408 -35.28 15.08 -37.17
N VAL C 409 -35.73 16.00 -38.01
CA VAL C 409 -36.99 16.73 -37.83
C VAL C 409 -38.10 15.99 -38.58
N ILE C 410 -39.19 15.70 -37.84
CA ILE C 410 -40.48 15.19 -38.29
C ILE C 410 -41.48 16.34 -38.21
N ASP C 411 -42.17 16.47 -39.32
CA ASP C 411 -43.48 17.04 -39.64
C ASP C 411 -44.52 16.17 -38.94
N ALA C 412 -44.96 16.65 -37.77
CA ALA C 412 -45.94 15.90 -37.00
C ALA C 412 -47.37 16.34 -37.32
N VAL C 413 -47.54 16.78 -38.56
CA VAL C 413 -48.85 17.11 -39.14
C VAL C 413 -48.99 16.18 -40.32
N ASN C 414 -47.94 16.15 -41.13
CA ASN C 414 -47.98 15.35 -42.34
C ASN C 414 -47.53 13.92 -42.07
N TRP C 415 -46.86 13.73 -40.92
CA TRP C 415 -46.10 12.54 -40.53
C TRP C 415 -45.06 12.25 -41.60
N GLU C 416 -44.09 13.15 -41.77
CA GLU C 416 -43.09 12.98 -42.82
C GLU C 416 -41.74 13.41 -42.26
N VAL C 417 -40.60 12.72 -42.61
CA VAL C 417 -39.37 13.32 -42.18
C VAL C 417 -39.13 14.57 -43.05
N LEU C 418 -38.74 15.67 -42.42
CA LEU C 418 -38.36 16.92 -43.11
C LEU C 418 -36.87 16.97 -43.54
N LYS C 419 -36.01 16.34 -42.79
CA LYS C 419 -34.61 16.63 -42.91
C LYS C 419 -33.91 15.98 -41.76
N GLU C 420 -32.60 15.71 -41.98
CA GLU C 420 -31.77 15.03 -41.02
C GLU C 420 -30.42 15.73 -40.97
N VAL C 421 -29.86 15.94 -39.78
CA VAL C 421 -28.56 16.60 -39.67
C VAL C 421 -27.53 15.70 -38.98
N ASP C 422 -26.30 15.67 -39.54
CA ASP C 422 -25.22 14.95 -38.86
C ASP C 422 -24.53 15.74 -37.76
N LEU C 423 -24.29 15.05 -36.64
CA LEU C 423 -23.76 15.71 -35.45
C LEU C 423 -22.43 15.20 -34.92
N GLY C 424 -22.27 13.95 -34.42
CA GLY C 424 -20.96 13.59 -33.90
C GLY C 424 -21.12 12.13 -33.43
N PRO C 425 -20.27 11.52 -32.62
CA PRO C 425 -20.61 10.18 -32.10
C PRO C 425 -21.67 10.08 -30.99
N ASP C 426 -22.51 9.04 -31.03
CA ASP C 426 -23.18 8.63 -29.81
C ASP C 426 -24.26 9.64 -29.37
N MET C 427 -25.26 9.89 -30.22
CA MET C 427 -26.41 10.78 -29.94
C MET C 427 -27.26 10.18 -28.80
N HIS C 428 -27.35 10.91 -27.67
CA HIS C 428 -28.45 10.57 -26.78
C HIS C 428 -29.72 11.40 -26.93
N THR C 429 -30.10 12.08 -25.82
CA THR C 429 -31.45 12.62 -25.70
C THR C 429 -31.57 14.01 -26.30
N LEU C 430 -32.85 14.47 -26.37
CA LEU C 430 -33.21 15.78 -26.88
C LEU C 430 -34.14 16.50 -25.88
N ALA C 431 -33.74 17.65 -25.35
CA ALA C 431 -34.77 18.48 -24.73
C ALA C 431 -35.07 19.69 -25.62
N ILE C 432 -36.06 20.55 -25.23
CA ILE C 432 -36.47 21.77 -25.97
C ILE C 432 -36.64 22.92 -24.96
N THR C 433 -36.28 24.19 -25.30
CA THR C 433 -36.58 25.26 -24.36
C THR C 433 -38.11 25.47 -24.41
N TYR C 434 -38.72 25.98 -23.31
CA TYR C 434 -40.18 25.93 -23.11
C TYR C 434 -40.90 26.83 -24.14
N ASP C 435 -40.31 27.92 -24.55
CA ASP C 435 -40.62 28.67 -25.74
C ASP C 435 -40.54 27.95 -27.10
N GLY C 436 -40.08 26.67 -27.26
CA GLY C 436 -39.96 26.06 -28.60
C GLY C 436 -38.75 26.46 -29.46
N LYS C 437 -37.91 27.38 -28.96
CA LYS C 437 -36.86 28.12 -29.66
C LYS C 437 -35.62 27.26 -29.82
N PHE C 438 -35.27 26.44 -28.82
CA PHE C 438 -34.05 25.64 -29.00
C PHE C 438 -34.17 24.25 -28.38
N VAL C 439 -34.07 23.23 -29.24
CA VAL C 439 -33.70 21.86 -28.90
C VAL C 439 -32.25 21.78 -28.34
N VAL C 440 -32.10 21.40 -27.07
CA VAL C 440 -30.84 21.07 -26.44
C VAL C 440 -30.73 19.56 -26.22
N GLY C 441 -29.60 18.99 -26.65
CA GLY C 441 -29.35 17.55 -26.61
C GLY C 441 -27.92 17.14 -26.23
N THR C 442 -27.76 15.82 -25.96
CA THR C 442 -26.48 15.33 -25.55
C THR C 442 -25.94 14.24 -26.51
N LEU C 443 -24.60 14.19 -26.63
CA LEU C 443 -23.91 13.14 -27.40
C LEU C 443 -22.78 12.72 -26.50
N SER C 444 -22.55 11.40 -26.34
CA SER C 444 -21.83 10.95 -25.13
C SER C 444 -20.67 9.96 -25.32
N GLY C 445 -20.25 9.80 -26.60
CA GLY C 445 -18.87 9.35 -26.80
C GLY C 445 -18.74 7.84 -26.57
N TYR C 446 -19.88 7.14 -26.58
CA TYR C 446 -19.92 5.71 -26.26
C TYR C 446 -19.28 5.45 -24.90
N GLN C 447 -19.37 6.45 -23.99
CA GLN C 447 -18.59 6.46 -22.76
C GLN C 447 -17.04 6.63 -22.88
N ASN C 448 -16.35 6.65 -24.05
CA ASN C 448 -14.87 6.60 -24.00
C ASN C 448 -14.23 7.70 -24.87
N THR C 449 -15.06 8.27 -25.73
CA THR C 449 -14.65 9.33 -26.64
C THR C 449 -15.58 10.57 -26.54
N ALA C 450 -15.66 11.27 -27.66
CA ALA C 450 -15.93 12.69 -27.50
C ALA C 450 -17.44 12.86 -27.16
N SER C 451 -17.70 13.93 -26.46
CA SER C 451 -19.03 14.18 -25.83
C SER C 451 -19.34 15.67 -25.70
N ALA C 452 -20.67 16.08 -25.65
CA ALA C 452 -20.97 17.49 -25.65
C ALA C 452 -22.50 17.67 -25.51
N ILE C 453 -22.86 18.95 -25.48
CA ILE C 453 -24.23 19.47 -25.50
C ILE C 453 -24.33 20.10 -26.86
N VAL C 454 -25.35 19.71 -27.63
CA VAL C 454 -25.61 20.30 -28.91
C VAL C 454 -26.89 21.13 -28.81
N VAL C 455 -26.96 22.26 -29.57
CA VAL C 455 -27.98 23.32 -29.58
C VAL C 455 -28.38 23.58 -31.03
N MET C 456 -29.59 23.13 -31.39
CA MET C 456 -30.18 23.38 -32.69
C MET C 456 -31.35 24.32 -32.42
N GLU C 457 -31.69 25.14 -33.41
CA GLU C 457 -32.78 26.07 -33.26
C GLU C 457 -33.88 25.64 -34.22
N THR C 458 -35.12 25.97 -33.76
CA THR C 458 -36.38 25.39 -34.26
C THR C 458 -37.08 26.33 -35.24
N GLU C 459 -36.55 27.54 -35.37
CA GLU C 459 -36.90 28.40 -36.49
C GLU C 459 -36.68 27.73 -37.85
N THR C 460 -35.44 27.27 -38.20
CA THR C 460 -35.05 26.80 -39.55
C THR C 460 -33.97 25.70 -39.47
N ASP C 461 -33.70 25.28 -38.23
CA ASP C 461 -33.40 23.89 -37.97
C ASP C 461 -31.93 23.65 -38.20
N GLU C 462 -31.15 24.66 -37.86
CA GLU C 462 -29.73 24.64 -38.14
C GLU C 462 -28.96 24.46 -36.86
N VAL C 463 -27.94 23.59 -36.91
CA VAL C 463 -27.11 23.38 -35.74
C VAL C 463 -26.38 24.66 -35.38
N LEU C 464 -26.49 25.07 -34.12
CA LEU C 464 -25.81 26.34 -33.85
C LEU C 464 -24.44 26.03 -33.24
N GLY C 465 -24.36 24.83 -32.67
CA GLY C 465 -23.10 24.55 -32.04
C GLY C 465 -23.15 23.63 -30.83
N PHE C 466 -21.95 23.44 -30.22
CA PHE C 466 -21.70 22.48 -29.17
C PHE C 466 -21.00 23.11 -27.98
N LEU C 467 -21.14 22.47 -26.81
CA LEU C 467 -20.60 23.01 -25.59
C LEU C 467 -19.85 21.83 -24.99
N PRO C 468 -18.80 22.12 -24.24
CA PRO C 468 -18.17 21.11 -23.40
C PRO C 468 -19.17 20.36 -22.50
N SER C 469 -19.18 19.02 -22.60
CA SER C 469 -19.84 18.31 -21.52
C SER C 469 -19.13 16.95 -21.37
N PRO C 470 -18.23 16.77 -20.35
CA PRO C 470 -17.39 15.56 -20.16
C PRO C 470 -18.08 14.51 -19.25
N MET C 471 -19.17 14.01 -19.82
CA MET C 471 -20.22 13.20 -19.23
C MET C 471 -20.63 12.19 -20.29
N GLY C 472 -21.23 11.03 -19.88
CA GLY C 472 -21.69 10.07 -20.87
C GLY C 472 -23.20 10.00 -20.94
N HIS C 473 -23.84 11.19 -20.72
CA HIS C 473 -25.29 11.46 -20.77
C HIS C 473 -26.09 10.39 -21.49
N HIS C 474 -26.90 9.69 -20.69
CA HIS C 474 -27.99 8.94 -21.29
C HIS C 474 -29.29 9.73 -21.15
N ASP C 475 -29.27 10.96 -20.53
CA ASP C 475 -30.54 11.75 -20.38
C ASP C 475 -30.21 13.24 -20.25
N ASN C 476 -31.23 14.12 -20.44
CA ASN C 476 -31.14 15.57 -20.25
C ASN C 476 -32.54 16.21 -20.22
N VAL C 477 -32.75 17.25 -19.39
CA VAL C 477 -34.03 17.96 -19.39
C VAL C 477 -33.65 19.44 -19.43
N ILE C 478 -34.59 20.32 -19.77
CA ILE C 478 -34.46 21.68 -19.32
C ILE C 478 -35.48 21.76 -18.18
N VAL C 479 -35.15 22.46 -17.11
CA VAL C 479 -35.99 22.48 -15.96
C VAL C 479 -37.23 23.27 -16.29
N PRO C 480 -38.38 22.62 -16.27
CA PRO C 480 -39.62 23.34 -16.61
C PRO C 480 -40.13 24.35 -15.57
N ARG C 481 -41.09 25.24 -16.01
CA ARG C 481 -41.63 26.19 -15.05
C ARG C 481 -43.07 25.81 -14.66
N THR C 482 -43.78 25.08 -15.50
CA THR C 482 -45.17 24.85 -15.23
C THR C 482 -45.56 23.48 -15.75
N LEU C 483 -46.86 23.22 -15.62
CA LEU C 483 -47.33 21.87 -15.86
C LEU C 483 -47.47 21.69 -17.35
N GLU C 484 -47.76 22.79 -18.00
CA GLU C 484 -47.70 22.81 -19.43
C GLU C 484 -46.28 22.51 -19.95
N ASP C 485 -45.22 23.13 -19.41
CA ASP C 485 -43.79 22.94 -19.75
C ASP C 485 -43.49 21.46 -19.70
N LEU C 486 -43.95 20.80 -18.62
CA LEU C 486 -43.79 19.31 -18.66
C LEU C 486 -44.27 18.55 -19.90
N ARG C 487 -45.11 19.08 -20.81
CA ARG C 487 -45.82 18.35 -21.86
C ARG C 487 -44.76 18.00 -22.92
N ILE C 488 -43.62 18.69 -22.84
CA ILE C 488 -42.54 18.59 -23.85
C ILE C 488 -41.22 18.44 -23.09
N SER C 489 -41.32 17.97 -21.81
CA SER C 489 -40.17 17.56 -21.00
C SER C 489 -40.33 16.09 -20.65
N ARG C 490 -39.79 15.68 -19.50
CA ARG C 490 -39.51 14.25 -19.29
C ARG C 490 -40.61 13.59 -18.47
N SER C 491 -41.67 13.32 -19.22
CA SER C 491 -42.89 12.85 -18.62
C SER C 491 -43.70 12.27 -19.76
N THR C 492 -43.78 12.97 -20.87
CA THR C 492 -44.53 12.45 -22.01
C THR C 492 -43.75 11.68 -23.07
N THR C 493 -42.40 11.79 -23.13
CA THR C 493 -41.62 11.00 -24.09
C THR C 493 -40.24 10.81 -23.42
N THR C 494 -39.42 9.87 -23.92
CA THR C 494 -38.10 9.71 -23.35
C THR C 494 -36.98 9.99 -24.35
N LYS D 28 -28.68 36.25 -38.60
CA LYS D 28 -29.89 35.95 -37.76
C LYS D 28 -29.44 35.34 -36.43
N TYR D 29 -29.44 34.00 -36.34
CA TYR D 29 -28.99 33.38 -35.10
C TYR D 29 -27.46 33.48 -34.93
N VAL D 30 -27.03 33.55 -33.70
CA VAL D 30 -25.61 33.46 -33.38
C VAL D 30 -25.17 32.00 -33.46
N LYS D 31 -23.84 31.77 -33.57
CA LYS D 31 -23.36 30.43 -33.82
C LYS D 31 -22.04 30.25 -33.07
N VAL D 32 -21.93 29.26 -32.17
CA VAL D 32 -20.80 29.16 -31.27
C VAL D 32 -19.44 28.97 -31.96
N GLN D 33 -19.38 28.28 -33.12
CA GLN D 33 -18.11 28.00 -33.75
C GLN D 33 -17.32 29.28 -34.04
N ASP D 34 -18.06 30.34 -34.39
CA ASP D 34 -17.51 31.66 -34.67
C ASP D 34 -16.65 32.08 -33.47
N PHE D 35 -17.13 31.73 -32.29
CA PHE D 35 -16.37 32.01 -31.09
C PHE D 35 -15.13 31.11 -31.02
N TYR D 36 -15.34 29.81 -31.18
CA TYR D 36 -14.23 28.90 -31.06
C TYR D 36 -13.18 29.18 -32.14
N ASP D 37 -13.65 29.42 -33.40
CA ASP D 37 -12.85 29.86 -34.53
C ASP D 37 -11.65 30.71 -34.13
N GLN D 38 -11.84 31.51 -33.09
CA GLN D 38 -10.83 32.53 -32.84
C GLN D 38 -9.79 31.97 -31.90
N LEU D 39 -10.11 30.83 -31.29
CA LEU D 39 -9.22 30.42 -30.22
C LEU D 39 -7.92 29.76 -30.69
N GLY D 40 -7.86 29.26 -31.94
CA GLY D 40 -6.69 28.46 -32.33
C GLY D 40 -6.93 26.99 -31.97
N LYS D 41 -6.13 26.11 -32.57
CA LYS D 41 -6.34 24.67 -32.44
C LYS D 41 -5.57 24.29 -31.17
N TYR D 42 -6.27 24.43 -30.03
CA TYR D 42 -5.71 24.21 -28.72
C TYR D 42 -6.62 23.25 -27.97
N VAL D 43 -5.99 22.38 -27.20
CA VAL D 43 -6.56 21.29 -26.41
C VAL D 43 -6.34 21.63 -24.92
N LEU D 44 -7.47 21.82 -24.20
CA LEU D 44 -7.52 22.17 -22.76
C LEU D 44 -7.56 20.86 -21.99
N VAL D 45 -6.73 20.61 -20.98
CA VAL D 45 -6.85 19.43 -20.12
C VAL D 45 -7.09 19.84 -18.66
N ALA D 46 -7.97 19.18 -17.88
CA ALA D 46 -8.22 19.54 -16.47
C ALA D 46 -8.74 18.39 -15.60
N PRO D 47 -8.22 18.19 -14.36
CA PRO D 47 -8.74 17.17 -13.42
C PRO D 47 -9.97 17.75 -12.67
N GLY D 48 -10.70 16.87 -11.99
CA GLY D 48 -12.11 17.08 -11.59
C GLY D 48 -12.25 17.33 -10.06
N LYS D 49 -11.21 17.04 -9.28
CA LYS D 49 -11.23 17.03 -7.83
C LYS D 49 -12.31 16.07 -7.32
N PHE D 50 -13.35 16.56 -6.61
CA PHE D 50 -14.43 15.70 -6.06
C PHE D 50 -15.22 15.06 -7.18
N SER D 51 -15.28 15.67 -8.34
CA SER D 51 -15.73 15.03 -9.56
C SER D 51 -15.22 13.60 -9.76
N GLY D 52 -13.97 13.31 -9.31
CA GLY D 52 -13.13 12.18 -9.68
C GLY D 52 -13.13 11.88 -11.19
N THR D 53 -12.93 12.92 -12.01
CA THR D 53 -12.85 12.63 -13.44
C THR D 53 -11.85 13.62 -13.97
N VAL D 54 -11.39 13.41 -15.23
CA VAL D 54 -10.48 14.34 -15.89
C VAL D 54 -10.91 14.50 -17.34
N ALA D 55 -10.65 15.68 -17.96
CA ALA D 55 -11.15 15.80 -19.28
C ALA D 55 -10.29 16.71 -20.16
N ALA D 56 -10.26 16.32 -21.42
CA ALA D 56 -9.71 17.07 -22.54
C ALA D 56 -10.84 17.72 -23.32
N THR D 57 -10.61 18.98 -23.73
CA THR D 57 -11.57 19.73 -24.51
C THR D 57 -10.84 20.46 -25.63
N ASP D 58 -11.40 20.31 -26.82
CA ASP D 58 -11.04 20.99 -28.03
C ASP D 58 -11.55 22.44 -28.06
N LEU D 59 -10.69 23.37 -27.74
CA LEU D 59 -11.16 24.75 -27.75
C LEU D 59 -11.58 25.20 -29.15
N SER D 60 -11.18 24.48 -30.20
CA SER D 60 -11.44 24.81 -31.58
C SER D 60 -12.87 24.41 -31.99
N THR D 61 -13.56 23.52 -31.25
CA THR D 61 -14.86 23.03 -31.71
C THR D 61 -15.89 22.87 -30.58
N GLY D 62 -15.42 22.94 -29.33
CA GLY D 62 -16.18 22.93 -28.09
C GLY D 62 -16.51 21.52 -27.57
N TRP D 63 -16.39 20.50 -28.42
CA TRP D 63 -16.46 19.12 -27.95
C TRP D 63 -15.45 18.80 -26.83
N THR D 64 -15.94 18.13 -25.76
CA THR D 64 -15.08 17.24 -25.02
C THR D 64 -14.49 16.18 -25.97
N MET D 65 -13.14 16.12 -26.04
CA MET D 65 -12.42 15.14 -26.87
C MET D 65 -12.60 13.74 -26.25
N ALA D 66 -12.43 13.62 -24.92
CA ALA D 66 -12.34 12.35 -24.16
C ALA D 66 -12.37 12.67 -22.69
N TRP D 67 -12.78 11.74 -21.85
CA TRP D 67 -12.92 12.04 -20.43
C TRP D 67 -12.80 10.67 -19.80
N LEU D 68 -12.31 10.68 -18.57
CA LEU D 68 -12.15 9.43 -17.83
C LEU D 68 -12.54 9.65 -16.36
N ALA D 69 -13.18 8.62 -15.74
CA ALA D 69 -13.59 8.57 -14.30
C ALA D 69 -12.80 7.44 -13.64
N ALA D 70 -11.95 7.80 -12.72
CA ALA D 70 -11.08 6.87 -11.98
C ALA D 70 -11.83 5.81 -11.17
N TRP D 71 -13.12 6.08 -10.88
CA TRP D 71 -13.90 5.01 -10.25
C TRP D 71 -13.86 3.68 -11.05
N ASN D 72 -13.80 3.74 -12.39
CA ASN D 72 -13.80 2.56 -13.25
C ASN D 72 -12.50 1.73 -13.11
N TYR D 73 -11.49 2.27 -12.46
CA TYR D 73 -10.14 1.70 -12.43
C TYR D 73 -10.02 1.29 -10.96
N GLY D 74 -11.21 1.24 -10.27
CA GLY D 74 -11.19 0.86 -8.85
C GLY D 74 -10.66 1.87 -7.85
N ASP D 75 -10.54 3.15 -8.28
CA ASP D 75 -10.05 4.14 -7.37
C ASP D 75 -11.22 4.48 -6.42
N THR D 76 -11.00 4.19 -5.15
CA THR D 76 -11.86 4.36 -4.00
C THR D 76 -11.71 5.69 -3.28
N CYS D 77 -11.08 6.65 -3.96
CA CYS D 77 -11.23 8.03 -3.53
C CYS D 77 -10.62 8.83 -4.66
N PRO D 78 -11.27 8.89 -5.86
CA PRO D 78 -10.68 9.43 -7.08
C PRO D 78 -10.74 10.94 -6.86
N ILE D 79 -10.02 11.41 -5.84
CA ILE D 79 -9.93 12.87 -5.85
C ILE D 79 -8.80 13.34 -6.78
N MET D 80 -9.12 13.74 -8.01
CA MET D 80 -8.14 13.93 -9.10
C MET D 80 -7.64 15.37 -8.94
N HIS D 81 -6.37 15.52 -8.56
CA HIS D 81 -5.84 16.74 -7.97
C HIS D 81 -5.09 17.50 -9.08
N HIS D 82 -3.75 17.40 -9.13
CA HIS D 82 -2.92 18.28 -9.93
C HIS D 82 -2.54 17.59 -11.23
N MET D 83 -2.06 18.34 -12.24
CA MET D 83 -1.85 17.67 -13.54
C MET D 83 -0.93 18.48 -14.47
N ALA D 84 -0.30 17.79 -15.43
CA ALA D 84 0.68 18.42 -16.30
C ALA D 84 0.87 17.53 -17.54
N ALA D 85 0.88 18.15 -18.72
CA ALA D 85 0.90 17.42 -19.97
C ALA D 85 2.27 17.57 -20.58
N PHE D 86 2.71 16.48 -21.21
CA PHE D 86 3.94 16.45 -22.02
C PHE D 86 3.73 17.21 -23.33
N PRO D 87 4.75 17.95 -23.88
CA PRO D 87 4.72 18.37 -25.28
C PRO D 87 4.35 17.17 -26.19
N SER D 88 3.40 17.35 -27.12
CA SER D 88 3.21 16.42 -28.19
C SER D 88 3.24 17.19 -29.48
N PRO D 89 3.91 16.65 -30.54
CA PRO D 89 3.88 17.24 -31.89
C PRO D 89 2.50 17.64 -32.40
N ASP D 90 1.54 16.73 -32.24
CA ASP D 90 0.11 16.97 -32.50
C ASP D 90 -0.78 16.38 -31.40
N PRO D 91 -1.35 17.23 -30.50
CA PRO D 91 -2.15 16.76 -29.39
C PRO D 91 -3.43 16.00 -29.75
N TYR D 92 -4.00 16.35 -30.91
CA TYR D 92 -5.19 15.81 -31.53
C TYR D 92 -4.96 14.34 -31.93
N LYS D 93 -3.70 13.99 -32.18
CA LYS D 93 -3.21 12.65 -32.53
C LYS D 93 -3.01 11.84 -31.25
N GLU D 94 -2.24 12.45 -30.36
CA GLU D 94 -1.76 11.81 -29.16
C GLU D 94 -1.26 12.85 -28.16
N PHE D 95 -1.13 12.48 -26.89
CA PHE D 95 -0.54 13.29 -25.86
C PHE D 95 -0.60 12.45 -24.58
N GLU D 96 0.32 12.65 -23.68
CA GLU D 96 0.43 11.97 -22.41
C GLU D 96 0.52 13.10 -21.44
N PHE D 97 0.19 12.72 -20.22
CA PHE D 97 0.01 13.62 -19.09
C PHE D 97 0.08 12.74 -17.87
N VAL D 98 0.32 13.43 -16.75
CA VAL D 98 0.43 12.89 -15.42
C VAL D 98 -0.75 13.52 -14.64
N VAL D 99 -1.54 12.69 -13.92
CA VAL D 99 -2.50 13.15 -12.93
C VAL D 99 -2.43 12.41 -11.61
N ASN D 100 -2.26 13.17 -10.55
CA ASN D 100 -2.15 12.62 -9.20
C ASN D 100 -3.45 12.70 -8.44
N THR D 101 -3.44 12.25 -7.17
CA THR D 101 -4.71 12.27 -6.42
C THR D 101 -4.43 12.39 -4.92
N GLN D 102 -5.48 12.81 -4.24
CA GLN D 102 -5.59 12.84 -2.82
C GLN D 102 -6.68 11.87 -2.35
N GLY D 103 -6.66 11.66 -1.06
CA GLY D 103 -7.56 10.78 -0.35
C GLY D 103 -7.53 11.04 1.15
N GLY D 104 -7.90 9.99 1.88
CA GLY D 104 -8.13 10.09 3.33
C GLY D 104 -9.05 11.24 3.68
N LYS D 105 -8.65 11.96 4.71
CA LYS D 105 -9.41 13.05 5.28
C LYS D 105 -9.40 14.31 4.42
N ASN D 106 -8.76 14.24 3.26
CA ASN D 106 -9.01 15.27 2.27
C ASN D 106 -10.42 15.16 1.69
N LEU D 107 -11.05 13.97 1.74
CA LEU D 107 -12.41 13.87 1.25
C LEU D 107 -13.37 14.57 2.24
N PHE D 108 -12.92 14.81 3.47
CA PHE D 108 -13.79 15.35 4.52
C PHE D 108 -13.72 16.87 4.66
N ILE D 109 -13.00 17.53 3.77
CA ILE D 109 -12.57 18.88 4.08
C ILE D 109 -13.45 19.96 3.44
N TYR D 110 -14.32 19.61 2.50
CA TYR D 110 -15.02 20.58 1.66
C TYR D 110 -16.48 20.69 2.14
N GLY D 111 -17.31 21.53 1.51
CA GLY D 111 -18.63 21.45 2.08
C GLY D 111 -19.47 20.36 1.42
N VAL D 112 -18.85 19.31 0.83
CA VAL D 112 -19.70 18.23 0.32
C VAL D 112 -19.92 17.28 1.51
N PRO D 113 -21.16 16.90 1.93
CA PRO D 113 -21.29 16.06 3.13
C PRO D 113 -21.08 14.58 2.84
N VAL D 114 -19.81 14.17 2.72
CA VAL D 114 -19.42 12.88 2.17
C VAL D 114 -19.69 11.76 3.20
N ALA D 115 -20.02 10.58 2.71
CA ALA D 115 -20.30 9.39 3.51
C ALA D 115 -19.57 8.24 2.82
N VAL D 116 -18.27 8.22 3.06
CA VAL D 116 -17.49 7.08 2.59
C VAL D 116 -16.97 6.36 3.84
N GLU D 117 -17.27 5.06 3.93
CA GLU D 117 -16.84 4.38 5.15
C GLU D 117 -15.33 4.14 5.23
N ASP D 118 -14.69 3.58 4.19
CA ASP D 118 -13.23 3.35 4.27
C ASP D 118 -12.58 3.93 3.04
N PRO D 119 -12.22 5.22 3.04
CA PRO D 119 -11.80 5.91 1.81
C PRO D 119 -10.44 5.62 1.19
N GLY D 120 -10.37 5.75 -0.13
CA GLY D 120 -9.03 5.53 -0.68
C GLY D 120 -8.06 6.38 0.10
N GLU D 121 -6.78 6.03 -0.05
CA GLU D 121 -5.63 6.70 0.53
C GLU D 121 -5.11 7.81 -0.40
N GLY D 122 -5.52 7.83 -1.69
CA GLY D 122 -5.07 8.79 -2.70
C GLY D 122 -3.53 8.76 -2.86
N MET D 123 -2.88 9.90 -3.21
CA MET D 123 -1.42 9.97 -3.38
C MET D 123 -1.03 9.01 -4.50
N LYS D 124 -2.00 8.79 -5.39
CA LYS D 124 -1.71 8.07 -6.62
C LYS D 124 -1.13 9.09 -7.59
N ILE D 125 -0.44 8.57 -8.61
CA ILE D 125 0.17 9.45 -9.58
C ILE D 125 -0.16 8.80 -10.90
N TYR D 126 -1.36 9.04 -11.46
CA TYR D 126 -1.62 8.21 -12.62
C TYR D 126 -0.82 8.74 -13.79
N ARG D 127 -0.45 7.86 -14.73
CA ARG D 127 0.05 8.09 -16.07
C ARG D 127 -1.08 7.81 -17.10
N ILE D 128 -1.46 8.82 -17.88
CA ILE D 128 -2.57 8.65 -18.85
C ILE D 128 -2.13 9.10 -20.24
N LYS D 129 -2.66 8.42 -21.29
CA LYS D 129 -2.47 8.71 -22.71
C LYS D 129 -3.80 8.98 -23.45
N TYR D 130 -3.83 10.07 -24.22
CA TYR D 130 -4.89 10.27 -25.18
C TYR D 130 -4.42 9.69 -26.53
N ASP D 131 -5.30 9.04 -27.33
CA ASP D 131 -4.82 8.27 -28.47
C ASP D 131 -5.46 8.83 -29.72
N GLY D 132 -5.97 10.04 -29.47
CA GLY D 132 -6.71 10.75 -30.47
C GLY D 132 -8.10 10.13 -30.53
N THR D 133 -8.54 9.43 -29.49
CA THR D 133 -9.90 8.91 -29.45
C THR D 133 -10.34 8.83 -28.01
N ARG D 134 -9.62 8.00 -27.25
CA ARG D 134 -9.92 7.87 -25.84
C ARG D 134 -8.66 8.04 -25.01
N MET D 135 -8.97 8.15 -23.72
CA MET D 135 -8.02 8.26 -22.67
C MET D 135 -7.74 6.85 -22.16
N ASN D 136 -6.46 6.44 -22.14
CA ASN D 136 -5.98 5.14 -21.69
C ASN D 136 -5.16 5.34 -20.42
N LEU D 137 -5.61 4.73 -19.31
CA LEU D 137 -4.81 4.67 -18.08
C LEU D 137 -3.62 3.75 -18.36
N GLN D 138 -2.40 4.28 -18.26
CA GLN D 138 -1.15 3.53 -18.37
C GLN D 138 -0.90 2.72 -17.11
N ARG D 139 -0.80 3.39 -15.98
CA ARG D 139 -0.29 2.80 -14.77
C ARG D 139 -0.30 3.88 -13.68
N ASP D 140 -0.23 3.42 -12.43
CA ASP D 140 0.12 4.22 -11.25
C ASP D 140 1.65 4.18 -11.09
N ALA D 141 2.31 5.27 -11.54
CA ALA D 141 3.70 5.59 -11.22
C ALA D 141 3.93 5.59 -9.71
N ALA D 142 2.87 5.62 -8.85
CA ALA D 142 3.20 5.59 -7.41
C ALA D 142 3.48 4.15 -6.97
N GLU D 143 2.92 3.24 -7.72
CA GLU D 143 3.20 1.82 -7.55
C GLU D 143 4.59 1.43 -8.09
N VAL D 144 4.94 1.91 -9.29
CA VAL D 144 6.18 1.60 -9.99
C VAL D 144 7.36 2.08 -9.14
N SER D 145 7.30 3.35 -8.72
CA SER D 145 8.32 3.95 -7.87
C SER D 145 8.25 3.56 -6.41
N GLY D 146 7.01 3.33 -5.91
CA GLY D 146 6.74 3.29 -4.47
C GLY D 146 6.58 4.64 -3.76
N LEU D 147 6.57 5.77 -4.51
CA LEU D 147 6.56 6.98 -3.68
C LEU D 147 5.27 7.72 -4.10
N GLY D 148 4.39 7.95 -3.13
CA GLY D 148 3.02 8.48 -3.46
C GLY D 148 2.97 9.94 -2.98
N LEU D 149 2.71 10.86 -3.93
CA LEU D 149 2.74 12.34 -3.77
C LEU D 149 1.40 12.90 -4.27
N GLY D 150 0.78 13.78 -3.45
CA GLY D 150 -0.58 14.29 -3.63
C GLY D 150 -0.74 15.76 -4.10
N VAL D 151 0.34 16.51 -4.13
CA VAL D 151 0.21 17.91 -4.54
C VAL D 151 0.72 18.15 -5.95
N HIS D 152 1.49 19.26 -6.19
CA HIS D 152 1.58 19.76 -7.58
C HIS D 152 2.55 18.91 -8.42
N VAL D 153 2.13 18.68 -9.65
CA VAL D 153 2.66 17.95 -10.76
C VAL D 153 3.15 18.98 -11.76
N THR D 154 4.43 18.87 -12.20
CA THR D 154 5.06 19.70 -13.21
C THR D 154 5.95 18.85 -14.14
N ILE D 155 6.12 19.25 -15.42
CA ILE D 155 7.05 18.71 -16.37
C ILE D 155 8.41 19.40 -16.25
N THR D 156 9.49 18.61 -16.26
CA THR D 156 10.87 19.10 -16.46
C THR D 156 11.01 19.79 -17.84
N PRO D 157 11.88 20.83 -17.98
CA PRO D 157 11.86 21.67 -19.17
C PRO D 157 12.26 20.82 -20.38
N GLU D 158 13.03 19.75 -20.07
CA GLU D 158 13.58 18.89 -21.12
C GLU D 158 12.48 17.94 -21.62
N ALA D 159 11.40 17.88 -20.85
CA ALA D 159 10.23 17.05 -21.15
C ALA D 159 10.61 15.58 -21.01
N ASP D 160 11.57 15.33 -20.14
CA ASP D 160 12.15 14.00 -19.96
C ASP D 160 11.74 13.32 -18.66
N GLY D 161 11.15 14.10 -17.70
CA GLY D 161 10.64 13.66 -16.40
C GLY D 161 9.38 14.46 -15.93
N TYR D 162 9.11 14.42 -14.63
CA TYR D 162 8.06 15.23 -14.04
C TYR D 162 8.42 15.29 -12.57
N ALA D 163 7.88 16.27 -11.87
CA ALA D 163 8.05 16.36 -10.43
C ALA D 163 6.68 16.35 -9.75
N VAL D 164 6.68 15.82 -8.51
CA VAL D 164 5.55 15.86 -7.62
C VAL D 164 6.00 16.30 -6.25
N GLY D 165 5.19 17.17 -5.67
CA GLY D 165 5.35 17.71 -4.33
C GLY D 165 4.08 17.36 -3.52
N ASP D 166 4.17 17.50 -2.23
CA ASP D 166 3.27 16.95 -1.25
C ASP D 166 3.59 17.47 0.13
N GLY D 167 2.53 18.14 0.69
CA GLY D 167 2.52 18.93 1.91
C GLY D 167 1.94 18.25 3.14
N GLN D 168 1.52 17.01 2.95
CA GLN D 168 1.20 16.14 4.06
C GLN D 168 2.46 15.33 4.47
N LYS D 169 3.22 14.81 3.49
CA LYS D 169 4.53 14.16 3.72
C LYS D 169 5.71 15.14 3.67
N ASP D 170 5.63 16.25 2.89
CA ASP D 170 6.84 17.11 2.92
C ASP D 170 8.06 16.44 2.31
N ILE D 171 7.81 15.89 1.12
CA ILE D 171 8.72 15.26 0.19
C ILE D 171 8.41 15.93 -1.11
N CYS D 172 9.39 16.18 -1.98
CA CYS D 172 9.18 16.33 -3.42
C CYS D 172 10.22 15.45 -4.07
N ALA D 173 9.91 15.04 -5.30
CA ALA D 173 10.78 14.19 -6.09
C ALA D 173 10.61 14.58 -7.57
N GLU D 174 11.71 14.53 -8.35
CA GLU D 174 11.72 14.42 -9.82
C GLU D 174 11.87 12.96 -10.28
N PHE D 175 11.03 12.63 -11.28
CA PHE D 175 10.74 11.31 -11.79
C PHE D 175 11.05 11.33 -13.27
N ASP D 176 11.34 10.15 -13.77
CA ASP D 176 11.80 9.94 -15.13
C ASP D 176 10.61 9.41 -15.89
N ARG D 177 10.51 9.88 -17.12
CA ARG D 177 9.27 9.79 -17.84
C ARG D 177 9.14 8.36 -18.31
N GLU D 178 10.30 7.70 -18.73
CA GLU D 178 10.13 6.45 -19.44
C GLU D 178 9.93 5.34 -18.42
N THR D 179 10.33 5.57 -17.20
CA THR D 179 10.46 4.49 -16.24
C THR D 179 9.51 4.65 -15.03
N ASP D 180 9.14 5.92 -14.72
CA ASP D 180 8.37 6.34 -13.52
C ASP D 180 9.19 6.17 -12.26
N MET D 181 10.52 5.94 -12.42
CA MET D 181 11.24 5.81 -11.18
C MET D 181 11.80 7.19 -10.82
N VAL D 182 12.03 7.43 -9.50
CA VAL D 182 12.60 8.68 -8.94
C VAL D 182 14.07 8.93 -9.31
N ARG D 183 14.49 10.12 -9.72
CA ARG D 183 15.87 10.49 -9.85
C ARG D 183 16.36 11.05 -8.51
N TYR D 184 15.53 11.82 -7.79
CA TYR D 184 15.88 12.24 -6.42
C TYR D 184 14.58 12.59 -5.72
N ALA D 185 14.64 12.67 -4.38
CA ALA D 185 13.48 13.14 -3.65
C ALA D 185 14.10 13.74 -2.43
N TRP D 186 13.55 14.89 -2.06
CA TRP D 186 13.81 15.66 -0.86
C TRP D 186 12.69 15.49 0.18
N ALA D 187 13.07 15.19 1.43
CA ALA D 187 12.26 15.25 2.63
C ALA D 187 12.63 16.48 3.47
N PHE D 188 11.63 17.29 3.80
CA PHE D 188 11.89 18.48 4.59
C PHE D 188 11.28 18.28 5.99
N ASP D 189 11.79 19.02 6.98
CA ASP D 189 11.32 18.86 8.34
C ASP D 189 11.52 20.19 9.04
N TRP D 190 10.61 20.51 9.98
CA TRP D 190 10.55 21.78 10.72
C TRP D 190 10.97 21.40 12.09
N ASP D 191 11.97 22.11 12.66
CA ASP D 191 12.35 22.09 14.06
C ASP D 191 11.96 23.47 14.60
N PRO D 192 10.71 23.71 15.10
CA PRO D 192 10.24 25.05 15.49
C PRO D 192 10.90 25.63 16.73
N ASN D 193 11.14 26.95 16.76
CA ASN D 193 11.82 27.49 17.93
C ASN D 193 10.99 27.36 19.21
N VAL D 194 9.67 27.46 19.07
CA VAL D 194 8.74 27.32 20.18
C VAL D 194 7.95 26.04 19.90
N LYS D 195 7.97 25.10 20.87
CA LYS D 195 7.30 23.81 20.84
C LYS D 195 5.82 23.94 21.17
N ASP D 196 5.07 24.63 20.32
CA ASP D 196 3.69 25.03 20.58
C ASP D 196 3.15 25.51 19.24
N LEU D 197 1.99 25.03 18.83
CA LEU D 197 1.60 25.13 17.45
C LEU D 197 1.14 26.55 17.09
N LYS D 198 0.81 27.37 18.11
CA LYS D 198 0.36 28.71 17.84
C LYS D 198 1.55 29.55 17.37
N ARG D 199 2.74 29.16 17.84
CA ARG D 199 4.01 29.86 17.75
C ARG D 199 5.00 29.04 16.90
N ALA D 200 4.74 27.74 16.75
CA ALA D 200 5.59 26.86 15.95
C ALA D 200 6.23 27.64 14.82
N TRP D 201 5.40 28.35 14.06
CA TRP D 201 5.96 28.95 12.88
C TRP D 201 6.30 30.41 13.12
N LEU D 202 5.47 31.12 13.90
CA LEU D 202 5.74 32.54 13.95
C LEU D 202 7.11 32.79 14.59
N ASP D 203 7.42 32.10 15.69
CA ASP D 203 8.67 32.45 16.35
C ASP D 203 9.83 31.65 15.79
N GLY D 204 9.64 31.18 14.53
CA GLY D 204 10.54 30.47 13.63
C GLY D 204 11.07 29.11 14.10
N GLY D 205 12.31 28.83 13.68
CA GLY D 205 12.92 27.51 13.82
C GLY D 205 13.78 27.11 12.60
N THR D 206 13.99 25.81 12.43
CA THR D 206 15.06 25.34 11.58
C THR D 206 14.52 24.17 10.79
N MET D 207 14.52 24.29 9.47
CA MET D 207 14.02 23.36 8.46
C MET D 207 15.17 22.49 7.93
N THR D 208 14.99 21.16 7.94
CA THR D 208 16.06 20.26 7.59
C THR D 208 15.75 19.92 6.14
N ILE D 209 16.79 19.94 5.33
CA ILE D 209 16.63 19.54 3.95
C ILE D 209 17.42 18.25 3.77
N LYS D 210 16.75 17.16 3.37
CA LYS D 210 17.44 15.87 3.30
C LYS D 210 17.00 15.01 2.10
N ARG D 211 17.97 14.26 1.56
CA ARG D 211 17.74 13.46 0.34
C ARG D 211 17.07 12.22 0.90
N LEU D 212 16.21 11.71 0.11
CA LEU D 212 15.35 10.73 0.71
C LEU D 212 15.68 9.56 -0.17
N LYS D 213 16.10 8.46 0.49
CA LYS D 213 16.61 7.31 -0.24
C LYS D 213 15.65 6.12 -0.12
N PRO D 214 15.61 5.24 -1.14
CA PRO D 214 14.72 4.08 -1.11
C PRO D 214 14.97 2.98 -0.08
N THR D 215 13.99 2.07 0.07
CA THR D 215 14.20 1.17 1.18
C THR D 215 13.88 -0.26 0.72
N LEU D 216 13.23 -0.43 -0.44
CA LEU D 216 12.71 -1.72 -0.80
C LEU D 216 13.45 -2.19 -2.03
N PRO D 217 13.48 -3.52 -2.28
CA PRO D 217 13.98 -4.08 -3.53
C PRO D 217 13.64 -3.38 -4.83
N GLY D 218 14.71 -3.24 -5.65
CA GLY D 218 14.62 -2.60 -6.92
C GLY D 218 14.86 -1.11 -6.79
N GLY D 219 15.06 -0.62 -5.58
CA GLY D 219 15.23 0.84 -5.49
C GLY D 219 13.84 1.50 -5.29
N ARG D 220 12.87 0.82 -4.68
CA ARG D 220 11.48 1.32 -4.51
C ARG D 220 11.27 1.99 -3.13
N TYR D 221 10.42 3.01 -3.14
CA TYR D 221 9.99 3.66 -1.91
C TYR D 221 8.82 2.89 -1.29
N ASP D 222 8.68 3.08 0.03
CA ASP D 222 7.61 2.44 0.76
C ASP D 222 6.74 3.55 1.34
N LEU D 223 6.42 4.48 0.43
CA LEU D 223 5.82 5.71 0.90
C LEU D 223 4.53 5.82 0.15
N GLN D 224 3.87 4.68 -0.15
CA GLN D 224 2.69 4.90 -1.02
C GLN D 224 1.54 5.25 -0.10
N GLY D 225 0.48 5.81 -0.68
CA GLY D 225 -0.72 6.03 0.10
C GLY D 225 -0.48 6.98 1.24
N SER D 226 -0.97 6.63 2.42
CA SER D 226 -0.73 7.40 3.65
C SER D 226 0.68 7.33 4.25
N LYS D 227 1.53 6.48 3.72
CA LYS D 227 2.89 6.22 4.27
C LYS D 227 3.71 7.50 4.20
N GLY D 228 4.03 8.02 5.38
CA GLY D 228 4.89 9.19 5.54
C GLY D 228 4.15 10.52 5.77
N ASN D 229 2.80 10.55 5.75
CA ASN D 229 1.95 11.61 6.33
C ASN D 229 2.25 12.14 7.74
N LYS D 230 2.50 13.44 7.83
CA LYS D 230 2.66 14.10 9.11
C LYS D 230 1.32 14.71 9.57
N ILE D 231 0.47 15.16 8.60
CA ILE D 231 -0.90 15.69 8.78
C ILE D 231 -1.81 14.99 7.77
N ASP D 232 -3.12 14.98 8.07
CA ASP D 232 -4.00 14.11 7.32
C ASP D 232 -4.88 14.87 6.36
N TRP D 233 -4.57 16.13 5.98
CA TRP D 233 -5.05 16.61 4.71
C TRP D 233 -4.12 17.75 4.29
N GLU D 234 -4.10 18.09 3.02
CA GLU D 234 -3.38 19.27 2.55
C GLU D 234 -3.96 20.56 3.11
N LEU D 235 -3.14 21.39 3.77
CA LEU D 235 -3.68 22.60 4.39
C LEU D 235 -4.41 23.45 3.36
N VAL D 236 -5.62 23.90 3.78
CA VAL D 236 -6.61 24.50 2.94
C VAL D 236 -6.09 25.94 2.85
N PRO D 237 -6.64 26.85 2.01
CA PRO D 237 -6.13 28.24 1.97
C PRO D 237 -6.17 28.81 3.38
N GLY D 238 -5.06 29.43 3.84
CA GLY D 238 -4.87 30.04 5.15
C GLY D 238 -5.03 29.02 6.27
N GLY D 239 -4.81 27.77 5.86
CA GLY D 239 -4.89 26.58 6.71
C GLY D 239 -3.79 26.69 7.72
N GLU D 240 -3.02 27.78 7.52
CA GLU D 240 -1.94 28.24 8.36
C GLU D 240 -2.55 28.34 9.74
N LEU D 241 -3.79 28.81 9.78
CA LEU D 241 -4.30 29.20 11.09
C LEU D 241 -4.82 27.98 11.83
N ALA D 242 -5.16 26.93 11.07
CA ALA D 242 -5.81 25.72 11.55
C ALA D 242 -4.81 24.79 12.22
N ILE D 243 -3.60 24.69 11.65
CA ILE D 243 -2.60 23.83 12.26
C ILE D 243 -2.10 24.44 13.56
N GLU D 244 -1.77 25.73 13.52
CA GLU D 244 -1.41 26.46 14.72
C GLU D 244 -2.48 26.35 15.78
N ASP D 245 -3.75 26.21 15.34
CA ASP D 245 -4.85 26.25 16.31
C ASP D 245 -5.15 24.84 16.79
N GLY D 246 -4.37 23.87 16.31
CA GLY D 246 -4.48 22.52 16.85
C GLY D 246 -5.64 21.78 16.20
N LYS D 247 -6.00 22.21 14.99
CA LYS D 247 -7.20 21.70 14.36
C LYS D 247 -6.88 20.97 13.05
N VAL D 248 -5.59 20.58 12.86
CA VAL D 248 -5.19 19.76 11.72
C VAL D 248 -4.47 18.54 12.25
N SER D 249 -5.18 17.41 12.11
CA SER D 249 -4.72 16.27 12.85
C SER D 249 -3.59 15.56 12.11
N GLY D 250 -3.12 14.57 12.82
CA GLY D 250 -1.94 13.86 12.36
C GLY D 250 -0.88 13.68 13.42
N ASP D 251 0.10 12.90 13.00
CA ASP D 251 1.20 12.39 13.79
C ASP D 251 2.16 13.47 14.24
N ARG D 252 2.26 14.55 13.43
CA ARG D 252 3.55 15.22 13.41
C ARG D 252 3.42 16.65 12.86
N PRO D 253 2.26 17.34 13.02
CA PRO D 253 2.13 18.76 12.74
C PRO D 253 3.25 19.75 13.15
N LEU D 254 3.87 19.59 14.33
CA LEU D 254 4.92 20.54 14.70
C LEU D 254 6.13 20.29 13.79
N HIS D 255 6.00 19.38 12.83
CA HIS D 255 7.12 19.01 12.00
C HIS D 255 6.83 19.49 10.59
N SER D 256 5.65 20.12 10.38
CA SER D 256 5.24 20.28 9.01
C SER D 256 5.80 21.58 8.45
N VAL D 257 5.97 21.61 7.13
CA VAL D 257 6.42 22.83 6.44
C VAL D 257 5.50 23.05 5.24
N ALA D 258 4.65 22.07 4.90
CA ALA D 258 3.79 22.06 3.73
C ALA D 258 4.51 22.40 2.42
N ASN D 259 5.51 21.59 2.08
CA ASN D 259 5.90 21.60 0.68
C ASN D 259 4.63 21.60 -0.19
N ASP D 260 4.75 22.15 -1.42
CA ASP D 260 3.63 22.29 -2.32
C ASP D 260 3.99 22.00 -3.80
N ALA D 261 5.02 22.66 -4.32
CA ALA D 261 5.51 22.45 -5.68
C ALA D 261 6.99 22.11 -5.68
N LEU D 262 7.39 21.38 -6.73
CA LEU D 262 8.72 21.58 -7.22
C LEU D 262 8.60 22.09 -8.65
N VAL D 263 8.91 23.42 -8.78
CA VAL D 263 9.08 24.13 -10.02
C VAL D 263 10.50 24.18 -10.53
N PHE D 264 10.56 24.43 -11.85
CA PHE D 264 11.67 24.35 -12.78
C PHE D 264 12.05 25.73 -13.34
N ASP D 265 13.38 26.01 -13.29
CA ASP D 265 13.97 27.05 -14.13
C ASP D 265 13.89 26.61 -15.60
N PRO D 266 13.18 27.30 -16.54
CA PRO D 266 13.27 26.95 -17.97
C PRO D 266 14.67 26.85 -18.65
N ARG D 267 15.70 27.53 -18.08
CA ARG D 267 17.10 27.47 -18.53
C ARG D 267 17.79 26.19 -18.06
N GLY D 268 17.04 25.42 -17.27
CA GLY D 268 17.57 24.16 -16.77
C GLY D 268 18.36 24.30 -15.49
N LYS D 269 18.83 23.12 -15.04
CA LYS D 269 19.88 22.81 -14.10
C LYS D 269 19.32 22.90 -12.70
N TRP D 270 18.35 23.82 -12.61
CA TRP D 270 17.69 24.26 -11.39
C TRP D 270 16.22 23.83 -11.41
N ALA D 271 15.72 23.55 -10.18
CA ALA D 271 14.35 23.24 -9.73
C ALA D 271 14.18 23.88 -8.35
N VAL D 272 13.01 24.39 -8.01
CA VAL D 272 12.78 25.05 -6.71
C VAL D 272 11.58 24.46 -5.98
N ALA D 273 11.68 24.27 -4.66
CA ALA D 273 10.62 23.68 -3.86
C ALA D 273 9.95 24.74 -2.99
N SER D 274 8.62 24.84 -3.09
CA SER D 274 7.90 25.83 -2.26
C SER D 274 7.56 25.29 -0.87
N MET D 275 7.97 26.01 0.17
CA MET D 275 7.67 25.65 1.55
C MET D 275 6.66 26.66 2.18
N ARG D 276 5.41 26.23 2.34
CA ARG D 276 4.32 27.15 2.58
C ARG D 276 4.46 27.70 4.01
N LEU D 277 4.55 26.82 5.00
CA LEU D 277 4.63 27.29 6.37
C LEU D 277 5.87 28.12 6.78
N PRO D 278 7.14 27.81 6.39
CA PRO D 278 8.24 28.53 7.00
C PRO D 278 8.39 29.83 6.18
N GLY D 279 7.60 29.95 5.10
CA GLY D 279 7.69 31.03 4.10
C GLY D 279 8.98 31.01 3.24
N VAL D 280 9.39 29.86 2.73
CA VAL D 280 10.64 29.86 1.98
C VAL D 280 10.52 29.07 0.70
N CYS D 281 11.39 29.38 -0.27
CA CYS D 281 11.66 28.44 -1.35
C CYS D 281 13.09 27.93 -1.23
N VAL D 282 13.34 26.71 -1.75
CA VAL D 282 14.66 26.06 -1.75
C VAL D 282 15.09 25.68 -3.17
N VAL D 283 16.26 26.20 -3.55
CA VAL D 283 16.72 25.95 -4.89
C VAL D 283 17.59 24.72 -4.77
N PHE D 284 17.39 23.86 -5.80
CA PHE D 284 18.06 22.59 -6.05
C PHE D 284 18.84 22.58 -7.36
N ASP D 285 20.12 22.17 -7.22
CA ASP D 285 20.82 21.63 -8.35
C ASP D 285 20.18 20.30 -8.72
N ARG D 286 19.73 20.12 -9.94
CA ARG D 286 18.97 18.86 -10.07
C ARG D 286 19.88 17.63 -10.21
N GLU D 287 20.83 17.77 -11.15
CA GLU D 287 21.80 16.74 -11.50
C GLU D 287 22.76 16.49 -10.32
N ASN D 288 23.30 17.51 -9.65
CA ASN D 288 24.15 17.22 -8.49
C ASN D 288 23.39 17.03 -7.18
N GLN D 289 22.06 17.02 -7.17
CA GLN D 289 21.33 16.60 -5.98
C GLN D 289 21.80 17.25 -4.69
N VAL D 290 21.91 18.58 -4.70
CA VAL D 290 22.15 19.26 -3.43
C VAL D 290 21.26 20.50 -3.41
N PRO D 291 20.85 21.07 -2.25
CA PRO D 291 20.13 22.35 -2.24
C PRO D 291 21.21 23.42 -2.30
N VAL D 292 20.87 24.64 -2.73
CA VAL D 292 21.96 25.58 -3.01
C VAL D 292 21.65 26.97 -2.47
N ALA D 293 20.38 27.37 -2.50
CA ALA D 293 19.95 28.61 -1.85
C ALA D 293 18.53 28.43 -1.32
N VAL D 294 18.27 29.01 -0.12
CA VAL D 294 16.98 29.38 0.53
C VAL D 294 16.66 30.87 0.31
N LEU D 295 15.43 31.12 -0.19
CA LEU D 295 14.82 32.41 -0.51
C LEU D 295 13.71 32.75 0.50
N ALA D 296 13.88 33.86 1.22
CA ALA D 296 12.92 34.39 2.17
C ALA D 296 11.78 35.12 1.40
N GLY D 297 10.54 34.56 1.51
CA GLY D 297 9.33 35.15 0.95
C GLY D 297 9.01 36.56 1.45
N PRO D 298 8.69 36.64 2.75
CA PRO D 298 8.27 37.82 3.50
C PRO D 298 8.97 39.17 3.32
N LYS D 299 8.17 40.15 2.82
CA LYS D 299 8.56 41.55 2.68
C LYS D 299 8.96 42.08 4.04
N GLY D 300 10.15 42.69 4.08
CA GLY D 300 10.91 42.82 5.31
C GLY D 300 11.94 41.70 5.56
N THR D 301 11.90 40.58 4.83
CA THR D 301 12.97 39.63 5.08
C THR D 301 14.14 39.89 4.12
N PRO D 302 15.41 39.41 4.40
CA PRO D 302 16.51 39.48 3.43
C PRO D 302 16.22 38.61 2.23
N SER D 303 17.04 38.74 1.17
CA SER D 303 16.98 37.97 -0.10
C SER D 303 16.87 36.44 0.15
N GLN D 304 17.91 35.91 0.80
CA GLN D 304 18.07 34.49 1.11
C GLN D 304 18.33 34.30 2.60
N PHE D 305 17.99 33.13 3.16
CA PHE D 305 18.74 32.63 4.31
C PHE D 305 19.85 31.65 3.86
N GLN D 306 20.75 31.50 4.83
CA GLN D 306 22.04 30.81 4.88
C GLN D 306 21.83 29.28 4.97
N LEU D 307 22.01 28.56 3.84
CA LEU D 307 22.01 27.09 3.74
C LEU D 307 23.24 26.54 4.45
N VAL D 308 23.03 25.59 5.40
CA VAL D 308 24.11 24.96 6.14
C VAL D 308 24.17 23.48 5.75
N LYS D 309 25.39 22.94 5.48
CA LYS D 309 25.51 21.51 5.18
C LYS D 309 25.47 20.83 6.53
N VAL D 310 24.95 19.61 6.66
CA VAL D 310 25.32 18.95 7.91
C VAL D 310 26.09 17.66 7.59
N ASP D 311 25.70 16.95 6.53
CA ASP D 311 26.40 15.79 6.07
C ASP D 311 26.15 15.69 4.59
N ASP D 312 26.79 14.75 3.93
CA ASP D 312 26.71 14.78 2.48
C ASP D 312 25.26 14.66 2.03
N ASP D 313 24.34 14.38 2.97
CA ASP D 313 22.90 14.33 2.61
C ASP D 313 21.99 15.26 3.43
N THR D 314 22.50 16.05 4.36
CA THR D 314 21.63 16.84 5.24
C THR D 314 22.13 18.28 5.30
N TRP D 315 21.22 19.21 4.98
CA TRP D 315 21.38 20.65 5.20
C TRP D 315 20.30 21.14 6.17
N THR D 316 20.61 22.20 6.92
CA THR D 316 19.61 22.89 7.73
C THR D 316 19.60 24.33 7.25
N VAL D 317 18.54 25.04 7.61
CA VAL D 317 18.48 26.48 7.36
C VAL D 317 17.68 27.10 8.49
N ASP D 318 18.22 28.19 9.05
CA ASP D 318 17.64 28.89 10.19
C ASP D 318 16.63 29.96 9.76
N ILE D 319 15.41 29.82 10.23
CA ILE D 319 14.42 30.88 9.97
C ILE D 319 14.11 31.57 11.30
N PRO D 320 14.73 32.74 11.57
CA PRO D 320 14.57 33.37 12.88
C PRO D 320 13.13 33.67 13.30
N GLU D 321 12.27 34.13 12.35
CA GLU D 321 10.79 34.15 12.41
C GLU D 321 10.18 33.96 11.01
N VAL D 322 8.88 33.59 10.94
CA VAL D 322 8.02 33.41 9.77
C VAL D 322 6.89 34.45 9.85
N ILE D 323 7.12 35.60 9.22
CA ILE D 323 6.19 36.72 9.20
C ILE D 323 4.92 36.41 8.40
N SER D 324 5.11 35.64 7.33
CA SER D 324 4.00 35.21 6.51
C SER D 324 4.26 33.83 5.94
N ALA D 325 3.15 33.11 5.78
CA ALA D 325 3.23 31.92 4.97
C ALA D 325 3.33 32.43 3.54
N GLY D 326 3.65 31.50 2.64
CA GLY D 326 3.69 31.73 1.22
C GLY D 326 3.14 30.51 0.50
N HIS D 327 2.91 30.64 -0.83
CA HIS D 327 2.29 29.67 -1.76
C HIS D 327 2.93 29.69 -3.16
N GLN D 328 2.27 30.33 -4.14
CA GLN D 328 2.82 30.39 -5.48
C GLN D 328 4.31 30.75 -5.45
N ALA D 329 5.06 30.18 -6.45
CA ALA D 329 6.48 30.27 -6.72
C ALA D 329 6.72 29.79 -8.16
N GLY D 330 7.08 30.65 -9.11
CA GLY D 330 7.37 30.16 -10.46
C GLY D 330 8.43 30.99 -11.19
N PHE D 331 8.81 30.58 -12.42
CA PHE D 331 9.82 31.48 -12.99
C PHE D 331 9.19 32.13 -14.16
N SER D 332 9.61 33.37 -14.56
CA SER D 332 9.10 33.92 -15.79
C SER D 332 9.69 33.06 -16.94
N PRO D 333 9.13 33.02 -18.15
CA PRO D 333 9.61 32.15 -19.25
C PRO D 333 11.05 32.31 -19.70
N ASP D 334 11.59 33.52 -19.58
CA ASP D 334 12.98 33.75 -19.91
C ASP D 334 13.84 33.40 -18.70
N GLY D 335 13.22 32.95 -17.59
CA GLY D 335 14.08 32.56 -16.48
C GLY D 335 14.62 33.75 -15.72
N GLN D 336 14.38 34.96 -16.28
CA GLN D 336 15.00 36.19 -15.81
C GLN D 336 14.55 36.62 -14.41
N SER D 337 13.31 36.26 -14.02
CA SER D 337 12.70 36.64 -12.74
C SER D 337 12.23 35.43 -11.93
N PHE D 338 12.04 35.58 -10.63
CA PHE D 338 11.52 34.43 -9.91
C PHE D 338 10.58 34.94 -8.81
N LEU D 339 9.31 34.48 -8.90
CA LEU D 339 8.16 34.88 -8.08
C LEU D 339 7.77 33.84 -7.05
N PHE D 340 7.65 34.35 -5.82
CA PHE D 340 7.17 33.71 -4.60
C PHE D 340 6.11 34.61 -3.99
N MET D 341 4.85 34.17 -4.05
CA MET D 341 3.70 34.91 -3.49
C MET D 341 3.58 34.70 -1.98
N ASN D 342 3.65 35.77 -1.16
CA ASN D 342 3.28 35.66 0.27
C ASN D 342 1.75 35.67 0.40
N SER D 343 1.21 34.81 1.29
CA SER D 343 -0.26 34.71 1.33
C SER D 343 -0.80 34.89 2.75
N LEU D 344 -1.92 35.63 2.82
CA LEU D 344 -2.71 35.72 4.05
C LEU D 344 -2.11 36.65 5.11
N ARG D 345 -0.97 36.33 5.75
CA ARG D 345 -0.37 37.23 6.70
C ARG D 345 0.07 38.47 5.94
N GLN D 346 0.60 38.32 4.71
CA GLN D 346 0.83 39.39 3.75
C GLN D 346 0.36 38.73 2.47
N ASN D 347 -0.04 39.53 1.48
CA ASN D 347 -0.65 39.07 0.24
C ASN D 347 -0.03 39.86 -0.90
N ASN D 348 1.17 39.44 -1.36
CA ASN D 348 1.86 40.20 -2.38
C ASN D 348 2.70 39.27 -3.25
N ILE D 349 3.39 39.84 -4.25
CA ILE D 349 4.25 39.09 -5.16
C ILE D 349 5.70 39.48 -4.96
N MET D 350 6.45 38.67 -4.23
CA MET D 350 7.87 38.95 -3.97
C MET D 350 8.63 38.57 -5.24
N VAL D 351 9.62 39.38 -5.66
CA VAL D 351 10.25 39.15 -6.97
C VAL D 351 11.79 39.09 -6.85
N TRP D 352 12.40 38.03 -7.42
CA TRP D 352 13.86 38.02 -7.47
C TRP D 352 14.38 38.21 -8.88
N ASP D 353 15.49 38.92 -8.93
CA ASP D 353 16.40 38.85 -10.06
C ASP D 353 17.08 37.50 -10.06
N SER D 354 16.74 36.67 -11.05
CA SER D 354 17.34 35.33 -11.12
C SER D 354 18.16 35.21 -12.41
N SER D 355 18.67 36.34 -12.91
CA SER D 355 19.25 36.34 -14.24
C SER D 355 20.64 35.69 -14.21
N ASN D 356 21.31 35.61 -13.04
CA ASN D 356 22.57 34.86 -12.90
C ASN D 356 22.29 33.35 -12.96
N HIS D 357 22.38 32.76 -14.14
CA HIS D 357 21.95 31.37 -14.29
C HIS D 357 22.93 30.45 -13.57
N ASP D 358 24.04 31.05 -13.11
CA ASP D 358 25.20 30.28 -12.74
C ASP D 358 25.19 30.03 -11.25
N ASP D 359 24.45 30.86 -10.48
CA ASP D 359 24.68 30.84 -9.03
C ASP D 359 23.50 31.45 -8.29
N PRO D 360 22.46 30.66 -8.01
CA PRO D 360 21.33 31.15 -7.20
C PRO D 360 21.60 31.83 -5.87
N THR D 361 22.82 31.71 -5.30
CA THR D 361 23.16 32.34 -4.03
C THR D 361 23.28 33.83 -4.26
N THR D 362 23.30 34.23 -5.53
CA THR D 362 23.42 35.65 -5.85
C THR D 362 22.11 36.25 -6.38
N TRP D 363 21.06 35.45 -6.38
CA TRP D 363 19.71 35.91 -6.73
C TRP D 363 19.16 36.85 -5.65
N GLU D 364 18.76 38.11 -5.99
CA GLU D 364 18.35 39.08 -4.98
C GLU D 364 16.98 39.75 -5.31
N LYS D 365 16.14 39.97 -4.27
CA LYS D 365 14.83 40.62 -4.40
C LYS D 365 14.91 41.99 -5.11
N LYS D 366 13.92 42.30 -5.93
CA LYS D 366 14.05 43.42 -6.87
C LYS D 366 12.74 44.18 -6.98
N ALA D 367 11.60 43.50 -6.69
CA ALA D 367 10.27 44.11 -6.73
C ALA D 367 9.48 43.25 -5.77
N VAL D 368 8.51 43.93 -5.13
CA VAL D 368 7.27 43.40 -4.57
C VAL D 368 6.16 44.05 -5.39
N VAL D 369 5.16 43.26 -5.80
CA VAL D 369 3.92 43.83 -6.33
C VAL D 369 2.91 43.86 -5.19
N GLU D 370 2.46 45.07 -4.84
CA GLU D 370 1.54 45.31 -3.75
C GLU D 370 0.24 46.00 -4.26
N SER D 371 -0.85 45.89 -3.49
CA SER D 371 -2.14 46.54 -3.80
C SER D 371 -2.92 46.96 -2.53
N PRO D 372 -3.72 48.10 -2.52
CA PRO D 372 -4.41 48.56 -1.27
C PRO D 372 -5.62 47.67 -1.08
N ASP D 373 -5.87 46.99 -2.20
CA ASP D 373 -6.76 45.90 -2.51
C ASP D 373 -6.42 44.65 -1.68
N TRP D 374 -5.14 44.46 -1.36
CA TRP D 374 -4.65 43.16 -0.93
C TRP D 374 -4.31 43.14 0.54
N ARG D 375 -4.77 44.17 1.29
CA ARG D 375 -4.40 44.29 2.68
C ARG D 375 -5.20 43.36 3.59
N GLY D 376 -6.36 42.85 3.16
CA GLY D 376 -7.09 41.91 4.00
C GLY D 376 -6.44 40.53 4.03
N ALA D 377 -6.98 39.57 4.80
CA ALA D 377 -6.31 38.28 4.74
C ALA D 377 -6.54 37.67 3.36
N TYR D 378 -7.71 37.95 2.74
CA TYR D 378 -7.91 37.59 1.34
C TYR D 378 -8.05 38.90 0.57
N PRO D 379 -7.91 38.92 -0.77
CA PRO D 379 -7.82 37.73 -1.61
C PRO D 379 -6.43 37.08 -1.47
N ASN D 380 -6.39 35.78 -1.78
CA ASN D 380 -5.14 35.02 -1.90
C ASN D 380 -4.86 34.64 -3.37
N THR D 381 -3.58 34.75 -3.74
CA THR D 381 -3.09 34.60 -5.11
C THR D 381 -2.16 33.41 -5.13
N PHE D 382 -2.74 32.32 -5.66
CA PHE D 382 -2.10 31.01 -5.57
C PHE D 382 -1.61 30.47 -6.93
N HIS D 383 -1.90 31.14 -8.09
CA HIS D 383 -1.67 30.63 -9.47
C HIS D 383 -1.19 31.71 -10.44
N MET D 384 -0.29 31.42 -11.41
CA MET D 384 0.02 32.48 -12.36
C MET D 384 0.21 31.89 -13.75
N VAL D 385 0.26 32.70 -14.84
CA VAL D 385 0.70 32.26 -16.19
C VAL D 385 1.33 33.49 -16.88
N PHE D 386 2.65 33.52 -17.17
CA PHE D 386 3.17 34.62 -18.00
C PHE D 386 2.73 34.51 -19.47
N THR D 387 2.69 35.67 -20.20
CA THR D 387 2.70 35.75 -21.66
C THR D 387 3.99 35.17 -22.22
N PRO D 388 4.03 34.68 -23.48
CA PRO D 388 5.28 34.31 -24.14
C PRO D 388 6.41 35.30 -23.81
N ASP D 389 6.16 36.61 -23.98
CA ASP D 389 7.22 37.63 -23.92
C ASP D 389 7.76 37.99 -22.53
N ALA D 390 7.35 37.28 -21.49
CA ALA D 390 7.58 37.78 -20.14
C ALA D 390 6.99 39.16 -19.83
N LYS D 391 6.11 39.74 -20.68
CA LYS D 391 5.71 41.11 -20.42
C LYS D 391 4.62 41.21 -19.33
N LYS D 392 3.72 40.21 -19.32
CA LYS D 392 2.53 40.23 -18.48
C LYS D 392 2.31 38.88 -17.81
N ILE D 393 1.72 38.95 -16.62
CA ILE D 393 1.29 37.83 -15.79
C ILE D 393 -0.14 38.05 -15.36
N TYR D 394 -0.90 36.94 -15.43
CA TYR D 394 -2.27 36.80 -15.05
C TYR D 394 -2.16 35.85 -13.86
N VAL D 395 -2.58 36.38 -12.70
CA VAL D 395 -2.52 35.75 -11.38
C VAL D 395 -3.92 35.71 -10.77
N THR D 396 -4.15 34.76 -9.85
CA THR D 396 -5.53 34.48 -9.56
C THR D 396 -5.83 35.21 -8.26
N MET D 397 -7.09 35.35 -7.96
CA MET D 397 -7.49 35.98 -6.71
C MET D 397 -8.58 35.14 -6.04
N TRP D 398 -8.16 34.41 -4.98
CA TRP D 398 -9.03 33.55 -4.21
C TRP D 398 -9.51 34.19 -2.89
N TRP D 399 -10.80 33.99 -2.65
CA TRP D 399 -11.63 34.30 -1.49
C TRP D 399 -12.47 33.07 -1.17
N PRO D 400 -12.83 32.86 0.12
CA PRO D 400 -13.95 32.01 0.49
C PRO D 400 -15.28 32.63 0.03
N SER D 401 -16.29 31.78 -0.08
CA SER D 401 -17.66 32.18 -0.41
C SER D 401 -18.08 33.37 0.46
N PRO D 402 -18.80 34.42 -0.02
CA PRO D 402 -19.17 34.68 -1.41
C PRO D 402 -18.41 35.84 -2.02
N THR D 403 -17.23 36.23 -1.55
CA THR D 403 -16.64 37.33 -2.31
C THR D 403 -16.51 36.75 -3.72
N PRO D 404 -16.74 37.53 -4.78
CA PRO D 404 -16.41 37.10 -6.13
C PRO D 404 -14.90 36.96 -6.22
N ASN D 405 -14.48 36.01 -7.08
CA ASN D 405 -13.06 35.63 -7.25
C ASN D 405 -12.76 36.07 -8.69
N GLY D 406 -11.47 36.09 -9.12
CA GLY D 406 -11.23 36.26 -10.54
C GLY D 406 -9.75 36.54 -10.81
N ILE D 407 -9.45 37.57 -11.61
CA ILE D 407 -8.08 37.57 -12.08
C ILE D 407 -7.47 38.96 -11.95
N ALA D 408 -6.18 39.01 -11.60
CA ALA D 408 -5.50 40.31 -11.74
C ALA D 408 -4.39 40.24 -12.79
N VAL D 409 -4.13 41.37 -13.49
CA VAL D 409 -3.31 41.41 -14.69
C VAL D 409 -2.16 42.28 -14.28
N ILE D 410 -0.92 41.76 -14.45
CA ILE D 410 0.28 42.30 -13.81
C ILE D 410 1.31 42.73 -14.86
N ASP D 411 1.88 43.91 -14.59
CA ASP D 411 2.81 44.46 -15.51
C ASP D 411 4.13 43.93 -15.00
N ALA D 412 4.65 42.93 -15.75
CA ALA D 412 5.87 42.21 -15.40
C ALA D 412 7.11 43.04 -15.67
N VAL D 413 6.99 44.25 -16.23
CA VAL D 413 8.15 45.10 -16.47
C VAL D 413 8.34 46.06 -15.30
N ASN D 414 7.22 46.58 -14.83
CA ASN D 414 7.20 47.67 -13.90
C ASN D 414 6.79 47.09 -12.55
N TRP D 415 6.39 45.80 -12.49
CA TRP D 415 5.96 45.20 -11.22
C TRP D 415 4.76 45.93 -10.61
N GLU D 416 3.63 45.91 -11.30
CA GLU D 416 2.47 46.68 -10.86
C GLU D 416 1.17 46.08 -11.39
N VAL D 417 0.10 46.14 -10.55
CA VAL D 417 -1.23 45.64 -10.90
C VAL D 417 -1.76 46.55 -11.98
N LEU D 418 -2.23 45.98 -13.08
CA LEU D 418 -2.76 46.73 -14.20
C LEU D 418 -4.26 46.72 -14.14
N LYS D 419 -4.85 45.56 -13.81
CA LYS D 419 -6.28 45.42 -14.01
C LYS D 419 -6.77 44.20 -13.23
N GLU D 420 -8.08 44.19 -12.96
CA GLU D 420 -8.68 43.21 -12.08
C GLU D 420 -10.08 42.97 -12.60
N VAL D 421 -10.41 41.70 -12.86
CA VAL D 421 -11.76 41.33 -13.26
C VAL D 421 -12.34 40.42 -12.17
N ASP D 422 -13.65 40.51 -12.03
CA ASP D 422 -14.32 39.56 -11.17
C ASP D 422 -14.99 38.53 -12.06
N LEU D 423 -15.06 37.29 -11.56
CA LEU D 423 -15.66 36.29 -12.40
C LEU D 423 -16.69 35.48 -11.62
N GLY D 424 -16.31 34.94 -10.48
CA GLY D 424 -17.12 33.78 -10.15
C GLY D 424 -16.76 33.19 -8.80
N PRO D 425 -17.44 32.09 -8.36
CA PRO D 425 -17.07 31.46 -7.08
C PRO D 425 -15.76 30.66 -7.32
N ASP D 426 -14.88 30.55 -6.35
CA ASP D 426 -13.73 29.62 -6.29
C ASP D 426 -12.86 29.60 -7.57
N MET D 427 -11.91 30.54 -7.70
CA MET D 427 -11.09 30.62 -8.89
C MET D 427 -9.84 29.77 -8.59
N HIS D 428 -9.54 28.83 -9.50
CA HIS D 428 -8.33 28.00 -9.42
C HIS D 428 -7.30 28.42 -10.48
N THR D 429 -7.09 27.60 -11.51
CA THR D 429 -5.77 27.73 -12.16
C THR D 429 -5.94 28.42 -13.51
N LEU D 430 -4.80 28.78 -14.11
CA LEU D 430 -4.72 29.58 -15.32
C LEU D 430 -3.77 28.87 -16.28
N ALA D 431 -4.18 28.62 -17.51
CA ALA D 431 -3.26 28.34 -18.58
C ALA D 431 -3.23 29.51 -19.56
N ILE D 432 -2.49 29.35 -20.63
CA ILE D 432 -2.49 30.37 -21.70
C ILE D 432 -2.24 29.66 -23.04
N THR D 433 -3.01 30.02 -24.08
CA THR D 433 -2.70 29.55 -25.45
C THR D 433 -1.22 29.84 -25.77
N TYR D 434 -0.60 29.13 -26.74
CA TYR D 434 0.84 29.21 -26.82
C TYR D 434 1.31 30.38 -27.68
N ASP D 435 0.41 30.88 -28.54
CA ASP D 435 0.67 32.12 -29.25
C ASP D 435 0.54 33.28 -28.26
N GLY D 436 0.01 32.99 -27.07
CA GLY D 436 -0.31 33.97 -26.03
C GLY D 436 -1.66 34.69 -26.19
N LYS D 437 -2.54 34.34 -27.18
CA LYS D 437 -3.74 35.13 -27.50
C LYS D 437 -4.74 35.15 -26.33
N PHE D 438 -4.95 34.02 -25.60
CA PHE D 438 -6.00 33.94 -24.58
C PHE D 438 -5.63 33.18 -23.31
N VAL D 439 -6.06 33.72 -22.17
CA VAL D 439 -6.00 33.05 -20.90
C VAL D 439 -7.22 32.17 -20.73
N VAL D 440 -6.98 31.01 -20.15
CA VAL D 440 -7.98 29.97 -20.07
C VAL D 440 -7.80 29.37 -18.68
N GLY D 441 -8.84 29.70 -17.88
CA GLY D 441 -8.99 29.52 -16.43
C GLY D 441 -10.03 28.45 -16.09
N THR D 442 -9.86 27.83 -14.91
CA THR D 442 -10.98 27.21 -14.23
C THR D 442 -11.30 27.74 -12.80
N LEU D 443 -12.63 27.67 -12.56
CA LEU D 443 -13.41 27.99 -11.38
C LEU D 443 -14.18 26.72 -10.97
N SER D 444 -14.44 26.57 -9.68
CA SER D 444 -14.41 25.22 -9.13
C SER D 444 -15.47 24.95 -8.08
N GLY D 445 -16.38 25.93 -7.88
CA GLY D 445 -17.51 25.76 -6.98
C GLY D 445 -17.26 25.46 -5.51
N TYR D 446 -16.01 25.48 -4.99
CA TYR D 446 -15.72 25.03 -3.64
C TYR D 446 -16.19 23.58 -3.51
N GLN D 447 -16.17 22.92 -4.68
CA GLN D 447 -16.57 21.53 -4.92
C GLN D 447 -18.09 21.36 -5.00
N ASN D 448 -18.89 22.39 -4.66
CA ASN D 448 -20.33 22.09 -4.60
C ASN D 448 -21.19 23.17 -5.26
N THR D 449 -20.58 24.31 -5.65
CA THR D 449 -21.37 25.33 -6.33
C THR D 449 -20.97 25.53 -7.80
N ALA D 450 -21.01 26.79 -8.32
CA ALA D 450 -20.89 26.93 -9.78
C ALA D 450 -19.45 26.73 -10.22
N SER D 451 -19.28 26.08 -11.39
CA SER D 451 -17.93 25.80 -11.83
C SER D 451 -17.92 26.05 -13.32
N ALA D 452 -16.79 26.53 -13.86
CA ALA D 452 -16.72 26.75 -15.30
C ALA D 452 -15.29 26.95 -15.77
N ILE D 453 -15.13 27.01 -17.10
CA ILE D 453 -13.91 27.37 -17.79
C ILE D 453 -14.06 28.82 -18.22
N VAL D 454 -13.04 29.64 -17.99
CA VAL D 454 -13.12 31.02 -18.43
C VAL D 454 -12.03 31.34 -19.46
N VAL D 455 -12.39 32.28 -20.34
CA VAL D 455 -11.55 32.74 -21.42
C VAL D 455 -11.56 34.27 -21.44
N MET D 456 -10.33 34.77 -21.43
CA MET D 456 -9.94 36.16 -21.51
C MET D 456 -8.83 36.32 -22.57
N GLU D 457 -9.05 37.26 -23.52
CA GLU D 457 -8.08 37.71 -24.53
C GLU D 457 -7.12 38.73 -23.88
N THR D 458 -5.82 38.58 -24.22
CA THR D 458 -4.70 39.16 -23.47
C THR D 458 -4.32 40.54 -24.04
N GLU D 459 -4.85 40.82 -25.24
CA GLU D 459 -4.64 42.05 -25.98
C GLU D 459 -5.40 43.19 -25.34
N THR D 460 -6.71 43.12 -25.36
CA THR D 460 -7.39 44.03 -24.42
C THR D 460 -7.73 43.49 -23.02
N ASP D 461 -7.53 42.20 -22.69
CA ASP D 461 -7.85 41.82 -21.30
C ASP D 461 -9.33 42.02 -20.89
N GLU D 462 -10.25 41.58 -21.75
CA GLU D 462 -11.67 41.51 -21.48
C GLU D 462 -12.03 40.04 -21.33
N VAL D 463 -13.00 39.75 -20.45
CA VAL D 463 -13.54 38.38 -20.29
C VAL D 463 -14.61 38.09 -21.33
N LEU D 464 -14.25 37.23 -22.28
CA LEU D 464 -15.06 36.81 -23.39
C LEU D 464 -16.22 35.93 -22.91
N GLY D 465 -16.05 35.18 -21.82
CA GLY D 465 -17.15 34.35 -21.33
C GLY D 465 -16.73 33.01 -20.71
N PHE D 466 -17.69 32.09 -20.58
CA PHE D 466 -17.49 30.83 -19.84
C PHE D 466 -17.91 29.63 -20.70
N LEU D 467 -17.28 28.45 -20.45
CA LEU D 467 -17.89 27.21 -20.90
C LEU D 467 -18.23 26.28 -19.75
N PRO D 468 -19.35 25.51 -19.86
CA PRO D 468 -19.68 24.45 -18.94
C PRO D 468 -18.46 23.60 -18.68
N SER D 469 -18.28 23.27 -17.40
CA SER D 469 -17.29 22.34 -16.91
C SER D 469 -17.67 21.85 -15.52
N PRO D 470 -18.35 20.67 -15.53
CA PRO D 470 -18.99 20.13 -14.34
C PRO D 470 -18.01 19.37 -13.45
N MET D 471 -17.04 20.14 -12.97
CA MET D 471 -15.83 19.67 -12.30
C MET D 471 -15.34 20.60 -11.19
N GLY D 472 -14.58 19.98 -10.28
CA GLY D 472 -13.95 20.67 -9.17
C GLY D 472 -12.49 21.07 -9.44
N HIS D 473 -12.09 21.26 -10.73
CA HIS D 473 -10.70 21.45 -11.13
C HIS D 473 -9.84 22.29 -10.18
N HIS D 474 -8.67 21.76 -9.76
CA HIS D 474 -7.60 22.50 -9.09
C HIS D 474 -6.34 22.59 -9.99
N ASP D 475 -6.48 22.17 -11.22
CA ASP D 475 -5.42 22.37 -12.17
C ASP D 475 -6.05 22.44 -13.53
N ASN D 476 -5.27 22.92 -14.52
CA ASN D 476 -5.54 22.82 -15.96
C ASN D 476 -4.30 23.29 -16.67
N VAL D 477 -4.21 22.83 -17.93
CA VAL D 477 -3.08 23.06 -18.82
C VAL D 477 -3.68 23.06 -20.20
N ILE D 478 -3.04 23.82 -21.08
CA ILE D 478 -3.06 23.53 -22.51
C ILE D 478 -1.97 22.55 -22.90
N VAL D 479 -2.34 21.53 -23.69
CA VAL D 479 -1.27 20.64 -24.09
C VAL D 479 -0.20 21.41 -24.87
N PRO D 480 1.07 21.41 -24.40
CA PRO D 480 2.23 21.88 -25.19
C PRO D 480 2.41 21.21 -26.56
N ARG D 481 2.90 21.98 -27.57
CA ARG D 481 3.48 21.39 -28.78
C ARG D 481 5.00 21.20 -28.59
N THR D 482 5.67 22.21 -28.00
CA THR D 482 7.12 22.24 -28.00
C THR D 482 7.66 22.50 -26.61
N LEU D 483 8.98 22.29 -26.46
CA LEU D 483 9.70 22.63 -25.25
C LEU D 483 9.59 24.13 -24.97
N GLU D 484 9.59 24.97 -26.00
CA GLU D 484 9.40 26.39 -25.70
C GLU D 484 8.01 26.66 -25.03
N ASP D 485 6.99 25.95 -25.46
CA ASP D 485 5.62 26.04 -24.89
C ASP D 485 5.61 25.80 -23.36
N LEU D 486 6.43 24.84 -22.87
CA LEU D 486 6.44 24.44 -21.47
C LEU D 486 6.75 25.61 -20.54
N ARG D 487 7.34 26.68 -21.09
CA ARG D 487 7.89 27.71 -20.25
C ARG D 487 6.78 28.56 -19.67
N ILE D 488 5.60 28.46 -20.31
CA ILE D 488 4.30 29.01 -19.95
C ILE D 488 3.25 27.91 -19.75
N SER D 489 3.71 26.75 -19.30
CA SER D 489 2.80 25.64 -19.06
C SER D 489 3.12 25.14 -17.66
N ARG D 490 2.59 23.99 -17.25
CA ARG D 490 2.81 23.65 -15.85
C ARG D 490 4.24 22.98 -15.76
N SER D 491 5.28 23.77 -15.63
CA SER D 491 6.69 23.41 -15.50
C SER D 491 7.37 24.52 -14.74
N THR D 492 7.22 25.77 -15.24
CA THR D 492 7.81 26.91 -14.51
C THR D 492 6.91 27.47 -13.41
N THR D 493 5.56 27.45 -13.58
CA THR D 493 4.71 27.95 -12.52
C THR D 493 3.64 26.94 -12.24
N THR D 494 2.82 27.24 -11.18
CA THR D 494 1.61 26.44 -10.99
C THR D 494 0.40 27.35 -10.71
CU CU E . -3.81 -21.59 13.21
CU CU F . 1.62 -16.71 15.12
S SO4 G . -0.92 -20.79 17.63
O1 SO4 G . -0.02 -21.74 18.22
O2 SO4 G . -0.27 -19.79 16.79
O3 SO4 G . -1.42 -20.09 18.81
O4 SO4 G . -1.98 -21.27 16.83
CU CU H . 39.07 -7.39 15.79
CU CU I . 32.07 -7.54 12.40
CU CU I . 32.89 -7.96 12.94
S SO4 J . 18.30 4.40 14.67
O1 SO4 J . 18.93 3.29 14.06
O2 SO4 J . 19.25 5.36 15.07
O3 SO4 J . 17.34 4.91 13.79
O4 SO4 J . 17.68 3.95 15.88
S SO4 K . 36.76 -10.59 11.90
O1 SO4 K . 37.09 -10.68 10.52
O2 SO4 K . 36.93 -11.82 12.58
O3 SO4 K . 37.48 -9.54 12.55
O4 SO4 K . 35.30 -10.27 11.83
CU CU L . -35.36 4.07 -23.73
CU CU M . -28.19 4.28 -20.70
CU CU M . -28.72 4.45 -21.18
S SO4 N . -33.11 -10.17 -38.98
O1 SO4 N . -32.31 -9.02 -39.36
O2 SO4 N . -32.97 -11.19 -40.01
O3 SO4 N . -34.51 -9.74 -38.86
O4 SO4 N . -32.71 -10.64 -37.76
S SO4 O . -23.71 0.47 -3.06
O1 SO4 O . -22.58 -0.33 -2.83
O2 SO4 O . -23.40 1.38 -4.11
O3 SO4 O . -24.04 1.19 -1.84
O4 SO4 O . -24.84 -0.33 -3.40
S SO4 P . -35.41 19.39 1.56
O1 SO4 P . -34.38 20.03 2.20
O2 SO4 P . -35.10 19.11 0.16
O3 SO4 P . -36.57 20.19 1.56
O4 SO4 P . -35.58 18.16 2.32
S SO4 Q . -30.20 4.61 -25.78
O1 SO4 Q . -29.25 4.45 -24.70
O2 SO4 Q . -29.87 3.68 -26.87
O3 SO4 Q . -30.10 6.01 -26.29
O4 SO4 Q . -31.58 4.34 -25.47
CU CU R . -0.10 25.29 -4.77
CU CU S . -6.42 21.23 -4.51
S SO4 T . -5.77 26.54 -4.30
O1 SO4 T . -4.32 26.30 -4.29
O2 SO4 T . -6.42 25.29 -4.62
O3 SO4 T . -6.02 27.52 -5.30
O4 SO4 T . -6.19 26.97 -2.99
#